data_8OFI
#
_entry.id   8OFI
#
_cell.length_a   1.00
_cell.length_b   1.00
_cell.length_c   1.00
_cell.angle_alpha   90.00
_cell.angle_beta   90.00
_cell.angle_gamma   90.00
#
_symmetry.space_group_name_H-M   'P 1'
#
loop_
_entity.id
_entity.type
_entity.pdbx_description
1 polymer 'Potassium/sodium hyperpolarization-activated cyclic nucleotide-gated channel 4'
2 non-polymer Ivabradine
#
_entity_poly.entity_id   1
_entity_poly.type   'polypeptide(L)'
_entity_poly.pdbx_seq_one_letter_code
;MDKLPPSMRKRLYSLPQQVGAKAWIMDEEEDAEEEGAGGRQDPRRRSIRLRPLPSPSPSPSAAAAAAGGAESRGAALGGA
ADGEGPARGAAKSSTNGDCRRFRGSLASLGSRGGGGGGGSTGGGSHGHLHDSAEERRLIAEGDASPGEDRTPPGLAAEPE
RPGAPAPPAASPPQVPSSCGEQRPADAAVKVEGGAAAGDQILPEAEARLGQAGFMQRQFGAMLQPGVNKFSLRMFGSQKA
VEREQERVKSAGFWIIHPYSDFRFYWDLTMLLLMVGNLIIIPVGITFFKDENTTPWIVFNVVSDTFFLIDLVLNFRTGIV
VEDNTDIILDPRRIKMKYLKSWFVVDFVSSIPVDYIFLIVETRIDSEVYKTARALRIVRFTKILSLLRLLRLSRLIRYIH
QWEEIFHMTYDLASAVVRIVNLIGMMLLLCHWDGCLQFLVPMLQDFPDDCWVSLNNMVNNSWGKQYSYALFKAMSHMLCI
GYGRQAPMGMSDVWLTMLSMIVGATCYAMFIGHATALIQSLDSSRRQYQEKYKQVEQYMSFHKLPPDTRQRIHDYYEHRY
QGKMFDEESILGELSEPLREEIINFNCRKLVASMPLFANADPNFVTSMLTKLRFEVFQPGDYIIREGTIGKKMYFIQHGV
VSVLTKGNKETKLADGSYFGEICLLTRGRRTASVRADTYCRLYSLSVDNFNEVLEEYPMMRRAFETVALDRLDRIGKKNS
IHKVQHDLSSGVSNYQENAIVQRIVQHDREMAHCARRAQATTPVAPAIWTPLIQAPLQAAAQDLKLISASQPALPQDGAQ
TLRRASPHSSSGESVAALPPAGGPFPRAPGRPPGAGPGQHVTLTLPRKASSGSLPPPLSLFGPRAAPRLTAAPQREPGAK
SEPVRSKLPSNL
;
_entity_poly.pdbx_strand_id   A,B,C,D
#
loop_
_chem_comp.id
_chem_comp.type
_chem_comp.name
_chem_comp.formula
VNZ non-polymer Ivabradine 'C27 H36 N2 O5'
#
# COMPACT_ATOMS: atom_id res chain seq x y z
N MET A 222 3.53 -44.71 17.89
CA MET A 222 3.24 -43.88 16.73
C MET A 222 4.21 -42.70 16.64
N LEU A 223 5.49 -43.00 16.41
CA LEU A 223 6.51 -41.98 16.24
C LEU A 223 6.83 -41.70 14.78
N GLN A 224 6.03 -42.22 13.85
CA GLN A 224 6.23 -42.02 12.43
C GLN A 224 5.09 -41.20 11.84
N PRO A 225 5.38 -40.33 10.87
CA PRO A 225 4.37 -39.39 10.38
C PRO A 225 3.30 -39.98 9.47
N GLY A 226 3.20 -41.30 9.34
CA GLY A 226 2.14 -41.87 8.55
C GLY A 226 0.80 -41.69 9.22
N VAL A 227 -0.03 -40.79 8.69
CA VAL A 227 -1.32 -40.44 9.29
C VAL A 227 -2.36 -40.39 8.19
N ASN A 228 -3.63 -40.53 8.58
CA ASN A 228 -4.76 -40.52 7.67
C ASN A 228 -5.48 -39.18 7.66
N LYS A 229 -4.73 -38.07 7.73
CA LYS A 229 -5.31 -36.73 7.75
C LYS A 229 -4.47 -35.85 6.84
N PHE A 230 -4.61 -34.53 6.99
CA PHE A 230 -4.02 -33.55 6.09
C PHE A 230 -2.53 -33.77 5.86
N SER A 231 -1.89 -34.55 6.72
CA SER A 231 -0.51 -34.97 6.45
C SER A 231 -0.41 -35.70 5.11
N LEU A 232 -1.48 -36.38 4.71
CA LEU A 232 -1.50 -37.01 3.39
C LEU A 232 -1.48 -35.97 2.28
N ARG A 233 -2.05 -34.79 2.53
CA ARG A 233 -2.05 -33.74 1.51
C ARG A 233 -0.63 -33.25 1.25
N MET A 234 0.23 -33.27 2.27
CA MET A 234 1.65 -33.03 2.04
C MET A 234 2.25 -34.11 1.14
N PHE A 235 2.03 -35.38 1.48
CA PHE A 235 2.67 -36.50 0.80
C PHE A 235 1.55 -37.45 0.37
N GLY A 236 1.17 -37.38 -0.90
CA GLY A 236 0.04 -38.14 -1.42
C GLY A 236 0.15 -39.64 -1.27
N SER A 237 1.09 -40.25 -2.00
CA SER A 237 1.24 -41.69 -1.94
C SER A 237 1.94 -42.11 -0.65
N GLN A 238 1.54 -43.26 -0.12
CA GLN A 238 2.21 -43.81 1.07
C GLN A 238 3.67 -44.14 0.80
N LYS A 239 4.02 -44.44 -0.44
CA LYS A 239 5.42 -44.65 -0.78
C LYS A 239 6.23 -43.38 -0.55
N ALA A 240 5.66 -42.22 -0.90
CA ALA A 240 6.29 -40.95 -0.55
C ALA A 240 6.37 -40.79 0.97
N VAL A 241 5.30 -41.18 1.67
CA VAL A 241 5.34 -41.18 3.13
C VAL A 241 6.34 -42.21 3.64
N GLU A 242 6.47 -43.34 2.92
CA GLU A 242 7.39 -44.39 3.35
C GLU A 242 8.83 -43.89 3.44
N ARG A 243 9.16 -42.84 2.69
CA ARG A 243 10.52 -42.30 2.75
C ARG A 243 10.83 -41.78 4.16
N GLU A 244 9.90 -41.05 4.77
CA GLU A 244 10.11 -40.58 6.13
C GLU A 244 10.10 -41.73 7.13
N GLN A 245 9.26 -42.74 6.88
CA GLN A 245 9.30 -43.94 7.72
C GLN A 245 10.66 -44.62 7.62
N GLU A 246 11.24 -44.64 6.41
CA GLU A 246 12.56 -45.24 6.23
C GLU A 246 13.62 -44.47 6.99
N ARG A 247 13.58 -43.13 6.94
CA ARG A 247 14.55 -42.33 7.68
C ARG A 247 14.38 -42.51 9.19
N VAL A 248 13.14 -42.51 9.66
CA VAL A 248 12.86 -42.65 11.08
C VAL A 248 12.59 -44.12 11.43
N ILE A 256 12.30 -38.84 17.96
CA ILE A 256 10.94 -38.34 18.02
C ILE A 256 10.71 -37.34 16.89
N HIS A 257 9.59 -37.50 16.19
CA HIS A 257 9.27 -36.67 15.04
C HIS A 257 8.31 -35.57 15.46
N PRO A 258 8.63 -34.29 15.25
CA PRO A 258 7.67 -33.23 15.57
C PRO A 258 6.36 -33.35 14.82
N TYR A 259 6.37 -33.89 13.60
CA TYR A 259 5.14 -34.05 12.83
C TYR A 259 4.36 -35.29 13.22
N SER A 260 4.88 -36.13 14.10
CA SER A 260 4.20 -37.36 14.48
C SER A 260 2.91 -37.05 15.25
N ASP A 261 1.98 -38.00 15.21
CA ASP A 261 0.69 -37.82 15.88
C ASP A 261 0.84 -37.71 17.39
N PHE A 262 1.76 -38.49 17.98
CA PHE A 262 2.01 -38.37 19.40
C PHE A 262 2.54 -36.98 19.75
N ARG A 263 3.45 -36.44 18.93
CA ARG A 263 3.89 -35.07 19.12
C ARG A 263 2.75 -34.09 18.89
N PHE A 264 1.79 -34.43 18.03
CA PHE A 264 0.63 -33.57 17.84
C PHE A 264 -0.19 -33.49 19.13
N TYR A 265 -0.49 -34.63 19.74
CA TYR A 265 -1.23 -34.64 21.00
C TYR A 265 -0.45 -33.91 22.09
N TRP A 266 0.87 -34.14 22.14
CA TRP A 266 1.70 -33.46 23.12
C TRP A 266 1.71 -31.96 22.90
N ASP A 267 1.69 -31.51 21.64
CA ASP A 267 1.64 -30.09 21.35
C ASP A 267 0.31 -29.48 21.79
N LEU A 268 -0.79 -30.21 21.58
CA LEU A 268 -2.08 -29.71 22.05
C LEU A 268 -2.12 -29.58 23.57
N THR A 269 -1.63 -30.60 24.29
CA THR A 269 -1.64 -30.48 25.74
C THR A 269 -0.66 -29.42 26.22
N MET A 270 0.47 -29.25 25.52
CA MET A 270 1.36 -28.13 25.79
C MET A 270 0.66 -26.81 25.63
N LEU A 271 -0.10 -26.64 24.54
CA LEU A 271 -0.86 -25.42 24.31
C LEU A 271 -1.84 -25.15 25.44
N LEU A 272 -2.62 -26.18 25.81
CA LEU A 272 -3.63 -25.99 26.85
C LEU A 272 -3.02 -25.62 28.19
N LEU A 273 -2.05 -26.41 28.66
CA LEU A 273 -1.44 -26.12 29.95
C LEU A 273 -0.64 -24.82 29.91
N MET A 274 -0.05 -24.49 28.76
CA MET A 274 0.73 -23.27 28.64
C MET A 274 -0.15 -22.03 28.72
N VAL A 275 -1.30 -22.05 28.04
CA VAL A 275 -2.20 -20.91 28.15
C VAL A 275 -2.79 -20.84 29.56
N GLY A 276 -3.07 -22.00 30.16
CA GLY A 276 -3.57 -21.99 31.53
C GLY A 276 -2.60 -21.34 32.49
N ASN A 277 -1.33 -21.72 32.41
CA ASN A 277 -0.34 -21.12 33.32
C ASN A 277 -0.07 -19.67 32.96
N LEU A 278 -0.09 -19.33 31.67
CA LEU A 278 0.10 -17.94 31.28
C LEU A 278 -1.01 -17.03 31.79
N ILE A 279 -2.20 -17.57 32.01
CA ILE A 279 -3.25 -16.78 32.65
C ILE A 279 -3.15 -16.82 34.17
N ILE A 280 -2.76 -17.95 34.77
CA ILE A 280 -2.90 -18.08 36.21
C ILE A 280 -1.65 -17.64 36.99
N ILE A 281 -0.45 -17.79 36.41
CA ILE A 281 0.78 -17.54 37.17
C ILE A 281 0.90 -16.10 37.65
N PRO A 282 0.74 -15.08 36.80
CA PRO A 282 0.86 -13.71 37.32
C PRO A 282 -0.15 -13.38 38.40
N VAL A 283 -1.36 -13.92 38.31
CA VAL A 283 -2.36 -13.70 39.36
C VAL A 283 -1.97 -14.45 40.62
N GLY A 284 -1.48 -15.69 40.48
CA GLY A 284 -1.07 -16.45 41.64
C GLY A 284 0.11 -15.84 42.37
N ILE A 285 1.03 -15.22 41.62
CA ILE A 285 2.18 -14.57 42.24
C ILE A 285 1.75 -13.35 43.04
N THR A 286 0.88 -12.52 42.46
CA THR A 286 0.68 -11.16 42.94
C THR A 286 -0.41 -11.04 43.99
N PHE A 287 -1.65 -11.38 43.63
CA PHE A 287 -2.76 -11.09 44.55
C PHE A 287 -2.86 -12.11 45.67
N PHE A 288 -2.52 -13.37 45.39
CA PHE A 288 -2.59 -14.43 46.40
C PHE A 288 -1.32 -14.35 47.25
N LYS A 289 -1.38 -13.56 48.30
CA LYS A 289 -0.23 -13.37 49.18
C LYS A 289 0.03 -14.64 49.99
N ASP A 290 1.22 -15.20 49.83
CA ASP A 290 1.63 -16.41 50.54
C ASP A 290 0.66 -17.56 50.28
N GLU A 291 0.58 -17.97 49.01
CA GLU A 291 -0.27 -19.08 48.59
C GLU A 291 0.42 -20.41 48.89
N ASN A 292 0.78 -20.59 50.15
CA ASN A 292 1.51 -21.77 50.60
C ASN A 292 0.64 -23.01 50.67
N THR A 293 -0.67 -22.89 50.43
CA THR A 293 -1.56 -24.03 50.48
C THR A 293 -1.19 -25.05 49.39
N THR A 294 -1.52 -26.31 49.64
CA THR A 294 -1.14 -27.43 48.80
C THR A 294 -1.61 -27.33 47.35
N PRO A 295 -2.80 -26.82 47.03
CA PRO A 295 -3.20 -26.76 45.60
C PRO A 295 -2.21 -26.01 44.72
N TRP A 296 -1.68 -24.88 45.20
CA TRP A 296 -0.75 -24.12 44.39
C TRP A 296 0.56 -24.89 44.21
N ILE A 297 1.02 -25.56 45.26
CA ILE A 297 2.24 -26.37 45.17
C ILE A 297 2.04 -27.49 44.15
N VAL A 298 0.88 -28.15 44.19
CA VAL A 298 0.60 -29.21 43.23
C VAL A 298 0.59 -28.67 41.81
N PHE A 299 -0.07 -27.53 41.61
CA PHE A 299 -0.08 -26.89 40.29
C PHE A 299 1.34 -26.63 39.80
N ASN A 300 2.16 -26.03 40.66
CA ASN A 300 3.51 -25.65 40.26
C ASN A 300 4.37 -26.86 39.96
N VAL A 301 4.30 -27.90 40.79
CA VAL A 301 5.14 -29.08 40.57
C VAL A 301 4.69 -29.84 39.33
N VAL A 302 3.37 -29.91 39.09
CA VAL A 302 2.87 -30.55 37.87
C VAL A 302 3.37 -29.79 36.65
N SER A 303 3.30 -28.46 36.69
CA SER A 303 3.82 -27.65 35.59
C SER A 303 5.31 -27.89 35.38
N ASP A 304 6.08 -27.91 36.46
CA ASP A 304 7.52 -28.12 36.35
C ASP A 304 7.83 -29.46 35.70
N THR A 305 7.20 -30.52 36.19
CA THR A 305 7.47 -31.85 35.66
C THR A 305 7.07 -31.95 34.19
N PHE A 306 5.91 -31.41 33.85
CA PHE A 306 5.42 -31.55 32.48
C PHE A 306 6.28 -30.73 31.51
N PHE A 307 6.69 -29.52 31.92
CA PHE A 307 7.58 -28.72 31.09
C PHE A 307 8.95 -29.37 30.94
N LEU A 308 9.46 -29.99 32.01
CA LEU A 308 10.73 -30.69 31.90
C LEU A 308 10.63 -31.88 30.95
N ILE A 309 9.52 -32.62 30.99
CA ILE A 309 9.32 -33.72 30.06
C ILE A 309 9.25 -33.19 28.63
N ASP A 310 8.55 -32.07 28.43
CA ASP A 310 8.50 -31.46 27.11
C ASP A 310 9.89 -31.08 26.62
N LEU A 311 10.70 -30.49 27.51
CA LEU A 311 12.05 -30.09 27.13
C LEU A 311 12.90 -31.29 26.74
N VAL A 312 12.84 -32.36 27.53
CA VAL A 312 13.65 -33.53 27.21
C VAL A 312 13.14 -34.26 25.98
N LEU A 313 11.84 -34.13 25.66
CA LEU A 313 11.33 -34.69 24.41
C LEU A 313 11.73 -33.86 23.20
N ASN A 314 11.86 -32.54 23.37
CA ASN A 314 12.19 -31.68 22.24
C ASN A 314 13.60 -31.90 21.70
N PHE A 315 14.44 -32.64 22.43
CA PHE A 315 15.79 -32.92 21.97
C PHE A 315 15.79 -33.80 20.72
N ARG A 333 22.45 -35.10 16.47
CA ARG A 333 22.18 -34.85 15.06
C ARG A 333 21.73 -33.41 14.83
N ILE A 334 20.42 -33.20 14.82
CA ILE A 334 19.87 -31.86 14.64
C ILE A 334 19.97 -31.00 15.89
N LYS A 335 20.35 -31.59 17.02
CA LYS A 335 20.45 -30.82 18.26
C LYS A 335 21.59 -29.80 18.19
N MET A 336 22.69 -30.14 17.53
CA MET A 336 23.80 -29.20 17.40
C MET A 336 23.40 -27.95 16.61
N LYS A 337 22.57 -28.11 15.57
CA LYS A 337 22.03 -26.94 14.89
C LYS A 337 21.18 -26.11 15.85
N TYR A 338 20.38 -26.77 16.68
CA TYR A 338 19.58 -26.11 17.71
C TYR A 338 20.41 -25.71 18.92
N LEU A 339 21.66 -26.18 19.03
CA LEU A 339 22.42 -26.03 20.27
C LEU A 339 22.65 -24.56 20.59
N LYS A 340 22.88 -23.73 19.59
CA LYS A 340 23.07 -22.30 19.79
C LYS A 340 21.76 -21.54 19.83
N SER A 341 20.65 -22.19 20.15
CA SER A 341 19.34 -21.56 20.13
C SER A 341 18.50 -22.07 21.29
N TRP A 342 18.23 -21.20 22.26
CA TRP A 342 17.14 -21.33 23.22
C TRP A 342 17.31 -22.46 24.23
N PHE A 343 18.50 -23.05 24.36
CA PHE A 343 18.68 -23.99 25.46
C PHE A 343 18.85 -23.29 26.81
N VAL A 344 19.50 -22.12 26.86
CA VAL A 344 19.41 -21.32 28.07
C VAL A 344 17.97 -20.90 28.32
N VAL A 345 17.28 -20.50 27.25
CA VAL A 345 15.87 -20.12 27.33
C VAL A 345 15.03 -21.26 27.86
N ASP A 346 15.16 -22.44 27.26
CA ASP A 346 14.35 -23.58 27.66
C ASP A 346 14.72 -24.06 29.07
N PHE A 347 16.01 -24.01 29.41
CA PHE A 347 16.43 -24.42 30.74
C PHE A 347 15.84 -23.51 31.82
N VAL A 348 15.91 -22.19 31.61
CA VAL A 348 15.38 -21.30 32.63
C VAL A 348 13.85 -21.35 32.67
N SER A 349 13.19 -21.59 31.53
CA SER A 349 11.74 -21.62 31.53
C SER A 349 11.20 -22.90 32.15
N SER A 350 11.83 -24.05 31.87
CA SER A 350 11.28 -25.33 32.27
C SER A 350 11.44 -25.60 33.77
N ILE A 351 12.59 -25.28 34.35
CA ILE A 351 12.87 -25.66 35.72
C ILE A 351 12.28 -24.64 36.69
N PRO A 352 11.87 -25.05 37.89
CA PRO A 352 11.40 -24.09 38.91
C PRO A 352 12.56 -23.39 39.62
N VAL A 353 13.02 -22.30 38.98
CA VAL A 353 14.18 -21.57 39.50
C VAL A 353 13.87 -21.01 40.88
N ASP A 354 12.68 -20.44 41.06
CA ASP A 354 12.34 -19.81 42.33
C ASP A 354 12.28 -20.83 43.48
N TYR A 355 11.69 -21.99 43.23
CA TYR A 355 11.49 -22.96 44.30
C TYR A 355 12.82 -23.59 44.73
N ILE A 356 13.67 -23.95 43.76
CA ILE A 356 14.97 -24.53 44.12
C ILE A 356 15.86 -23.48 44.77
N PHE A 357 15.69 -22.20 44.41
CA PHE A 357 16.49 -21.15 45.02
C PHE A 357 16.19 -20.99 46.50
N LEU A 358 14.92 -21.05 46.89
CA LEU A 358 14.54 -20.85 48.28
C LEU A 358 14.82 -22.07 49.15
N ILE A 359 14.94 -23.26 48.54
CA ILE A 359 15.20 -24.47 49.33
C ILE A 359 16.58 -24.39 49.99
N VAL A 360 17.60 -24.01 49.22
CA VAL A 360 18.96 -23.94 49.75
C VAL A 360 19.10 -22.82 50.78
N GLU A 361 18.24 -21.80 50.72
CA GLU A 361 18.29 -20.74 51.73
C GLU A 361 17.89 -21.27 53.10
N THR A 362 16.88 -22.13 53.16
CA THR A 362 16.41 -22.69 54.41
C THR A 362 17.41 -23.70 54.97
N ALA A 372 16.07 -9.06 57.60
CA ALA A 372 15.13 -8.85 56.50
C ALA A 372 15.52 -9.69 55.28
N ARG A 373 16.30 -10.75 55.53
CA ARG A 373 16.73 -11.62 54.44
C ARG A 373 15.60 -12.50 53.93
N ALA A 374 14.71 -12.96 54.82
CA ALA A 374 13.62 -13.83 54.40
C ALA A 374 12.66 -13.12 53.44
N LEU A 375 12.30 -11.88 53.75
CA LEU A 375 11.41 -11.14 52.86
C LEU A 375 12.06 -10.87 51.51
N ARG A 376 13.37 -10.59 51.52
CA ARG A 376 14.09 -10.42 50.26
C ARG A 376 14.13 -11.72 49.47
N ILE A 377 14.22 -12.86 50.16
CA ILE A 377 14.16 -14.15 49.49
C ILE A 377 12.79 -14.36 48.86
N VAL A 378 11.73 -13.92 49.56
CA VAL A 378 10.38 -14.01 48.98
C VAL A 378 10.28 -13.13 47.74
N ARG A 379 10.84 -11.92 47.80
CA ARG A 379 10.86 -11.06 46.62
C ARG A 379 11.61 -11.70 45.47
N PHE A 380 12.76 -12.32 45.77
CA PHE A 380 13.53 -12.99 44.73
C PHE A 380 12.76 -14.18 44.14
N THR A 381 12.03 -14.91 44.97
CA THR A 381 11.20 -15.99 44.48
C THR A 381 10.14 -15.48 43.52
N LYS A 382 9.48 -14.37 43.88
CA LYS A 382 8.48 -13.78 43.00
C LYS A 382 9.12 -13.32 41.69
N ILE A 383 10.29 -12.68 41.77
CA ILE A 383 10.96 -12.19 40.56
C ILE A 383 11.36 -13.36 39.66
N LEU A 384 11.87 -14.44 40.24
CA LEU A 384 12.25 -15.60 39.44
C LEU A 384 11.03 -16.24 38.80
N SER A 385 9.92 -16.33 39.53
CA SER A 385 8.71 -16.89 38.95
C SER A 385 8.16 -16.00 37.84
N LEU A 386 8.35 -14.68 37.96
CA LEU A 386 7.98 -13.78 36.87
C LEU A 386 8.85 -14.00 35.64
N LEU A 387 10.17 -14.06 35.84
CA LEU A 387 11.08 -14.34 34.73
C LEU A 387 10.82 -15.70 34.12
N ARG A 388 10.23 -16.61 34.88
CA ARG A 388 9.85 -17.93 34.41
C ARG A 388 8.71 -17.88 33.39
N LEU A 389 8.06 -16.72 33.21
CA LEU A 389 6.91 -16.53 32.31
C LEU A 389 7.30 -16.57 30.84
N LEU A 390 8.52 -17.01 30.54
CA LEU A 390 9.02 -17.12 29.17
C LEU A 390 8.23 -18.12 28.33
N ARG A 391 7.17 -18.72 28.88
CA ARG A 391 6.25 -19.44 28.03
C ARG A 391 5.55 -18.51 27.03
N LEU A 392 5.65 -17.19 27.18
CA LEU A 392 5.25 -16.34 26.06
C LEU A 392 6.06 -16.68 24.81
N SER A 393 7.39 -16.69 24.94
CA SER A 393 8.23 -17.06 23.80
C SER A 393 7.99 -18.51 23.41
N ARG A 394 7.83 -19.40 24.40
CA ARG A 394 7.60 -20.81 24.09
C ARG A 394 6.31 -20.97 23.27
N LEU A 395 5.25 -20.28 23.67
CA LEU A 395 3.98 -20.31 22.97
C LEU A 395 4.11 -19.73 21.57
N ILE A 396 4.87 -18.65 21.43
CA ILE A 396 5.08 -18.06 20.11
C ILE A 396 5.77 -19.06 19.19
N ARG A 397 6.81 -19.74 19.69
CA ARG A 397 7.49 -20.75 18.89
C ARG A 397 6.52 -21.86 18.49
N TYR A 398 5.81 -22.43 19.46
CA TYR A 398 4.96 -23.59 19.17
C TYR A 398 3.81 -23.23 18.23
N ILE A 399 3.24 -22.01 18.37
CA ILE A 399 2.19 -21.60 17.46
C ILE A 399 2.74 -21.32 16.07
N HIS A 400 3.91 -20.67 16.00
CA HIS A 400 4.51 -20.39 14.70
C HIS A 400 4.88 -21.68 13.96
N GLN A 401 5.14 -22.75 14.70
CA GLN A 401 5.34 -24.05 14.06
C GLN A 401 4.08 -24.49 13.31
N TRP A 402 2.91 -24.27 13.90
CA TRP A 402 1.66 -24.77 13.32
C TRP A 402 1.32 -24.09 12.00
N GLU A 403 1.75 -22.84 11.80
CA GLU A 403 1.33 -22.07 10.63
C GLU A 403 1.73 -22.79 9.34
N GLU A 404 2.98 -23.28 9.27
CA GLU A 404 3.41 -24.05 8.12
C GLU A 404 2.80 -25.45 8.10
N ILE A 405 2.39 -25.96 9.27
CA ILE A 405 1.89 -27.34 9.34
C ILE A 405 0.57 -27.48 8.60
N PHE A 406 -0.36 -26.54 8.82
CA PHE A 406 -1.70 -26.68 8.30
C PHE A 406 -2.32 -25.31 8.05
N HIS A 407 -3.00 -25.19 6.90
CA HIS A 407 -3.75 -23.98 6.56
C HIS A 407 -4.65 -24.29 5.38
N MET A 408 -5.94 -23.98 5.51
CA MET A 408 -6.88 -24.28 4.43
C MET A 408 -6.86 -23.19 3.36
N THR A 409 -7.28 -21.97 3.72
CA THR A 409 -7.38 -20.87 2.78
C THR A 409 -7.01 -19.58 3.49
N TYR A 410 -6.69 -18.56 2.69
CA TYR A 410 -6.34 -17.23 3.19
C TYR A 410 -7.46 -16.22 2.95
N ASP A 411 -8.70 -16.70 2.89
CA ASP A 411 -9.85 -15.85 2.62
C ASP A 411 -10.28 -15.14 3.91
N LEU A 412 -11.48 -14.56 3.88
CA LEU A 412 -12.00 -13.86 5.06
C LEU A 412 -12.14 -14.78 6.26
N ALA A 413 -12.32 -16.08 6.02
CA ALA A 413 -12.45 -17.02 7.14
C ALA A 413 -11.20 -17.05 7.99
N SER A 414 -10.02 -17.12 7.36
CA SER A 414 -8.77 -17.10 8.09
C SER A 414 -8.40 -15.71 8.59
N ALA A 415 -8.87 -14.67 7.89
CA ALA A 415 -8.52 -13.30 8.29
C ALA A 415 -9.07 -12.97 9.67
N VAL A 416 -10.36 -13.23 9.89
CA VAL A 416 -10.97 -12.95 11.19
C VAL A 416 -10.27 -13.77 12.28
N VAL A 417 -9.84 -14.99 11.94
CA VAL A 417 -9.06 -15.79 12.88
C VAL A 417 -7.74 -15.10 13.22
N ARG A 418 -7.10 -14.49 12.22
CA ARG A 418 -5.83 -13.81 12.47
C ARG A 418 -6.01 -12.59 13.38
N ILE A 419 -7.04 -11.78 13.12
CA ILE A 419 -7.30 -10.66 14.02
C ILE A 419 -7.69 -11.14 15.41
N VAL A 420 -8.42 -12.26 15.50
CA VAL A 420 -8.78 -12.80 16.82
C VAL A 420 -7.53 -13.26 17.55
N ASN A 421 -6.59 -13.89 16.85
CA ASN A 421 -5.33 -14.30 17.46
C ASN A 421 -4.55 -13.09 17.95
N LEU A 422 -4.47 -12.04 17.13
CA LEU A 422 -3.76 -10.83 17.54
C LEU A 422 -4.40 -10.20 18.77
N ILE A 423 -5.73 -10.12 18.79
CA ILE A 423 -6.41 -9.51 19.94
C ILE A 423 -6.28 -10.40 21.18
N GLY A 424 -6.20 -11.72 21.01
CA GLY A 424 -5.96 -12.59 22.15
C GLY A 424 -4.59 -12.39 22.74
N MET A 425 -3.56 -12.32 21.89
CA MET A 425 -2.22 -12.02 22.39
C MET A 425 -2.18 -10.65 23.07
N MET A 426 -2.92 -9.69 22.50
CA MET A 426 -2.89 -8.35 23.06
C MET A 426 -3.62 -8.29 24.40
N LEU A 427 -4.69 -9.06 24.57
CA LEU A 427 -5.34 -9.14 25.87
C LEU A 427 -4.49 -9.90 26.88
N LEU A 428 -3.69 -10.87 26.41
CA LEU A 428 -2.67 -11.46 27.26
C LEU A 428 -1.75 -10.38 27.80
N LEU A 429 -1.25 -9.52 26.91
CA LEU A 429 -0.44 -8.37 27.34
C LEU A 429 -1.22 -7.47 28.30
N CYS A 430 -2.51 -7.27 28.02
CA CYS A 430 -3.34 -6.42 28.86
C CYS A 430 -3.35 -6.92 30.30
N HIS A 431 -3.65 -8.20 30.50
CA HIS A 431 -3.76 -8.65 31.89
C HIS A 431 -2.40 -8.82 32.54
N TRP A 432 -1.34 -9.08 31.75
CA TRP A 432 -0.01 -9.05 32.33
C TRP A 432 0.30 -7.67 32.88
N ASP A 433 0.04 -6.63 32.09
CA ASP A 433 0.28 -5.27 32.57
C ASP A 433 -0.65 -4.91 33.72
N GLY A 434 -1.87 -5.45 33.71
CA GLY A 434 -2.78 -5.19 34.83
C GLY A 434 -2.27 -5.75 36.13
N CYS A 435 -1.79 -6.98 36.10
CA CYS A 435 -1.19 -7.55 37.31
C CYS A 435 0.10 -6.83 37.68
N LEU A 436 0.84 -6.33 36.69
CA LEU A 436 2.07 -5.60 36.97
C LEU A 436 1.80 -4.29 37.68
N GLN A 437 0.76 -3.56 37.25
CA GLN A 437 0.40 -2.27 37.84
C GLN A 437 0.02 -2.40 39.31
N PHE A 438 -0.33 -3.58 39.78
CA PHE A 438 -0.56 -3.84 41.20
C PHE A 438 0.68 -4.41 41.88
N LEU A 439 1.38 -5.32 41.20
CA LEU A 439 2.53 -5.98 41.81
C LEU A 439 3.63 -4.99 42.14
N VAL A 440 3.99 -4.11 41.20
CA VAL A 440 5.10 -3.18 41.46
C VAL A 440 4.81 -2.27 42.64
N PRO A 441 3.64 -1.64 42.77
CA PRO A 441 3.36 -0.92 44.02
C PRO A 441 3.32 -1.82 45.24
N MET A 442 2.84 -3.05 45.08
CA MET A 442 2.71 -3.95 46.23
C MET A 442 4.08 -4.36 46.78
N LEU A 443 5.04 -4.60 45.89
CA LEU A 443 6.37 -5.04 46.34
C LEU A 443 7.02 -3.98 47.22
N GLN A 444 6.87 -2.70 46.85
CA GLN A 444 7.45 -1.63 47.65
C GLN A 444 6.72 -1.48 48.99
N ASP A 445 5.59 -2.16 49.13
CA ASP A 445 4.59 -1.94 50.19
C ASP A 445 3.82 -0.68 49.84
N PHE A 446 2.50 -0.69 50.06
CA PHE A 446 1.59 0.29 49.46
C PHE A 446 1.99 1.71 49.78
N PRO A 447 2.50 2.46 48.79
CA PRO A 447 2.88 3.85 49.03
C PRO A 447 1.67 4.72 49.34
N ASP A 448 1.90 5.78 50.10
CA ASP A 448 0.85 6.71 50.47
C ASP A 448 0.28 7.42 49.25
N ASP A 449 1.15 7.82 48.32
CA ASP A 449 0.73 8.58 47.15
C ASP A 449 0.38 7.66 45.98
N CYS A 450 0.50 6.35 46.18
CA CYS A 450 0.22 5.41 45.11
C CYS A 450 -1.26 5.44 44.72
N TRP A 451 -1.54 4.93 43.52
CA TRP A 451 -2.91 4.97 43.00
C TRP A 451 -3.83 4.05 43.79
N VAL A 452 -3.32 2.93 44.28
CA VAL A 452 -4.14 1.98 45.04
C VAL A 452 -4.62 2.64 46.33
N SER A 453 -3.74 3.40 46.98
CA SER A 453 -4.10 4.09 48.21
C SER A 453 -5.13 5.18 47.97
N LEU A 454 -4.95 5.95 46.89
CA LEU A 454 -5.88 7.01 46.54
C LEU A 454 -7.25 6.42 46.19
N ASN A 455 -7.24 5.29 45.49
CA ASN A 455 -8.48 4.62 45.09
C ASN A 455 -9.09 3.79 46.19
N ASN A 456 -8.45 3.72 47.36
CA ASN A 456 -8.89 2.92 48.50
C ASN A 456 -8.97 1.44 48.19
N MET A 457 -8.42 1.00 47.05
CA MET A 457 -8.42 -0.41 46.66
C MET A 457 -7.19 -1.07 47.31
N VAL A 458 -7.26 -1.16 48.64
CA VAL A 458 -6.17 -1.70 49.43
C VAL A 458 -6.51 -3.07 50.01
N ASN A 459 -7.77 -3.27 50.43
CA ASN A 459 -8.21 -4.54 51.00
C ASN A 459 -9.38 -5.15 50.23
N ASN A 460 -9.68 -4.62 49.05
CA ASN A 460 -10.76 -5.16 48.24
C ASN A 460 -10.43 -6.58 47.77
N SER A 461 -11.46 -7.26 47.28
CA SER A 461 -11.30 -8.65 46.87
C SER A 461 -10.42 -8.75 45.62
N TRP A 462 -9.99 -9.98 45.34
CA TRP A 462 -9.22 -10.26 44.13
C TRP A 462 -9.96 -9.79 42.88
N GLY A 463 -11.29 -9.92 42.87
CA GLY A 463 -12.05 -9.55 41.70
C GLY A 463 -11.88 -8.08 41.32
N LYS A 464 -12.02 -7.19 42.30
CA LYS A 464 -11.89 -5.77 42.01
C LYS A 464 -10.45 -5.39 41.72
N GLN A 465 -9.51 -5.91 42.51
CA GLN A 465 -8.11 -5.59 42.33
C GLN A 465 -7.60 -6.08 40.98
N TYR A 466 -8.27 -7.05 40.37
CA TYR A 466 -7.90 -7.49 39.04
C TYR A 466 -8.66 -6.74 37.95
N SER A 467 -9.97 -6.54 38.14
CA SER A 467 -10.80 -5.94 37.10
C SER A 467 -10.58 -4.45 36.97
N TYR A 468 -9.99 -3.78 37.96
CA TYR A 468 -9.65 -2.38 37.77
C TYR A 468 -8.19 -2.18 37.37
N ALA A 469 -7.30 -3.08 37.80
CA ALA A 469 -5.93 -3.05 37.32
C ALA A 469 -5.86 -3.34 35.83
N LEU A 470 -6.67 -4.30 35.35
CA LEU A 470 -6.75 -4.54 33.92
C LEU A 470 -7.27 -3.32 33.18
N PHE A 471 -8.27 -2.65 33.77
CA PHE A 471 -8.79 -1.42 33.18
C PHE A 471 -7.71 -0.37 33.05
N LYS A 472 -6.94 -0.17 34.12
CA LYS A 472 -5.84 0.79 34.08
C LYS A 472 -4.81 0.42 33.03
N ALA A 473 -4.51 -0.88 32.90
CA ALA A 473 -3.41 -1.30 32.05
C ALA A 473 -3.79 -1.40 30.57
N MET A 474 -5.07 -1.44 30.24
CA MET A 474 -5.43 -1.36 28.83
C MET A 474 -6.04 -0.02 28.44
N SER A 475 -6.31 0.87 29.40
CA SER A 475 -6.60 2.25 29.06
C SER A 475 -5.40 2.90 28.39
N HIS A 476 -4.21 2.65 28.91
CA HIS A 476 -3.00 3.14 28.26
C HIS A 476 -2.80 2.49 26.90
N MET A 477 -3.28 1.26 26.73
CA MET A 477 -3.19 0.60 25.43
C MET A 477 -4.11 1.24 24.41
N LEU A 478 -5.36 1.54 24.80
CA LEU A 478 -6.33 2.16 23.86
C LEU A 478 -6.15 3.68 23.91
N CYS A 479 -5.19 4.15 24.70
CA CYS A 479 -4.86 5.58 24.76
C CYS A 479 -6.10 6.38 25.15
N ILE A 480 -6.90 5.85 26.07
CA ILE A 480 -8.14 6.54 26.48
C ILE A 480 -7.79 7.50 27.62
N GLY A 481 -6.93 7.07 28.54
CA GLY A 481 -6.52 7.97 29.60
C GLY A 481 -5.58 7.25 30.56
N TYR A 482 -5.66 7.64 31.83
CA TYR A 482 -4.86 7.02 32.88
C TYR A 482 -5.67 6.01 33.69
N GLY A 483 -6.86 6.41 34.13
CA GLY A 483 -7.67 5.62 35.03
C GLY A 483 -8.52 6.53 35.88
N ARG A 484 -8.57 6.28 37.20
CA ARG A 484 -9.29 7.19 38.07
C ARG A 484 -8.51 8.48 38.30
N GLN A 485 -7.20 8.37 38.52
CA GLN A 485 -6.37 9.51 38.89
C GLN A 485 -5.09 9.51 38.06
N ALA A 486 -4.38 10.64 38.12
CA ALA A 486 -3.06 10.74 37.57
C ALA A 486 -2.09 9.91 38.40
N PRO A 487 -0.91 9.58 37.87
CA PRO A 487 0.01 8.70 38.61
C PRO A 487 0.36 9.19 40.01
N MET A 488 0.58 10.50 40.18
CA MET A 488 0.88 11.09 41.48
C MET A 488 2.19 10.53 42.05
N GLY A 489 2.19 9.25 42.40
CA GLY A 489 3.42 8.61 42.81
C GLY A 489 4.38 8.50 41.64
N MET A 490 5.68 8.39 41.94
CA MET A 490 6.67 8.56 40.89
C MET A 490 7.24 7.24 40.39
N SER A 491 7.39 6.25 41.26
CA SER A 491 7.48 4.89 40.75
C SER A 491 6.24 4.57 39.93
N ASP A 492 5.09 5.09 40.37
CA ASP A 492 3.86 4.93 39.60
C ASP A 492 3.96 5.64 38.25
N VAL A 493 4.54 6.84 38.21
CA VAL A 493 4.59 7.54 36.92
C VAL A 493 5.59 6.87 35.99
N TRP A 494 6.62 6.23 36.53
CA TRP A 494 7.53 5.48 35.67
C TRP A 494 6.86 4.23 35.12
N LEU A 495 6.11 3.52 35.97
CA LEU A 495 5.32 2.40 35.45
C LEU A 495 4.29 2.87 34.42
N THR A 496 3.74 4.06 34.62
CA THR A 496 2.86 4.65 33.63
C THR A 496 3.60 4.96 32.32
N MET A 497 4.85 5.41 32.43
CA MET A 497 5.68 5.61 31.24
C MET A 497 5.75 4.32 30.43
N LEU A 498 6.16 3.24 31.09
CA LEU A 498 6.30 1.96 30.40
C LEU A 498 4.97 1.49 29.83
N SER A 499 3.89 1.58 30.61
CA SER A 499 2.59 1.13 30.13
C SER A 499 2.11 1.93 28.94
N MET A 500 2.23 3.26 29.01
CA MET A 500 1.85 4.12 27.89
C MET A 500 2.61 3.72 26.63
N ILE A 501 3.94 3.66 26.72
CA ILE A 501 4.73 3.37 25.54
C ILE A 501 4.36 2.01 24.95
N VAL A 502 4.37 0.96 25.78
CA VAL A 502 4.15 -0.38 25.24
C VAL A 502 2.73 -0.51 24.70
N GLY A 503 1.74 -0.02 25.44
CA GLY A 503 0.36 -0.17 24.99
C GLY A 503 0.09 0.58 23.70
N ALA A 504 0.47 1.85 23.64
CA ALA A 504 0.20 2.63 22.43
C ALA A 504 0.97 2.07 21.24
N THR A 505 2.25 1.73 21.43
CA THR A 505 3.06 1.24 20.31
C THR A 505 2.54 -0.09 19.80
N CYS A 506 2.25 -1.03 20.70
CA CYS A 506 1.78 -2.35 20.28
C CYS A 506 0.39 -2.26 19.67
N TYR A 507 -0.47 -1.39 20.19
CA TYR A 507 -1.79 -1.21 19.59
C TYR A 507 -1.65 -0.62 18.19
N ALA A 508 -0.71 0.30 18.01
CA ALA A 508 -0.47 0.86 16.68
C ALA A 508 -0.04 -0.23 15.70
N MET A 509 0.91 -1.08 16.10
CA MET A 509 1.33 -2.17 15.21
C MET A 509 0.18 -3.13 14.93
N PHE A 510 -0.62 -3.46 15.95
CA PHE A 510 -1.71 -4.39 15.75
C PHE A 510 -2.75 -3.83 14.78
N ILE A 511 -3.10 -2.55 14.95
CA ILE A 511 -4.05 -1.91 14.04
C ILE A 511 -3.49 -1.85 12.63
N GLY A 512 -2.22 -1.47 12.48
CA GLY A 512 -1.63 -1.44 11.16
C GLY A 512 -1.68 -2.79 10.48
N HIS A 513 -1.32 -3.85 11.21
CA HIS A 513 -1.33 -5.18 10.63
C HIS A 513 -2.74 -5.62 10.26
N ALA A 514 -3.71 -5.40 11.15
CA ALA A 514 -5.08 -5.83 10.87
C ALA A 514 -5.68 -5.06 9.69
N THR A 515 -5.44 -3.75 9.64
CA THR A 515 -5.93 -2.96 8.51
C THR A 515 -5.28 -3.41 7.21
N ALA A 516 -3.98 -3.69 7.23
CA ALA A 516 -3.32 -4.17 6.03
C ALA A 516 -3.89 -5.52 5.58
N LEU A 517 -4.17 -6.41 6.54
CA LEU A 517 -4.79 -7.69 6.18
C LEU A 517 -6.17 -7.51 5.57
N ILE A 518 -7.01 -6.68 6.18
CA ILE A 518 -8.35 -6.51 5.62
C ILE A 518 -8.31 -5.80 4.28
N GLN A 519 -7.27 -4.97 4.05
CA GLN A 519 -7.13 -4.34 2.73
C GLN A 519 -6.67 -5.35 1.69
N SER A 520 -5.67 -6.18 2.01
CA SER A 520 -5.19 -7.18 1.08
C SER A 520 -6.21 -8.29 0.87
N LEU A 521 -7.22 -8.38 1.73
CA LEU A 521 -8.29 -9.34 1.50
C LEU A 521 -9.05 -9.04 0.21
N ASP A 522 -9.27 -7.76 -0.08
CA ASP A 522 -9.92 -7.32 -1.31
C ASP A 522 -8.87 -6.62 -2.18
N SER A 523 -8.18 -7.40 -3.00
CA SER A 523 -7.10 -6.90 -3.84
C SER A 523 -7.40 -6.91 -5.32
N SER A 524 -8.13 -7.92 -5.81
CA SER A 524 -8.43 -8.01 -7.23
C SER A 524 -9.31 -6.84 -7.67
N ARG A 525 -10.27 -6.44 -6.84
CA ARG A 525 -11.12 -5.30 -7.17
C ARG A 525 -10.29 -4.03 -7.34
N ARG A 526 -9.29 -3.84 -6.48
CA ARG A 526 -8.41 -2.69 -6.62
C ARG A 526 -7.63 -2.74 -7.93
N GLN A 527 -7.13 -3.93 -8.29
CA GLN A 527 -6.38 -4.08 -9.53
C GLN A 527 -7.25 -3.90 -10.75
N TYR A 528 -8.56 -4.10 -10.63
CA TYR A 528 -9.46 -3.78 -11.73
C TYR A 528 -9.78 -2.29 -11.77
N GLN A 529 -9.94 -1.68 -10.59
CA GLN A 529 -10.27 -0.25 -10.54
C GLN A 529 -9.13 0.60 -11.09
N GLU A 530 -7.90 0.23 -10.78
CA GLU A 530 -6.76 0.97 -11.33
C GLU A 530 -6.73 0.89 -12.85
N LYS A 531 -6.97 -0.30 -13.39
CA LYS A 531 -7.00 -0.46 -14.85
C LYS A 531 -8.12 0.35 -15.47
N TYR A 532 -9.29 0.36 -14.84
CA TYR A 532 -10.40 1.14 -15.37
C TYR A 532 -10.12 2.64 -15.30
N LYS A 533 -9.44 3.09 -14.25
CA LYS A 533 -9.05 4.49 -14.19
C LYS A 533 -8.08 4.84 -15.31
N GLN A 534 -7.14 3.94 -15.59
CA GLN A 534 -6.22 4.14 -16.71
C GLN A 534 -6.99 4.25 -18.02
N VAL A 535 -7.97 3.37 -18.24
CA VAL A 535 -8.73 3.43 -19.48
C VAL A 535 -9.58 4.69 -19.54
N GLU A 536 -10.11 5.13 -18.39
CA GLU A 536 -10.87 6.37 -18.36
C GLU A 536 -10.01 7.54 -18.78
N GLN A 537 -8.76 7.59 -18.29
CA GLN A 537 -7.83 8.60 -18.82
C GLN A 537 -7.58 8.41 -20.30
N TYR A 538 -7.55 7.16 -20.78
CA TYR A 538 -7.34 6.94 -22.21
C TYR A 538 -8.46 7.59 -23.03
N MET A 539 -9.71 7.41 -22.61
CA MET A 539 -10.79 8.09 -23.32
C MET A 539 -10.75 9.60 -23.10
N SER A 540 -10.19 10.05 -21.97
CA SER A 540 -10.08 11.49 -21.73
C SER A 540 -9.02 12.11 -22.63
N PHE A 541 -8.00 11.35 -23.01
CA PHE A 541 -6.90 11.88 -23.81
C PHE A 541 -7.29 11.98 -25.27
N HIS A 542 -7.59 10.85 -25.91
CA HIS A 542 -8.16 10.84 -27.25
C HIS A 542 -9.65 11.11 -27.12
N LYS A 543 -10.07 12.33 -27.44
CA LYS A 543 -11.45 12.72 -27.24
C LYS A 543 -12.40 11.79 -28.00
N LEU A 544 -13.44 11.34 -27.33
CA LEU A 544 -14.36 10.34 -27.86
C LEU A 544 -15.78 10.70 -27.47
N PRO A 545 -16.77 10.30 -28.27
CA PRO A 545 -18.16 10.60 -27.91
C PRO A 545 -18.58 9.81 -26.68
N PRO A 546 -19.56 10.31 -25.92
CA PRO A 546 -20.00 9.57 -24.73
C PRO A 546 -20.53 8.18 -25.04
N ASP A 547 -21.07 7.96 -26.25
CA ASP A 547 -21.54 6.64 -26.62
C ASP A 547 -20.41 5.63 -26.63
N THR A 548 -19.26 6.01 -27.19
CA THR A 548 -18.10 5.11 -27.20
C THR A 548 -17.59 4.87 -25.79
N ARG A 549 -17.58 5.90 -24.95
CA ARG A 549 -17.20 5.71 -23.55
C ARG A 549 -18.11 4.69 -22.87
N GLN A 550 -19.42 4.82 -23.08
CA GLN A 550 -20.36 3.89 -22.49
C GLN A 550 -20.18 2.47 -23.03
N ARG A 551 -19.91 2.35 -24.33
CA ARG A 551 -19.76 1.02 -24.92
C ARG A 551 -18.39 0.40 -24.66
N ILE A 552 -17.46 1.16 -24.12
CA ILE A 552 -16.23 0.57 -23.57
C ILE A 552 -16.42 0.18 -22.11
N HIS A 553 -17.10 1.04 -21.34
CA HIS A 553 -17.40 0.72 -19.95
C HIS A 553 -18.23 -0.55 -19.85
N ASP A 554 -19.23 -0.69 -20.72
CA ASP A 554 -20.04 -1.92 -20.73
C ASP A 554 -19.19 -3.14 -21.09
N TYR A 555 -18.28 -2.99 -22.05
CA TYR A 555 -17.43 -4.11 -22.43
C TYR A 555 -16.57 -4.57 -21.27
N TYR A 556 -16.01 -3.62 -20.51
CA TYR A 556 -15.28 -4.02 -19.32
C TYR A 556 -16.18 -4.64 -18.26
N GLU A 557 -17.34 -4.04 -17.99
CA GLU A 557 -18.21 -4.56 -16.95
C GLU A 557 -18.77 -5.93 -17.27
N HIS A 558 -18.83 -6.32 -18.55
CA HIS A 558 -19.32 -7.65 -18.92
C HIS A 558 -18.25 -8.49 -19.60
N ARG A 559 -16.98 -8.12 -19.50
CA ARG A 559 -15.90 -8.99 -19.96
C ARG A 559 -15.00 -9.35 -18.78
N TYR A 560 -14.58 -8.35 -18.02
CA TYR A 560 -13.81 -8.59 -16.80
C TYR A 560 -14.69 -8.69 -15.58
N GLN A 561 -15.88 -8.09 -15.62
CA GLN A 561 -16.93 -8.16 -14.60
C GLN A 561 -16.48 -7.54 -13.29
N GLY A 562 -15.42 -6.74 -13.29
CA GLY A 562 -14.77 -6.36 -12.05
C GLY A 562 -13.85 -7.43 -11.51
N LYS A 563 -13.72 -8.55 -12.21
CA LYS A 563 -12.88 -9.67 -11.80
C LYS A 563 -11.57 -9.57 -12.56
N MET A 564 -10.53 -9.07 -11.90
CA MET A 564 -9.27 -8.78 -12.55
C MET A 564 -8.40 -10.03 -12.56
N PHE A 565 -8.22 -10.62 -13.75
CA PHE A 565 -7.32 -11.74 -13.93
C PHE A 565 -6.62 -11.59 -15.28
N ASP A 566 -5.43 -12.19 -15.38
CA ASP A 566 -4.64 -12.18 -16.60
C ASP A 566 -4.56 -13.61 -17.12
N GLU A 567 -5.32 -13.92 -18.17
CA GLU A 567 -5.42 -15.28 -18.68
C GLU A 567 -4.09 -15.84 -19.13
N GLU A 568 -3.29 -15.08 -19.87
CA GLU A 568 -2.03 -15.60 -20.39
C GLU A 568 -1.07 -15.98 -19.27
N SER A 569 -0.91 -15.11 -18.28
CA SER A 569 0.02 -15.40 -17.19
C SER A 569 -0.44 -16.59 -16.35
N ILE A 570 -1.74 -16.65 -16.06
CA ILE A 570 -2.26 -17.73 -15.23
C ILE A 570 -2.12 -19.06 -15.94
N LEU A 571 -2.41 -19.09 -17.25
CA LEU A 571 -2.20 -20.31 -18.02
C LEU A 571 -0.72 -20.68 -18.08
N GLY A 572 0.15 -19.69 -18.29
CA GLY A 572 1.57 -19.99 -18.46
C GLY A 572 2.21 -20.52 -17.19
N GLU A 573 1.90 -19.93 -16.04
CA GLU A 573 2.55 -20.35 -14.81
C GLU A 573 2.10 -21.73 -14.36
N LEU A 574 0.99 -22.24 -14.90
CA LEU A 574 0.57 -23.60 -14.63
C LEU A 574 1.40 -24.59 -15.45
N SER A 575 1.37 -25.85 -15.03
CA SER A 575 2.01 -26.92 -15.76
C SER A 575 1.05 -27.52 -16.79
N GLU A 576 1.63 -28.12 -17.82
CA GLU A 576 0.82 -28.76 -18.87
C GLU A 576 -0.14 -29.82 -18.33
N PRO A 577 0.28 -30.75 -17.45
CA PRO A 577 -0.69 -31.72 -16.92
C PRO A 577 -1.76 -31.11 -16.04
N LEU A 578 -1.79 -29.78 -15.90
CA LEU A 578 -2.89 -29.07 -15.26
C LEU A 578 -3.58 -28.10 -16.20
N ARG A 579 -2.87 -27.58 -17.21
CA ARG A 579 -3.50 -26.80 -18.26
C ARG A 579 -4.41 -27.66 -19.12
N GLU A 580 -4.03 -28.91 -19.33
CA GLU A 580 -4.79 -29.79 -20.23
C GLU A 580 -6.21 -30.00 -19.72
N GLU A 581 -6.37 -30.24 -18.42
CA GLU A 581 -7.72 -30.44 -17.88
C GLU A 581 -8.56 -29.18 -18.00
N ILE A 582 -7.96 -28.01 -17.77
CA ILE A 582 -8.70 -26.75 -17.88
C ILE A 582 -9.20 -26.57 -19.31
N ILE A 583 -8.30 -26.69 -20.29
CA ILE A 583 -8.71 -26.46 -21.67
C ILE A 583 -9.68 -27.54 -22.12
N ASN A 584 -9.51 -28.76 -21.64
CA ASN A 584 -10.44 -29.83 -21.99
C ASN A 584 -11.84 -29.53 -21.48
N PHE A 585 -11.96 -29.24 -20.19
CA PHE A 585 -13.26 -28.94 -19.61
C PHE A 585 -13.91 -27.75 -20.31
N ASN A 586 -13.09 -26.77 -20.71
CA ASN A 586 -13.67 -25.59 -21.35
C ASN A 586 -14.11 -25.86 -22.79
N CYS A 587 -13.40 -26.71 -23.54
CA CYS A 587 -13.58 -26.71 -24.98
C CYS A 587 -13.74 -28.05 -25.69
N ARG A 588 -13.71 -29.18 -24.99
CA ARG A 588 -13.87 -30.46 -25.70
C ARG A 588 -15.24 -30.56 -26.35
N LYS A 589 -16.30 -30.16 -25.64
CA LYS A 589 -17.63 -30.21 -26.21
C LYS A 589 -17.75 -29.27 -27.41
N LEU A 590 -17.13 -28.09 -27.33
CA LEU A 590 -17.22 -27.12 -28.41
C LEU A 590 -16.49 -27.60 -29.66
N VAL A 591 -15.25 -28.08 -29.50
CA VAL A 591 -14.46 -28.42 -30.67
C VAL A 591 -14.84 -29.80 -31.22
N ALA A 592 -15.41 -30.66 -30.39
CA ALA A 592 -15.91 -31.94 -30.89
C ALA A 592 -17.30 -31.83 -31.49
N SER A 593 -17.92 -30.65 -31.42
CA SER A 593 -19.27 -30.48 -31.95
C SER A 593 -19.28 -30.52 -33.48
N MET A 594 -18.36 -29.78 -34.11
CA MET A 594 -18.35 -29.70 -35.55
C MET A 594 -17.82 -31.01 -36.15
N PRO A 595 -18.42 -31.49 -37.23
CA PRO A 595 -18.10 -32.85 -37.71
C PRO A 595 -16.65 -33.04 -38.13
N LEU A 596 -16.00 -32.02 -38.67
CA LEU A 596 -14.67 -32.20 -39.22
C LEU A 596 -13.65 -32.55 -38.13
N PHE A 597 -13.76 -31.93 -36.96
CA PHE A 597 -12.83 -32.19 -35.88
C PHE A 597 -13.27 -33.31 -34.95
N ALA A 598 -14.47 -33.85 -35.15
CA ALA A 598 -14.93 -34.96 -34.33
C ALA A 598 -14.11 -36.21 -34.60
N ASN A 599 -13.64 -36.37 -35.83
CA ASN A 599 -12.80 -37.50 -36.21
C ASN A 599 -11.32 -37.20 -36.07
N ALA A 600 -10.97 -36.01 -35.56
CA ALA A 600 -9.57 -35.63 -35.44
C ALA A 600 -8.88 -36.41 -34.34
N ASP A 601 -7.55 -36.46 -34.43
CA ASP A 601 -6.75 -37.17 -33.44
C ASP A 601 -6.84 -36.45 -32.08
N PRO A 602 -6.88 -37.19 -30.98
CA PRO A 602 -6.86 -36.54 -29.66
C PRO A 602 -5.66 -35.62 -29.45
N ASN A 603 -4.48 -36.00 -29.95
CA ASN A 603 -3.33 -35.10 -29.86
C ASN A 603 -3.55 -33.84 -30.70
N PHE A 604 -4.07 -34.02 -31.92
CA PHE A 604 -4.38 -32.87 -32.76
C PHE A 604 -5.46 -32.01 -32.12
N VAL A 605 -6.46 -32.64 -31.51
CA VAL A 605 -7.52 -31.89 -30.83
C VAL A 605 -6.93 -31.08 -29.68
N THR A 606 -6.06 -31.68 -28.88
CA THR A 606 -5.47 -30.97 -27.74
C THR A 606 -4.59 -29.81 -28.21
N SER A 607 -3.82 -30.02 -29.28
CA SER A 607 -3.02 -28.92 -29.81
C SER A 607 -3.90 -27.77 -30.30
N MET A 608 -4.98 -28.11 -31.00
CA MET A 608 -5.89 -27.07 -31.48
C MET A 608 -6.53 -26.34 -30.31
N LEU A 609 -6.82 -27.07 -29.23
CA LEU A 609 -7.33 -26.46 -28.01
C LEU A 609 -6.32 -25.47 -27.44
N THR A 610 -5.04 -25.87 -27.39
CA THR A 610 -4.00 -24.97 -26.91
C THR A 610 -3.88 -23.74 -27.80
N LYS A 611 -4.26 -23.86 -29.07
CA LYS A 611 -4.26 -22.71 -29.96
C LYS A 611 -5.55 -21.90 -29.92
N LEU A 612 -6.55 -22.34 -29.18
CA LEU A 612 -7.78 -21.56 -29.02
C LEU A 612 -7.51 -20.32 -28.17
N ARG A 613 -8.25 -19.25 -28.48
CA ARG A 613 -8.09 -17.97 -27.80
C ARG A 613 -9.46 -17.43 -27.40
N PHE A 614 -9.60 -17.04 -26.14
CA PHE A 614 -10.85 -16.47 -25.65
C PHE A 614 -11.14 -15.13 -26.32
N GLU A 615 -12.42 -14.91 -26.65
CA GLU A 615 -12.86 -13.65 -27.23
C GLU A 615 -14.27 -13.35 -26.79
N VAL A 616 -14.56 -12.07 -26.56
CA VAL A 616 -15.87 -11.62 -26.12
C VAL A 616 -16.36 -10.55 -27.09
N PHE A 617 -17.68 -10.43 -27.23
CA PHE A 617 -18.30 -9.46 -28.11
C PHE A 617 -19.48 -8.81 -27.39
N GLN A 618 -20.19 -7.94 -28.10
CA GLN A 618 -21.29 -7.17 -27.56
C GLN A 618 -22.48 -7.23 -28.50
N PRO A 619 -23.70 -7.08 -27.98
CA PRO A 619 -24.87 -7.11 -28.85
C PRO A 619 -24.88 -5.94 -29.83
N GLY A 620 -25.33 -6.23 -31.05
CA GLY A 620 -25.40 -5.23 -32.09
C GLY A 620 -24.09 -4.95 -32.80
N ASP A 621 -23.01 -5.63 -32.43
CA ASP A 621 -21.70 -5.41 -33.02
C ASP A 621 -21.35 -6.56 -33.96
N TYR A 622 -20.94 -6.23 -35.18
CA TYR A 622 -20.60 -7.26 -36.16
C TYR A 622 -19.42 -8.10 -35.67
N ILE A 623 -19.53 -9.41 -35.85
CA ILE A 623 -18.41 -10.31 -35.56
C ILE A 623 -17.57 -10.51 -36.82
N ILE A 624 -18.21 -10.90 -37.91
CA ILE A 624 -17.56 -10.95 -39.22
C ILE A 624 -18.37 -10.10 -40.19
N ARG A 625 -17.68 -9.37 -41.04
CA ARG A 625 -18.30 -8.39 -41.92
C ARG A 625 -18.50 -8.98 -43.33
N GLU A 626 -18.92 -8.14 -44.26
CA GLU A 626 -19.10 -8.50 -45.65
C GLU A 626 -17.90 -8.03 -46.47
N GLY A 627 -17.30 -8.96 -47.20
CA GLY A 627 -16.20 -8.62 -48.08
C GLY A 627 -14.85 -8.50 -47.42
N THR A 628 -14.76 -8.74 -46.12
CA THR A 628 -13.47 -8.70 -45.44
C THR A 628 -12.71 -10.00 -45.65
N ILE A 629 -11.39 -9.94 -45.43
CA ILE A 629 -10.57 -11.14 -45.56
C ILE A 629 -10.78 -12.02 -44.33
N GLY A 630 -11.19 -13.26 -44.56
CA GLY A 630 -11.34 -14.22 -43.48
C GLY A 630 -10.03 -14.53 -42.82
N LYS A 631 -9.99 -14.47 -41.49
CA LYS A 631 -8.71 -14.58 -40.80
C LYS A 631 -8.79 -15.55 -39.62
N LYS A 632 -10.00 -15.81 -39.12
CA LYS A 632 -10.13 -16.62 -37.90
C LYS A 632 -11.41 -17.44 -37.97
N MET A 633 -11.59 -18.28 -36.95
CA MET A 633 -12.72 -19.19 -36.83
C MET A 633 -13.29 -19.07 -35.43
N TYR A 634 -14.56 -19.43 -35.26
CA TYR A 634 -15.27 -19.15 -34.02
C TYR A 634 -16.05 -20.36 -33.55
N PHE A 635 -15.94 -20.67 -32.24
CA PHE A 635 -16.72 -21.71 -31.57
C PHE A 635 -17.53 -21.03 -30.47
N ILE A 636 -18.79 -20.70 -30.76
CA ILE A 636 -19.60 -19.97 -29.78
C ILE A 636 -19.82 -20.83 -28.54
N GLN A 637 -19.64 -20.21 -27.38
CA GLN A 637 -19.82 -20.86 -26.09
C GLN A 637 -21.00 -20.32 -25.30
N HIS A 638 -21.44 -19.11 -25.59
CA HIS A 638 -22.52 -18.48 -24.84
C HIS A 638 -23.25 -17.50 -25.75
N GLY A 639 -24.48 -17.17 -25.39
CA GLY A 639 -25.25 -16.20 -26.12
C GLY A 639 -25.77 -16.74 -27.44
N VAL A 640 -26.49 -15.87 -28.14
CA VAL A 640 -27.10 -16.19 -29.42
C VAL A 640 -26.59 -15.22 -30.48
N VAL A 641 -26.28 -15.74 -31.66
CA VAL A 641 -25.74 -14.94 -32.76
C VAL A 641 -26.73 -14.96 -33.91
N SER A 642 -26.88 -13.80 -34.56
CA SER A 642 -27.80 -13.64 -35.69
C SER A 642 -26.98 -13.62 -36.97
N VAL A 643 -27.13 -14.67 -37.79
CA VAL A 643 -26.41 -14.76 -39.05
C VAL A 643 -27.30 -14.22 -40.17
N LEU A 644 -26.77 -13.29 -40.93
CA LEU A 644 -27.48 -12.69 -42.06
C LEU A 644 -26.75 -13.07 -43.35
N THR A 645 -27.40 -13.87 -44.20
CA THR A 645 -26.81 -14.38 -45.43
C THR A 645 -27.75 -14.03 -46.59
N LYS A 646 -27.58 -12.82 -47.13
CA LYS A 646 -28.35 -12.34 -48.28
C LYS A 646 -29.84 -12.43 -47.93
N GLY A 647 -30.64 -13.17 -48.67
CA GLY A 647 -32.05 -13.32 -48.34
C GLY A 647 -32.30 -14.28 -47.21
N ASN A 648 -31.73 -13.98 -46.03
CA ASN A 648 -31.88 -14.82 -44.85
C ASN A 648 -32.37 -13.95 -43.70
N LYS A 649 -33.31 -14.48 -42.92
CA LYS A 649 -33.81 -13.79 -41.74
C LYS A 649 -32.81 -13.99 -40.61
N GLU A 650 -33.11 -13.47 -39.42
CA GLU A 650 -32.17 -13.52 -38.29
C GLU A 650 -32.13 -14.95 -37.75
N THR A 651 -31.41 -15.80 -38.48
CA THR A 651 -31.13 -17.14 -37.99
C THR A 651 -30.25 -17.08 -36.76
N LYS A 652 -30.65 -17.79 -35.70
CA LYS A 652 -30.02 -17.66 -34.39
C LYS A 652 -29.37 -18.99 -34.02
N LEU A 653 -28.03 -19.02 -34.07
CA LEU A 653 -27.29 -20.17 -33.58
C LEU A 653 -27.13 -20.08 -32.05
N ALA A 654 -26.84 -21.22 -31.44
CA ALA A 654 -26.83 -21.29 -29.98
C ALA A 654 -25.50 -21.81 -29.46
N ASP A 655 -25.44 -22.07 -28.15
CA ASP A 655 -24.21 -22.56 -27.53
C ASP A 655 -23.78 -23.88 -28.16
N GLY A 656 -22.49 -24.00 -28.43
CA GLY A 656 -21.94 -25.19 -29.06
C GLY A 656 -21.91 -25.15 -30.57
N SER A 657 -22.53 -24.16 -31.19
CA SER A 657 -22.54 -24.03 -32.65
C SER A 657 -21.20 -23.47 -33.11
N TYR A 658 -21.12 -23.11 -34.38
CA TYR A 658 -19.89 -22.57 -34.96
C TYR A 658 -20.22 -21.80 -36.21
N PHE A 659 -19.83 -20.52 -36.25
CA PHE A 659 -19.99 -19.67 -37.42
C PHE A 659 -18.63 -19.06 -37.76
N GLY A 660 -18.32 -19.03 -39.05
CA GLY A 660 -17.00 -18.63 -39.50
C GLY A 660 -16.08 -19.77 -39.85
N GLU A 661 -16.58 -21.01 -39.86
CA GLU A 661 -15.75 -22.15 -40.22
C GLU A 661 -15.25 -22.09 -41.65
N ILE A 662 -15.88 -21.27 -42.49
CA ILE A 662 -15.44 -21.13 -43.88
C ILE A 662 -14.04 -20.51 -43.90
N CYS A 663 -13.36 -20.70 -45.04
CA CYS A 663 -11.99 -20.23 -45.25
C CYS A 663 -11.07 -20.71 -44.13
N LEU A 664 -11.33 -21.91 -43.63
CA LEU A 664 -10.47 -22.49 -42.60
C LEU A 664 -9.07 -22.74 -43.15
N LEU A 665 -8.96 -23.12 -44.43
CA LEU A 665 -7.68 -23.14 -45.11
C LEU A 665 -7.73 -22.46 -46.48
N THR A 666 -8.91 -22.05 -46.95
CA THR A 666 -9.06 -21.42 -48.24
C THR A 666 -9.10 -19.90 -48.07
N ARG A 667 -9.41 -19.20 -49.16
CA ARG A 667 -9.47 -17.74 -49.15
C ARG A 667 -10.74 -17.25 -49.84
N GLY A 668 -10.83 -15.95 -50.09
CA GLY A 668 -11.97 -15.36 -50.73
C GLY A 668 -12.72 -14.40 -49.82
N ARG A 669 -13.61 -13.64 -50.43
CA ARG A 669 -14.40 -12.67 -49.69
C ARG A 669 -15.49 -13.36 -48.89
N ARG A 670 -16.03 -12.63 -47.91
CA ARG A 670 -17.02 -13.21 -47.02
C ARG A 670 -18.39 -13.27 -47.68
N THR A 671 -18.96 -14.48 -47.72
CA THR A 671 -20.28 -14.67 -48.32
C THR A 671 -21.41 -14.17 -47.42
N ALA A 672 -21.21 -14.19 -46.10
CA ALA A 672 -22.27 -13.84 -45.17
C ALA A 672 -21.73 -12.90 -44.11
N SER A 673 -22.64 -12.18 -43.47
CA SER A 673 -22.32 -11.28 -42.37
C SER A 673 -23.12 -11.66 -41.15
N VAL A 674 -22.42 -11.81 -40.02
CA VAL A 674 -23.04 -12.21 -38.77
C VAL A 674 -23.09 -11.01 -37.84
N ARG A 675 -23.96 -11.10 -36.83
CA ARG A 675 -24.13 -10.03 -35.86
C ARG A 675 -24.50 -10.64 -34.52
N ALA A 676 -23.98 -10.06 -33.44
CA ALA A 676 -24.20 -10.60 -32.11
C ALA A 676 -25.50 -10.08 -31.53
N ASP A 677 -26.37 -11.00 -31.13
CA ASP A 677 -27.61 -10.63 -30.47
C ASP A 677 -27.45 -10.44 -28.96
N THR A 678 -26.46 -11.06 -28.35
CA THR A 678 -26.23 -10.97 -26.91
C THR A 678 -24.73 -10.88 -26.67
N TYR A 679 -24.33 -10.99 -25.40
CA TYR A 679 -22.91 -10.95 -25.03
C TYR A 679 -22.30 -12.33 -25.27
N CYS A 680 -22.24 -12.70 -26.55
CA CYS A 680 -21.75 -14.01 -26.95
C CYS A 680 -20.25 -14.11 -26.67
N ARG A 681 -19.88 -14.99 -25.75
CA ARG A 681 -18.48 -15.19 -25.35
C ARG A 681 -17.90 -16.29 -26.22
N LEU A 682 -17.24 -15.88 -27.30
CA LEU A 682 -16.73 -16.78 -28.31
C LEU A 682 -15.39 -17.39 -27.90
N TYR A 683 -14.92 -18.33 -28.71
CA TYR A 683 -13.55 -18.85 -28.63
C TYR A 683 -12.95 -18.74 -30.02
N SER A 684 -12.17 -17.68 -30.25
CA SER A 684 -11.62 -17.42 -31.57
C SER A 684 -10.60 -18.48 -31.94
N LEU A 685 -10.33 -18.58 -33.24
CA LEU A 685 -9.36 -19.55 -33.74
C LEU A 685 -8.86 -19.04 -35.09
N SER A 686 -7.63 -18.53 -35.13
CA SER A 686 -7.12 -17.88 -36.31
C SER A 686 -6.73 -18.91 -37.39
N VAL A 687 -6.78 -18.46 -38.64
CA VAL A 687 -6.48 -19.35 -39.77
C VAL A 687 -5.02 -19.77 -39.76
N ASP A 688 -4.10 -18.84 -39.48
CA ASP A 688 -2.68 -19.17 -39.50
C ASP A 688 -2.34 -20.20 -38.42
N ASN A 689 -3.03 -20.16 -37.29
CA ASN A 689 -2.83 -21.20 -36.27
C ASN A 689 -3.25 -22.56 -36.80
N PHE A 690 -4.37 -22.61 -37.53
CA PHE A 690 -4.79 -23.86 -38.17
C PHE A 690 -3.73 -24.34 -39.16
N ASN A 691 -3.21 -23.43 -39.97
CA ASN A 691 -2.19 -23.80 -40.95
C ASN A 691 -0.95 -24.35 -40.26
N GLU A 692 -0.51 -23.71 -39.17
CA GLU A 692 0.72 -24.17 -38.53
C GLU A 692 0.51 -25.50 -37.80
N VAL A 693 -0.64 -25.68 -37.15
CA VAL A 693 -0.87 -26.97 -36.51
C VAL A 693 -0.98 -28.08 -37.54
N LEU A 694 -1.54 -27.81 -38.72
CA LEU A 694 -1.54 -28.84 -39.76
C LEU A 694 -0.14 -29.08 -40.35
N GLU A 695 0.70 -28.04 -40.42
CA GLU A 695 2.02 -28.29 -40.98
C GLU A 695 2.92 -29.02 -39.99
N GLU A 696 2.65 -28.91 -38.69
CA GLU A 696 3.41 -29.70 -37.71
C GLU A 696 2.70 -31.00 -37.35
N TYR A 697 1.47 -31.20 -37.81
CA TYR A 697 0.77 -32.49 -37.79
C TYR A 697 0.30 -32.81 -39.20
N PRO A 698 1.22 -33.22 -40.08
CA PRO A 698 0.83 -33.53 -41.46
C PRO A 698 0.17 -34.89 -41.63
N MET A 699 -0.24 -35.54 -40.53
CA MET A 699 -0.88 -36.85 -40.63
C MET A 699 -2.18 -36.78 -41.42
N MET A 700 -3.00 -35.77 -41.17
CA MET A 700 -4.27 -35.60 -41.88
C MET A 700 -4.29 -34.34 -42.75
N ARG A 701 -3.12 -33.90 -43.22
CA ARG A 701 -3.10 -32.84 -44.22
C ARG A 701 -3.82 -33.28 -45.49
N ARG A 702 -3.61 -34.53 -45.91
CA ARG A 702 -4.33 -35.06 -47.06
C ARG A 702 -5.80 -35.31 -46.75
N ALA A 703 -6.14 -35.54 -45.48
CA ALA A 703 -7.55 -35.66 -45.11
C ALA A 703 -8.26 -34.31 -45.21
N PHE A 704 -7.61 -33.25 -44.76
CA PHE A 704 -8.19 -31.91 -44.82
C PHE A 704 -7.95 -31.22 -46.16
N GLU A 705 -7.23 -31.85 -47.09
CA GLU A 705 -7.02 -31.25 -48.40
C GLU A 705 -8.32 -31.11 -49.17
N THR A 706 -9.27 -32.03 -48.96
CA THR A 706 -10.55 -31.97 -49.66
C THR A 706 -11.40 -30.80 -49.18
N MET B 222 -46.09 -9.60 -11.94
CA MET B 222 -44.91 -8.77 -11.71
C MET B 222 -43.69 -9.63 -11.43
N LEU B 223 -43.90 -10.94 -11.25
CA LEU B 223 -42.78 -11.83 -10.98
C LEU B 223 -41.84 -11.93 -12.18
N GLN B 224 -42.34 -11.68 -13.38
CA GLN B 224 -41.47 -11.67 -14.55
C GLN B 224 -40.49 -10.51 -14.47
N PRO B 225 -39.19 -10.76 -14.57
CA PRO B 225 -38.21 -9.67 -14.43
C PRO B 225 -38.15 -8.77 -15.65
N GLY B 226 -37.29 -7.76 -15.60
CA GLY B 226 -37.07 -6.88 -16.73
C GLY B 226 -37.55 -5.46 -16.49
N VAL B 227 -36.63 -4.57 -16.13
CA VAL B 227 -36.89 -3.14 -15.98
C VAL B 227 -35.73 -2.39 -16.62
N ASN B 228 -36.05 -1.34 -17.37
CA ASN B 228 -35.03 -0.61 -18.12
C ASN B 228 -34.00 0.05 -17.21
N LYS B 229 -34.29 0.21 -15.92
CA LYS B 229 -33.34 0.88 -15.03
C LYS B 229 -32.13 0.01 -14.75
N PHE B 230 -32.30 -1.30 -14.60
CA PHE B 230 -31.19 -2.16 -14.25
C PHE B 230 -31.06 -3.37 -15.18
N SER B 231 -32.20 -3.91 -15.64
CA SER B 231 -32.14 -5.09 -16.50
C SER B 231 -31.49 -4.77 -17.84
N LEU B 232 -31.78 -3.60 -18.40
CA LEU B 232 -31.15 -3.19 -19.65
C LEU B 232 -29.65 -2.99 -19.51
N ARG B 233 -29.16 -2.72 -18.30
CA ARG B 233 -27.73 -2.63 -18.08
C ARG B 233 -27.11 -3.95 -17.67
N MET B 234 -27.80 -4.72 -16.82
CA MET B 234 -27.35 -6.07 -16.50
C MET B 234 -27.34 -6.95 -17.74
N PHE B 235 -28.30 -6.73 -18.63
CA PHE B 235 -28.37 -7.42 -19.92
C PHE B 235 -28.55 -6.35 -20.99
N GLY B 236 -27.48 -6.07 -21.72
CA GLY B 236 -27.51 -4.96 -22.67
C GLY B 236 -28.57 -5.12 -23.74
N SER B 237 -28.66 -6.31 -24.32
CA SER B 237 -29.65 -6.56 -25.37
C SER B 237 -31.02 -6.84 -24.78
N GLN B 238 -32.06 -6.57 -25.57
CA GLN B 238 -33.41 -6.84 -25.13
C GLN B 238 -33.66 -8.33 -24.95
N LYS B 239 -33.18 -9.14 -25.91
CA LYS B 239 -33.53 -10.57 -25.92
C LYS B 239 -33.09 -11.27 -24.64
N ALA B 240 -31.88 -10.95 -24.16
CA ALA B 240 -31.41 -11.54 -22.91
C ALA B 240 -32.41 -11.30 -21.79
N VAL B 241 -32.93 -10.08 -21.69
CA VAL B 241 -33.96 -9.78 -20.70
C VAL B 241 -35.17 -10.70 -20.92
N GLU B 242 -35.62 -10.80 -22.17
CA GLU B 242 -36.70 -11.73 -22.48
C GLU B 242 -36.32 -13.16 -22.08
N ARG B 243 -35.04 -13.52 -22.26
CA ARG B 243 -34.59 -14.83 -21.81
C ARG B 243 -34.86 -15.01 -20.32
N GLU B 244 -34.53 -13.99 -19.53
CA GLU B 244 -34.85 -14.04 -18.10
C GLU B 244 -36.33 -14.35 -17.91
N GLN B 245 -37.19 -13.69 -18.68
CA GLN B 245 -38.62 -13.96 -18.57
C GLN B 245 -38.93 -15.43 -18.87
N GLU B 246 -38.36 -15.97 -19.96
CA GLU B 246 -38.66 -17.36 -20.26
C GLU B 246 -38.01 -18.29 -19.26
N ARG B 247 -37.03 -17.80 -18.49
CA ARG B 247 -36.52 -18.60 -17.37
C ARG B 247 -37.63 -18.93 -16.40
N VAL B 248 -38.54 -17.98 -16.16
CA VAL B 248 -39.71 -18.28 -15.34
C VAL B 248 -40.62 -19.27 -16.05
N LYS B 249 -40.70 -19.18 -17.38
CA LYS B 249 -41.56 -20.07 -18.15
C LYS B 249 -40.97 -21.47 -18.23
N ILE B 256 -40.25 -16.33 -6.11
CA ILE B 256 -40.16 -15.01 -6.71
C ILE B 256 -38.82 -14.84 -7.41
N HIS B 257 -38.83 -14.13 -8.54
CA HIS B 257 -37.61 -13.93 -9.30
C HIS B 257 -36.74 -12.87 -8.63
N PRO B 258 -35.42 -13.03 -8.67
CA PRO B 258 -34.54 -12.01 -8.05
C PRO B 258 -34.71 -10.62 -8.62
N TYR B 259 -34.95 -10.50 -9.92
CA TYR B 259 -34.98 -9.21 -10.60
C TYR B 259 -36.40 -8.70 -10.86
N SER B 260 -37.41 -9.33 -10.28
CA SER B 260 -38.78 -8.87 -10.46
C SER B 260 -39.00 -7.51 -9.79
N ASP B 261 -39.85 -6.70 -10.41
CA ASP B 261 -40.15 -5.37 -9.86
C ASP B 261 -40.85 -5.47 -8.51
N PHE B 262 -41.70 -6.48 -8.33
CA PHE B 262 -42.32 -6.68 -7.03
C PHE B 262 -41.28 -6.96 -5.97
N ARG B 263 -40.21 -7.69 -6.32
CA ARG B 263 -39.11 -7.89 -5.40
C ARG B 263 -38.45 -6.56 -5.04
N PHE B 264 -38.31 -5.66 -6.03
CA PHE B 264 -37.73 -4.35 -5.75
C PHE B 264 -38.57 -3.57 -4.77
N TYR B 265 -39.89 -3.53 -5.00
CA TYR B 265 -40.78 -2.80 -4.08
C TYR B 265 -40.76 -3.42 -2.69
N TRP B 266 -40.79 -4.76 -2.62
CA TRP B 266 -40.79 -5.45 -1.34
C TRP B 266 -39.50 -5.16 -0.57
N ASP B 267 -38.36 -5.21 -1.26
CA ASP B 267 -37.10 -4.97 -0.56
C ASP B 267 -36.91 -3.51 -0.20
N LEU B 268 -37.47 -2.59 -0.99
CA LEU B 268 -37.42 -1.17 -0.60
C LEU B 268 -38.24 -0.94 0.67
N THR B 269 -39.47 -1.46 0.70
CA THR B 269 -40.29 -1.34 1.90
C THR B 269 -39.63 -2.02 3.09
N MET B 270 -38.99 -3.17 2.83
CA MET B 270 -38.23 -3.88 3.85
C MET B 270 -37.17 -2.96 4.42
N LEU B 271 -36.19 -2.58 3.60
CA LEU B 271 -35.10 -1.71 4.04
C LEU B 271 -35.64 -0.54 4.86
N LEU B 272 -36.68 0.13 4.37
CA LEU B 272 -37.26 1.24 5.10
C LEU B 272 -37.70 0.83 6.51
N LEU B 273 -38.66 -0.11 6.58
CA LEU B 273 -39.28 -0.43 7.87
C LEU B 273 -38.28 -1.10 8.82
N MET B 274 -37.41 -1.95 8.31
CA MET B 274 -36.45 -2.66 9.13
C MET B 274 -35.30 -1.76 9.59
N VAL B 275 -34.88 -0.79 8.78
CA VAL B 275 -33.94 0.22 9.30
C VAL B 275 -34.61 1.06 10.38
N GLY B 276 -35.88 1.40 10.17
CA GLY B 276 -36.63 2.06 11.24
C GLY B 276 -36.64 1.25 12.52
N ASN B 277 -36.82 -0.07 12.38
CA ASN B 277 -36.75 -0.95 13.54
C ASN B 277 -35.38 -0.88 14.20
N LEU B 278 -34.31 -1.07 13.42
CA LEU B 278 -32.96 -1.04 13.96
C LEU B 278 -32.64 0.27 14.65
N ILE B 279 -33.30 1.35 14.26
CA ILE B 279 -33.07 2.64 14.92
C ILE B 279 -33.95 2.80 16.16
N ILE B 280 -35.22 2.41 16.11
CA ILE B 280 -36.13 2.79 17.18
C ILE B 280 -36.23 1.74 18.29
N ILE B 281 -36.07 0.45 17.98
CA ILE B 281 -36.25 -0.60 19.00
C ILE B 281 -35.27 -0.44 20.17
N PRO B 282 -33.97 -0.21 19.94
CA PRO B 282 -33.09 0.00 21.11
C PRO B 282 -33.50 1.18 21.97
N VAL B 283 -34.06 2.23 21.39
CA VAL B 283 -34.55 3.36 22.18
C VAL B 283 -35.74 2.93 23.03
N GLY B 284 -36.71 2.25 22.42
CA GLY B 284 -37.91 1.91 23.15
C GLY B 284 -37.70 0.87 24.24
N ILE B 285 -36.88 -0.14 23.97
CA ILE B 285 -36.75 -1.24 24.91
C ILE B 285 -35.77 -0.91 26.03
N THR B 286 -34.76 -0.08 25.77
CA THR B 286 -33.80 0.29 26.81
C THR B 286 -34.29 1.49 27.62
N PHE B 287 -34.61 2.59 26.95
CA PHE B 287 -35.19 3.74 27.62
C PHE B 287 -36.68 3.52 27.83
N PHE B 288 -37.34 4.52 28.44
CA PHE B 288 -38.77 4.50 28.69
C PHE B 288 -39.20 3.40 29.65
N LYS B 289 -40.42 3.50 30.14
CA LYS B 289 -41.04 2.46 30.96
C LYS B 289 -42.46 2.23 30.47
N ASP B 290 -43.09 1.18 30.99
CA ASP B 290 -44.40 0.72 30.54
C ASP B 290 -44.35 0.39 29.04
N GLU B 291 -43.52 -0.60 28.72
CA GLU B 291 -43.35 -1.03 27.33
C GLU B 291 -44.62 -1.62 26.74
N ASN B 292 -45.50 -2.16 27.58
CA ASN B 292 -46.75 -2.76 27.12
C ASN B 292 -47.77 -1.74 26.64
N THR B 293 -47.42 -0.47 26.49
CA THR B 293 -48.35 0.52 25.97
C THR B 293 -48.70 0.21 24.51
N THR B 294 -49.87 0.68 24.09
CA THR B 294 -50.41 0.28 22.79
C THR B 294 -49.51 0.63 21.61
N PRO B 295 -48.94 1.83 21.48
CA PRO B 295 -48.19 2.14 20.25
C PRO B 295 -46.98 1.24 20.03
N TRP B 296 -46.14 1.07 21.06
CA TRP B 296 -44.97 0.21 20.91
C TRP B 296 -45.37 -1.24 20.65
N ILE B 297 -46.41 -1.72 21.33
CA ILE B 297 -46.86 -3.09 21.13
C ILE B 297 -47.32 -3.31 19.70
N VAL B 298 -48.16 -2.41 19.18
CA VAL B 298 -48.67 -2.60 17.82
C VAL B 298 -47.55 -2.45 16.79
N PHE B 299 -46.61 -1.53 17.03
CA PHE B 299 -45.48 -1.37 16.12
C PHE B 299 -44.64 -2.64 16.10
N ASN B 300 -44.33 -3.20 17.27
CA ASN B 300 -43.54 -4.41 17.33
C ASN B 300 -44.25 -5.58 16.64
N VAL B 301 -45.55 -5.73 16.90
CA VAL B 301 -46.25 -6.89 16.34
C VAL B 301 -46.39 -6.75 14.82
N VAL B 302 -46.64 -5.54 14.31
CA VAL B 302 -46.77 -5.39 12.86
C VAL B 302 -45.42 -5.62 12.19
N SER B 303 -44.33 -5.09 12.77
CA SER B 303 -43.01 -5.32 12.21
C SER B 303 -42.68 -6.80 12.20
N ASP B 304 -42.97 -7.49 13.31
CA ASP B 304 -42.63 -8.91 13.38
C ASP B 304 -43.51 -9.75 12.46
N THR B 305 -44.78 -9.38 12.28
CA THR B 305 -45.61 -10.10 11.33
C THR B 305 -45.08 -9.94 9.91
N PHE B 306 -44.63 -8.73 9.55
CA PHE B 306 -43.96 -8.56 8.27
C PHE B 306 -42.71 -9.42 8.19
N PHE B 307 -42.00 -9.57 9.32
CA PHE B 307 -40.80 -10.40 9.33
C PHE B 307 -41.14 -11.88 9.10
N LEU B 308 -42.21 -12.38 9.72
CA LEU B 308 -42.67 -13.74 9.41
C LEU B 308 -43.08 -13.85 7.94
N ILE B 309 -43.71 -12.81 7.40
CA ILE B 309 -44.12 -12.83 5.99
C ILE B 309 -42.91 -13.00 5.08
N ASP B 310 -41.86 -12.20 5.30
CA ASP B 310 -40.68 -12.34 4.47
C ASP B 310 -39.93 -13.64 4.76
N LEU B 311 -40.05 -14.15 5.99
CA LEU B 311 -39.42 -15.42 6.33
C LEU B 311 -40.03 -16.57 5.53
N VAL B 312 -41.36 -16.65 5.51
CA VAL B 312 -42.01 -17.67 4.70
C VAL B 312 -41.83 -17.38 3.21
N LEU B 313 -41.66 -16.12 2.83
CA LEU B 313 -41.34 -15.79 1.44
C LEU B 313 -39.95 -16.31 1.06
N ASN B 314 -39.02 -16.35 2.01
CA ASN B 314 -37.67 -16.85 1.72
C ASN B 314 -37.67 -18.32 1.34
N PHE B 315 -38.73 -19.05 1.65
CA PHE B 315 -38.86 -20.44 1.21
C PHE B 315 -39.45 -20.55 -0.20
N ARG B 316 -39.76 -19.43 -0.85
CA ARG B 316 -40.16 -19.41 -2.26
C ARG B 316 -39.55 -18.14 -2.86
N THR B 317 -38.35 -18.28 -3.41
CA THR B 317 -37.60 -17.16 -3.95
C THR B 317 -36.44 -17.71 -4.77
N GLY B 318 -35.56 -16.81 -5.20
CA GLY B 318 -34.37 -17.21 -5.93
C GLY B 318 -33.26 -16.20 -5.72
N ILE B 319 -32.03 -16.69 -5.79
CA ILE B 319 -30.84 -15.87 -5.66
C ILE B 319 -29.84 -16.25 -6.73
N VAL B 320 -28.89 -15.36 -6.99
CA VAL B 320 -27.80 -15.66 -7.91
C VAL B 320 -26.68 -16.37 -7.14
N VAL B 321 -26.22 -17.49 -7.67
CA VAL B 321 -25.20 -18.31 -7.03
C VAL B 321 -23.90 -18.18 -7.80
N GLU B 322 -22.82 -17.88 -7.06
CA GLU B 322 -21.46 -17.69 -7.59
C GLU B 322 -21.45 -16.90 -8.89
N ASP B 323 -22.31 -15.88 -8.98
CA ASP B 323 -22.58 -14.95 -10.07
C ASP B 323 -23.37 -15.61 -11.21
N ASN B 324 -23.65 -16.90 -11.14
CA ASN B 324 -24.45 -17.56 -12.18
C ASN B 324 -25.92 -17.28 -11.95
N THR B 325 -26.62 -16.89 -13.02
CA THR B 325 -28.04 -16.56 -12.94
C THR B 325 -28.84 -17.85 -12.84
N ASP B 326 -29.30 -18.18 -11.64
CA ASP B 326 -30.12 -19.36 -11.40
C ASP B 326 -31.43 -18.92 -10.76
N ILE B 327 -32.55 -19.27 -11.40
CA ILE B 327 -33.85 -18.81 -10.95
C ILE B 327 -34.26 -19.47 -9.64
N ILE B 328 -34.04 -20.78 -9.53
CA ILE B 328 -34.46 -21.58 -8.37
C ILE B 328 -35.96 -21.39 -8.13
N LEU B 329 -36.77 -21.61 -9.16
CA LEU B 329 -38.22 -21.62 -9.00
C LEU B 329 -38.72 -22.88 -8.29
N ASP B 330 -37.90 -23.92 -8.19
CA ASP B 330 -38.31 -25.13 -7.51
C ASP B 330 -38.27 -24.93 -6.01
N PRO B 331 -39.37 -25.12 -5.30
CA PRO B 331 -39.33 -24.97 -3.82
C PRO B 331 -38.37 -25.95 -3.16
N ARG B 332 -38.20 -27.16 -3.71
CA ARG B 332 -37.30 -28.13 -3.11
C ARG B 332 -35.87 -27.62 -3.09
N ARG B 333 -35.42 -27.00 -4.19
CA ARG B 333 -34.08 -26.44 -4.23
C ARG B 333 -33.93 -25.28 -3.25
N ILE B 334 -34.90 -24.36 -3.25
CA ILE B 334 -34.81 -23.15 -2.44
C ILE B 334 -35.10 -23.50 -0.98
N LYS B 335 -35.36 -24.77 -0.69
CA LYS B 335 -35.38 -25.27 0.67
C LYS B 335 -34.08 -25.98 1.04
N MET B 336 -33.64 -26.94 0.21
CA MET B 336 -32.46 -27.73 0.54
C MET B 336 -31.20 -26.88 0.53
N LYS B 337 -30.99 -26.09 -0.53
CA LYS B 337 -29.79 -25.25 -0.56
C LYS B 337 -29.89 -24.07 0.39
N TYR B 338 -31.10 -23.67 0.76
CA TYR B 338 -31.27 -22.63 1.78
C TYR B 338 -31.06 -23.17 3.18
N LEU B 339 -31.13 -24.49 3.36
CA LEU B 339 -30.83 -25.13 4.64
C LEU B 339 -29.35 -25.07 5.03
N LYS B 340 -28.51 -24.35 4.27
CA LYS B 340 -27.12 -24.11 4.65
C LYS B 340 -26.84 -22.63 4.86
N SER B 341 -27.86 -21.78 4.76
CA SER B 341 -27.71 -20.34 4.92
C SER B 341 -27.90 -19.96 6.39
N TRP B 342 -28.12 -18.67 6.65
CA TRP B 342 -28.38 -18.16 8.00
C TRP B 342 -29.85 -18.24 8.37
N PHE B 343 -30.57 -19.21 7.82
CA PHE B 343 -32.01 -19.33 8.04
C PHE B 343 -32.36 -19.41 9.51
N VAL B 344 -31.46 -19.95 10.34
CA VAL B 344 -31.74 -20.06 11.77
C VAL B 344 -31.77 -18.67 12.41
N VAL B 345 -30.91 -17.77 11.95
CA VAL B 345 -30.93 -16.40 12.46
C VAL B 345 -32.26 -15.72 12.14
N ASP B 346 -32.73 -15.89 10.89
CA ASP B 346 -34.02 -15.31 10.52
C ASP B 346 -35.17 -16.00 11.26
N PHE B 347 -35.03 -17.29 11.55
CA PHE B 347 -36.05 -17.98 12.34
C PHE B 347 -36.16 -17.39 13.74
N VAL B 348 -35.02 -17.29 14.44
CA VAL B 348 -35.06 -16.78 15.80
C VAL B 348 -35.46 -15.31 15.84
N SER B 349 -35.04 -14.53 14.84
CA SER B 349 -35.38 -13.10 14.84
C SER B 349 -36.85 -12.89 14.50
N SER B 350 -37.36 -13.57 13.48
CA SER B 350 -38.70 -13.33 12.97
C SER B 350 -39.74 -14.24 13.62
N ILE B 351 -39.74 -14.27 14.94
CA ILE B 351 -40.81 -14.89 15.73
C ILE B 351 -41.01 -14.04 16.98
N PRO B 352 -42.26 -13.77 17.38
CA PRO B 352 -42.48 -12.92 18.56
C PRO B 352 -42.06 -13.60 19.85
N VAL B 353 -40.74 -13.69 20.08
CA VAL B 353 -40.23 -14.42 21.24
C VAL B 353 -40.74 -13.80 22.53
N ASP B 354 -40.76 -12.47 22.60
CA ASP B 354 -41.15 -11.79 23.83
C ASP B 354 -42.58 -12.15 24.23
N TYR B 355 -43.50 -12.13 23.28
CA TYR B 355 -44.89 -12.45 23.61
C TYR B 355 -45.07 -13.93 23.86
N ILE B 356 -44.51 -14.79 23.00
CA ILE B 356 -44.75 -16.23 23.13
C ILE B 356 -44.08 -16.77 24.39
N PHE B 357 -42.90 -16.26 24.74
CA PHE B 357 -42.24 -16.71 25.96
C PHE B 357 -43.03 -16.27 27.18
N LEU B 358 -43.65 -15.09 27.11
CA LEU B 358 -44.53 -14.63 28.19
C LEU B 358 -45.76 -15.52 28.30
N ILE B 359 -46.33 -15.92 27.16
CA ILE B 359 -47.54 -16.74 27.19
C ILE B 359 -47.24 -18.13 27.72
N VAL B 360 -46.17 -18.76 27.23
CA VAL B 360 -45.86 -20.12 27.67
C VAL B 360 -45.53 -20.16 29.15
N GLU B 361 -44.88 -19.12 29.67
CA GLU B 361 -44.64 -19.04 31.11
C GLU B 361 -45.96 -18.84 31.86
N THR B 362 -46.85 -18.01 31.33
CA THR B 362 -48.14 -17.77 31.96
C THR B 362 -49.18 -18.79 31.50
N ARG B 373 -40.83 -12.84 41.20
CA ARG B 373 -40.33 -13.46 39.98
C ARG B 373 -40.75 -12.65 38.75
N ALA B 374 -41.68 -11.72 38.94
CA ALA B 374 -42.15 -10.90 37.83
C ALA B 374 -41.02 -10.05 37.26
N LEU B 375 -40.20 -9.45 38.13
CA LEU B 375 -39.06 -8.67 37.65
C LEU B 375 -38.07 -9.55 36.89
N ARG B 376 -37.85 -10.78 37.37
CA ARG B 376 -36.94 -11.68 36.67
C ARG B 376 -37.47 -12.03 35.29
N ILE B 377 -38.78 -12.30 35.18
CA ILE B 377 -39.39 -12.60 33.88
C ILE B 377 -39.27 -11.38 32.97
N VAL B 378 -39.42 -10.18 33.53
CA VAL B 378 -39.18 -8.96 32.76
C VAL B 378 -37.75 -8.95 32.25
N ARG B 379 -36.79 -9.38 33.08
CA ARG B 379 -35.41 -9.43 32.63
C ARG B 379 -35.24 -10.37 31.44
N PHE B 380 -35.80 -11.58 31.51
CA PHE B 380 -35.68 -12.46 30.34
C PHE B 380 -36.34 -11.83 29.11
N THR B 381 -37.56 -11.31 29.26
CA THR B 381 -38.26 -10.83 28.08
C THR B 381 -37.53 -9.65 27.46
N LYS B 382 -36.89 -8.81 28.29
CA LYS B 382 -36.14 -7.69 27.75
C LYS B 382 -34.88 -8.16 27.04
N ILE B 383 -34.10 -9.04 27.68
CA ILE B 383 -32.83 -9.45 27.08
C ILE B 383 -33.09 -10.22 25.78
N LEU B 384 -34.17 -10.99 25.72
CA LEU B 384 -34.53 -11.65 24.46
C LEU B 384 -35.16 -10.68 23.46
N SER B 385 -35.82 -9.62 23.94
CA SER B 385 -36.30 -8.60 23.02
C SER B 385 -35.15 -7.90 22.31
N LEU B 386 -33.99 -7.84 22.96
CA LEU B 386 -32.79 -7.39 22.26
C LEU B 386 -32.45 -8.27 21.05
N LEU B 387 -32.95 -9.50 21.01
CA LEU B 387 -32.69 -10.36 19.85
C LEU B 387 -33.37 -9.87 18.57
N ARG B 388 -34.29 -8.91 18.67
CA ARG B 388 -34.88 -8.33 17.47
C ARG B 388 -33.87 -7.55 16.64
N LEU B 389 -32.71 -7.23 17.22
CA LEU B 389 -31.66 -6.53 16.49
C LEU B 389 -30.86 -7.46 15.59
N LEU B 390 -31.26 -8.72 15.47
CA LEU B 390 -30.59 -9.67 14.58
C LEU B 390 -30.93 -9.36 13.13
N ARG B 391 -31.82 -8.39 12.90
CA ARG B 391 -32.17 -7.96 11.56
C ARG B 391 -31.01 -7.28 10.85
N LEU B 392 -29.92 -6.98 11.55
CA LEU B 392 -28.71 -6.50 10.89
C LEU B 392 -28.24 -7.50 9.84
N SER B 393 -28.43 -8.80 10.09
CA SER B 393 -28.10 -9.79 9.08
C SER B 393 -28.91 -9.60 7.82
N ARG B 394 -30.23 -9.37 7.98
CA ARG B 394 -31.07 -9.08 6.83
C ARG B 394 -30.61 -7.82 6.11
N LEU B 395 -30.26 -6.79 6.88
CA LEU B 395 -29.81 -5.53 6.29
C LEU B 395 -28.56 -5.74 5.45
N ILE B 396 -27.55 -6.41 6.02
CA ILE B 396 -26.29 -6.55 5.31
C ILE B 396 -26.45 -7.47 4.10
N ARG B 397 -27.25 -8.54 4.21
CA ARG B 397 -27.42 -9.42 3.07
C ARG B 397 -28.20 -8.72 1.96
N TYR B 398 -29.24 -7.95 2.30
CA TYR B 398 -30.00 -7.24 1.28
C TYR B 398 -29.15 -6.16 0.62
N ILE B 399 -28.29 -5.49 1.39
CA ILE B 399 -27.38 -4.53 0.79
C ILE B 399 -26.39 -5.21 -0.14
N HIS B 400 -25.84 -6.35 0.28
CA HIS B 400 -24.85 -7.06 -0.54
C HIS B 400 -25.47 -7.54 -1.85
N GLN B 401 -26.69 -8.08 -1.80
CA GLN B 401 -27.34 -8.49 -3.04
C GLN B 401 -27.73 -7.31 -3.92
N TRP B 402 -27.77 -6.09 -3.37
CA TRP B 402 -28.15 -4.91 -4.15
C TRP B 402 -27.09 -3.82 -4.15
N GLU B 403 -25.85 -4.15 -3.80
CA GLU B 403 -24.76 -3.18 -3.99
C GLU B 403 -24.35 -3.09 -5.45
N GLU B 404 -24.36 -4.23 -6.16
CA GLU B 404 -23.91 -4.27 -7.54
C GLU B 404 -24.98 -3.86 -8.54
N ILE B 405 -26.25 -3.82 -8.13
CA ILE B 405 -27.31 -3.52 -9.08
C ILE B 405 -27.27 -2.05 -9.51
N PHE B 406 -26.98 -1.15 -8.58
CA PHE B 406 -27.04 0.28 -8.82
C PHE B 406 -25.64 0.87 -8.83
N HIS B 407 -25.28 1.49 -9.96
CA HIS B 407 -24.03 2.23 -10.08
C HIS B 407 -24.24 3.39 -11.04
N MET B 408 -23.60 4.51 -10.74
CA MET B 408 -23.62 5.69 -11.60
C MET B 408 -22.23 6.01 -12.14
N THR B 409 -21.25 6.16 -11.26
CA THR B 409 -19.86 6.36 -11.65
C THR B 409 -18.98 6.05 -10.44
N TYR B 410 -17.91 5.29 -10.66
CA TYR B 410 -17.03 4.86 -9.58
C TYR B 410 -16.15 6.00 -9.05
N ASP B 411 -16.39 7.24 -9.49
CA ASP B 411 -15.61 8.36 -8.99
C ASP B 411 -16.06 8.73 -7.59
N LEU B 412 -15.67 9.92 -7.13
CA LEU B 412 -16.00 10.35 -5.76
C LEU B 412 -17.47 10.11 -5.41
N ALA B 413 -18.36 10.05 -6.40
CA ALA B 413 -19.77 9.83 -6.13
C ALA B 413 -20.01 8.46 -5.48
N SER B 414 -19.40 7.41 -6.03
CA SER B 414 -19.56 6.08 -5.43
C SER B 414 -18.74 5.96 -4.16
N ALA B 415 -17.55 6.54 -4.14
CA ALA B 415 -16.70 6.48 -2.95
C ALA B 415 -17.37 7.15 -1.75
N VAL B 416 -18.00 8.30 -1.97
CA VAL B 416 -18.69 8.96 -0.86
C VAL B 416 -19.88 8.13 -0.42
N VAL B 417 -20.51 7.41 -1.35
CA VAL B 417 -21.62 6.54 -0.98
C VAL B 417 -21.13 5.43 -0.05
N ARG B 418 -20.01 4.79 -0.41
CA ARG B 418 -19.48 3.72 0.43
C ARG B 418 -19.06 4.25 1.80
N ILE B 419 -18.38 5.40 1.83
CA ILE B 419 -17.92 5.91 3.12
C ILE B 419 -19.10 6.39 3.97
N VAL B 420 -20.16 6.90 3.34
CA VAL B 420 -21.35 7.28 4.09
C VAL B 420 -22.05 6.05 4.64
N ASN B 421 -22.06 4.95 3.89
CA ASN B 421 -22.59 3.70 4.42
C ASN B 421 -21.78 3.23 5.63
N LEU B 422 -20.46 3.33 5.55
CA LEU B 422 -19.63 2.96 6.70
C LEU B 422 -19.91 3.84 7.90
N ILE B 423 -20.04 5.15 7.68
CA ILE B 423 -20.33 6.07 8.78
C ILE B 423 -21.70 5.78 9.38
N GLY B 424 -22.69 5.48 8.53
CA GLY B 424 -24.00 5.13 9.05
C GLY B 424 -23.97 3.87 9.89
N MET B 425 -23.24 2.85 9.44
CA MET B 425 -23.10 1.64 10.23
C MET B 425 -22.41 1.92 11.55
N MET B 426 -21.39 2.78 11.54
CA MET B 426 -20.68 3.09 12.77
C MET B 426 -21.57 3.86 13.75
N LEU B 427 -22.36 4.81 13.26
CA LEU B 427 -23.28 5.53 14.14
C LEU B 427 -24.39 4.62 14.64
N LEU B 428 -24.81 3.63 13.84
CA LEU B 428 -25.74 2.63 14.36
C LEU B 428 -25.09 1.83 15.49
N LEU B 429 -23.82 1.47 15.33
CA LEU B 429 -23.10 0.78 16.39
C LEU B 429 -23.02 1.64 17.66
N CYS B 430 -22.76 2.93 17.49
CA CYS B 430 -22.68 3.82 18.64
C CYS B 430 -24.02 3.99 19.33
N HIS B 431 -25.10 4.07 18.55
CA HIS B 431 -26.44 4.13 19.11
C HIS B 431 -26.73 2.86 19.92
N TRP B 432 -26.39 1.70 19.36
CA TRP B 432 -26.59 0.44 20.07
C TRP B 432 -25.78 0.40 21.36
N ASP B 433 -24.52 0.87 21.31
CA ASP B 433 -23.67 0.86 22.48
C ASP B 433 -24.17 1.82 23.55
N GLY B 434 -24.67 2.98 23.15
CA GLY B 434 -25.27 3.89 24.13
C GLY B 434 -26.51 3.30 24.78
N CYS B 435 -27.38 2.68 23.99
CA CYS B 435 -28.55 2.03 24.56
C CYS B 435 -28.14 0.90 25.50
N LEU B 436 -27.09 0.15 25.14
CA LEU B 436 -26.60 -0.92 26.00
C LEU B 436 -26.06 -0.37 27.31
N GLN B 437 -25.29 0.72 27.26
CA GLN B 437 -24.74 1.31 28.47
C GLN B 437 -25.79 2.00 29.32
N PHE B 438 -26.93 2.34 28.73
CA PHE B 438 -28.04 2.85 29.55
C PHE B 438 -28.91 1.74 30.10
N LEU B 439 -28.98 0.60 29.42
CA LEU B 439 -29.85 -0.50 29.82
C LEU B 439 -29.20 -1.40 30.86
N VAL B 440 -27.92 -1.72 30.71
CA VAL B 440 -27.26 -2.63 31.65
C VAL B 440 -27.36 -2.12 33.09
N PRO B 441 -27.16 -0.84 33.39
CA PRO B 441 -27.53 -0.35 34.72
C PRO B 441 -29.00 -0.56 35.05
N MET B 442 -29.91 -0.23 34.11
CA MET B 442 -31.33 -0.40 34.38
C MET B 442 -31.69 -1.88 34.56
N LEU B 443 -31.04 -2.77 33.80
CA LEU B 443 -31.27 -4.20 33.98
C LEU B 443 -30.89 -4.63 35.38
N GLN B 444 -29.78 -4.12 35.90
CA GLN B 444 -29.40 -4.40 37.28
C GLN B 444 -30.23 -3.59 38.27
N ASP B 445 -31.07 -2.68 37.76
CA ASP B 445 -31.74 -1.63 38.54
C ASP B 445 -30.68 -0.63 39.00
N PHE B 446 -31.09 0.49 39.58
CA PHE B 446 -30.19 1.62 39.81
C PHE B 446 -29.08 1.27 40.80
N PRO B 447 -27.82 1.32 40.38
CA PRO B 447 -26.72 1.10 41.32
C PRO B 447 -26.36 2.38 42.06
N ASP B 448 -25.43 2.25 42.99
CA ASP B 448 -24.78 3.42 43.56
C ASP B 448 -23.40 3.67 42.95
N ASP B 449 -22.84 2.66 42.27
CA ASP B 449 -21.54 2.79 41.63
C ASP B 449 -21.68 2.85 40.12
N CYS B 450 -22.78 3.39 39.63
CA CYS B 450 -23.05 3.48 38.20
C CYS B 450 -22.86 4.91 37.71
N TRP B 451 -22.56 5.02 36.42
CA TRP B 451 -22.41 6.35 35.81
C TRP B 451 -23.71 7.12 35.86
N VAL B 452 -24.85 6.42 35.93
CA VAL B 452 -26.14 7.11 36.00
C VAL B 452 -26.31 7.80 37.34
N SER B 453 -25.97 7.11 38.44
CA SER B 453 -26.15 7.69 39.76
C SER B 453 -25.21 8.87 39.98
N LEU B 454 -23.93 8.71 39.62
CA LEU B 454 -22.97 9.79 39.80
C LEU B 454 -23.33 11.01 38.94
N ASN B 455 -23.79 10.77 37.72
CA ASN B 455 -24.21 11.85 36.84
C ASN B 455 -25.62 12.36 37.15
N ASN B 456 -26.32 11.71 38.09
CA ASN B 456 -27.67 12.11 38.48
C ASN B 456 -28.64 12.08 37.30
N MET B 457 -28.45 11.14 36.39
CA MET B 457 -29.32 10.99 35.22
C MET B 457 -30.40 9.94 35.51
N VAL B 458 -31.18 10.23 36.55
CA VAL B 458 -32.17 9.28 37.04
C VAL B 458 -33.50 9.49 36.33
N ASN B 459 -34.10 10.67 36.51
CA ASN B 459 -35.44 10.97 36.00
C ASN B 459 -35.47 12.32 35.31
N ASN B 460 -34.50 12.57 34.42
CA ASN B 460 -34.45 13.85 33.72
C ASN B 460 -35.23 13.80 32.41
N SER B 461 -34.80 12.96 31.46
CA SER B 461 -35.45 12.82 30.17
C SER B 461 -34.80 11.71 29.37
N TRP B 462 -35.56 11.11 28.45
CA TRP B 462 -34.98 10.09 27.57
C TRP B 462 -34.06 10.70 26.53
N GLY B 463 -34.35 11.95 26.11
CA GLY B 463 -33.49 12.59 25.13
C GLY B 463 -32.09 12.86 25.66
N LYS B 464 -32.00 13.46 26.85
CA LYS B 464 -30.70 13.74 27.44
C LYS B 464 -29.96 12.46 27.80
N GLN B 465 -30.67 11.47 28.32
CA GLN B 465 -30.04 10.20 28.67
C GLN B 465 -29.47 9.52 27.43
N TYR B 466 -30.24 9.50 26.33
CA TYR B 466 -29.73 8.95 25.08
C TYR B 466 -28.54 9.75 24.58
N SER B 467 -28.61 11.08 24.67
CA SER B 467 -27.52 11.91 24.20
C SER B 467 -26.23 11.61 24.97
N TYR B 468 -26.32 11.46 26.29
CA TYR B 468 -25.13 11.20 27.08
C TYR B 468 -24.62 9.77 26.92
N ALA B 469 -25.51 8.80 26.71
CA ALA B 469 -25.06 7.45 26.41
C ALA B 469 -24.33 7.39 25.08
N LEU B 470 -24.85 8.06 24.06
CA LEU B 470 -24.13 8.16 22.79
C LEU B 470 -22.82 8.91 22.99
N PHE B 471 -22.81 9.89 23.90
CA PHE B 471 -21.58 10.58 24.26
C PHE B 471 -20.53 9.60 24.77
N LYS B 472 -20.91 8.76 25.73
CA LYS B 472 -19.97 7.79 26.27
C LYS B 472 -19.48 6.83 25.18
N ALA B 473 -20.39 6.34 24.33
CA ALA B 473 -20.00 5.38 23.31
C ALA B 473 -19.02 5.99 22.30
N MET B 474 -19.31 7.21 21.84
CA MET B 474 -18.45 7.80 20.83
C MET B 474 -17.13 8.25 21.43
N SER B 475 -17.15 8.74 22.68
CA SER B 475 -15.90 9.01 23.38
C SER B 475 -15.07 7.76 23.53
N HIS B 476 -15.72 6.62 23.78
CA HIS B 476 -14.98 5.36 23.89
C HIS B 476 -14.32 5.00 22.57
N MET B 477 -15.02 5.14 21.44
CA MET B 477 -14.37 4.67 20.21
C MET B 477 -13.30 5.66 19.76
N LEU B 478 -13.53 6.97 19.98
CA LEU B 478 -12.53 7.97 19.61
C LEU B 478 -11.41 8.06 20.64
N CYS B 479 -11.59 7.42 21.80
CA CYS B 479 -10.59 7.40 22.86
C CYS B 479 -10.41 8.77 23.49
N ILE B 480 -11.49 9.55 23.56
CA ILE B 480 -11.46 10.80 24.31
C ILE B 480 -11.25 10.51 25.80
N GLY B 481 -12.05 9.61 26.35
CA GLY B 481 -12.04 9.36 27.78
C GLY B 481 -13.22 8.53 28.20
N TYR B 482 -13.65 8.75 29.45
CA TYR B 482 -14.76 8.02 30.05
C TYR B 482 -15.96 8.92 30.31
N GLY B 483 -16.17 9.91 29.45
CA GLY B 483 -17.20 10.89 29.75
C GLY B 483 -16.76 11.78 30.90
N ARG B 484 -17.67 11.99 31.85
CA ARG B 484 -17.37 12.87 32.98
C ARG B 484 -16.48 12.18 34.01
N GLN B 485 -16.91 11.03 34.52
CA GLN B 485 -16.24 10.36 35.62
C GLN B 485 -15.75 8.99 35.20
N ALA B 486 -14.61 8.58 35.77
CA ALA B 486 -14.06 7.27 35.53
C ALA B 486 -14.99 6.19 36.10
N PRO B 487 -14.95 4.98 35.54
CA PRO B 487 -15.82 3.91 36.04
C PRO B 487 -15.55 3.61 37.51
N MET B 488 -16.62 3.26 38.23
CA MET B 488 -16.56 3.01 39.65
C MET B 488 -16.97 1.60 40.05
N GLY B 489 -17.94 1.00 39.37
CA GLY B 489 -18.43 -0.32 39.70
C GLY B 489 -17.90 -1.36 38.72
N MET B 490 -17.73 -2.58 39.21
CA MET B 490 -17.19 -3.66 38.39
C MET B 490 -18.03 -3.87 37.13
N SER B 491 -19.36 -3.77 37.26
CA SER B 491 -20.23 -3.92 36.10
C SER B 491 -19.90 -2.87 35.04
N ASP B 492 -19.82 -1.61 35.43
CA ASP B 492 -19.52 -0.56 34.46
C ASP B 492 -18.06 -0.61 34.02
N VAL B 493 -17.16 -1.08 34.88
CA VAL B 493 -15.77 -1.24 34.45
C VAL B 493 -15.69 -2.22 33.30
N TRP B 494 -16.31 -3.40 33.45
CA TRP B 494 -16.30 -4.39 32.37
C TRP B 494 -17.07 -3.89 31.15
N LEU B 495 -18.19 -3.20 31.39
CA LEU B 495 -19.00 -2.70 30.29
C LEU B 495 -18.22 -1.69 29.44
N THR B 496 -17.60 -0.71 30.09
CA THR B 496 -16.82 0.27 29.35
C THR B 496 -15.57 -0.37 28.74
N MET B 497 -15.02 -1.40 29.39
CA MET B 497 -13.87 -2.09 28.81
C MET B 497 -14.24 -2.71 27.46
N LEU B 498 -15.31 -3.49 27.44
CA LEU B 498 -15.73 -4.12 26.18
C LEU B 498 -16.17 -3.07 25.16
N SER B 499 -16.95 -2.08 25.60
CA SER B 499 -17.44 -1.07 24.68
C SER B 499 -16.30 -0.30 24.03
N MET B 500 -15.31 0.11 24.83
CA MET B 500 -14.23 0.90 24.26
C MET B 500 -13.23 0.06 23.47
N ILE B 501 -13.01 -1.20 23.83
CA ILE B 501 -12.15 -2.04 23.00
C ILE B 501 -12.79 -2.25 21.62
N VAL B 502 -14.08 -2.57 21.58
CA VAL B 502 -14.73 -2.79 20.29
C VAL B 502 -14.85 -1.48 19.51
N GLY B 503 -15.12 -0.37 20.22
CA GLY B 503 -15.22 0.91 19.54
C GLY B 503 -13.91 1.37 18.95
N ALA B 504 -12.82 1.25 19.71
CA ALA B 504 -11.52 1.64 19.19
C ALA B 504 -11.11 0.76 18.01
N THR B 505 -11.33 -0.56 18.12
CA THR B 505 -10.99 -1.44 17.02
C THR B 505 -11.80 -1.10 15.78
N CYS B 506 -13.11 -0.87 15.94
CA CYS B 506 -13.95 -0.56 14.78
C CYS B 506 -13.59 0.79 14.18
N TYR B 507 -13.28 1.78 15.02
CA TYR B 507 -12.90 3.09 14.50
C TYR B 507 -11.60 3.02 13.73
N ALA B 508 -10.64 2.26 14.24
CA ALA B 508 -9.38 2.07 13.51
C ALA B 508 -9.63 1.37 12.18
N MET B 509 -10.49 0.33 12.18
CA MET B 509 -10.79 -0.37 10.94
C MET B 509 -11.44 0.57 9.92
N PHE B 510 -12.42 1.35 10.35
CA PHE B 510 -13.11 2.26 9.44
C PHE B 510 -12.16 3.33 8.91
N ILE B 511 -11.31 3.87 9.77
CA ILE B 511 -10.37 4.89 9.33
C ILE B 511 -9.39 4.32 8.31
N GLY B 512 -8.84 3.14 8.58
CA GLY B 512 -7.97 2.50 7.61
C GLY B 512 -8.64 2.20 6.29
N HIS B 513 -9.89 1.72 6.34
CA HIS B 513 -10.63 1.42 5.12
C HIS B 513 -10.88 2.69 4.31
N ALA B 514 -11.28 3.78 4.98
CA ALA B 514 -11.51 5.05 4.28
C ALA B 514 -10.21 5.60 3.69
N THR B 515 -9.10 5.46 4.42
CA THR B 515 -7.81 5.91 3.89
C THR B 515 -7.42 5.12 2.66
N ALA B 516 -7.59 3.80 2.70
CA ALA B 516 -7.29 2.98 1.53
C ALA B 516 -8.19 3.34 0.36
N LEU B 517 -9.47 3.62 0.63
CA LEU B 517 -10.39 4.01 -0.42
C LEU B 517 -9.97 5.33 -1.06
N ILE B 518 -9.58 6.31 -0.24
CA ILE B 518 -9.17 7.60 -0.81
C ILE B 518 -7.86 7.47 -1.58
N GLN B 519 -6.94 6.60 -1.12
CA GLN B 519 -5.74 6.35 -1.90
C GLN B 519 -6.06 5.68 -3.24
N SER B 520 -7.02 4.76 -3.24
CA SER B 520 -7.49 4.17 -4.49
C SER B 520 -8.06 5.24 -5.40
N LEU B 521 -8.76 6.22 -4.82
CA LEU B 521 -9.24 7.35 -5.60
C LEU B 521 -8.10 8.16 -6.18
N ASP B 522 -7.02 8.33 -5.43
CA ASP B 522 -5.84 9.06 -5.90
C ASP B 522 -4.80 8.14 -6.53
N SER B 523 -5.23 7.00 -7.08
CA SER B 523 -4.30 6.02 -7.61
C SER B 523 -3.60 6.51 -8.87
N SER B 524 -4.29 7.28 -9.71
CA SER B 524 -3.76 7.63 -11.01
C SER B 524 -2.49 8.46 -10.92
N ARG B 525 -2.34 9.27 -9.87
CA ARG B 525 -1.16 10.09 -9.71
C ARG B 525 0.04 9.27 -9.23
N ARG B 526 -0.19 8.25 -8.41
CA ARG B 526 0.90 7.49 -7.81
C ARG B 526 1.73 6.75 -8.86
N GLN B 527 1.08 6.19 -9.87
CA GLN B 527 1.83 5.50 -10.91
C GLN B 527 2.75 6.46 -11.66
N TYR B 528 2.26 7.66 -11.99
CA TYR B 528 3.10 8.64 -12.64
C TYR B 528 4.24 9.08 -11.74
N GLN B 529 3.97 9.24 -10.44
CA GLN B 529 5.03 9.63 -9.51
C GLN B 529 6.11 8.55 -9.45
N GLU B 530 5.72 7.29 -9.39
CA GLU B 530 6.70 6.20 -9.37
C GLU B 530 7.51 6.17 -10.64
N LYS B 531 6.84 6.32 -11.80
CA LYS B 531 7.56 6.31 -13.07
C LYS B 531 8.54 7.47 -13.15
N TYR B 532 8.14 8.66 -12.71
CA TYR B 532 9.02 9.81 -12.74
C TYR B 532 10.20 9.63 -11.79
N LYS B 533 9.96 9.05 -10.61
CA LYS B 533 11.07 8.84 -9.68
C LYS B 533 12.06 7.83 -10.25
N GLN B 534 11.56 6.77 -10.91
CA GLN B 534 12.45 5.84 -11.58
C GLN B 534 13.23 6.51 -12.70
N VAL B 535 12.58 7.40 -13.45
CA VAL B 535 13.27 8.13 -14.52
C VAL B 535 14.37 9.01 -13.94
N GLU B 536 14.05 9.72 -12.84
CA GLU B 536 15.05 10.57 -12.20
C GLU B 536 16.23 9.76 -11.70
N GLN B 537 15.97 8.61 -11.08
CA GLN B 537 17.06 7.77 -10.61
C GLN B 537 17.87 7.23 -11.78
N TYR B 538 17.22 6.93 -12.90
CA TYR B 538 17.96 6.47 -14.08
C TYR B 538 18.86 7.57 -14.62
N MET B 539 18.36 8.80 -14.68
CA MET B 539 19.19 9.91 -15.13
C MET B 539 20.37 10.15 -14.19
N SER B 540 20.12 10.07 -12.87
CA SER B 540 21.19 10.22 -11.90
C SER B 540 22.21 9.08 -12.02
N PHE B 541 21.75 7.89 -12.41
CA PHE B 541 22.66 6.76 -12.56
C PHE B 541 23.63 6.93 -13.71
N HIS B 542 23.31 7.78 -14.69
CA HIS B 542 24.17 8.01 -15.83
C HIS B 542 24.74 9.42 -15.88
N LYS B 543 24.46 10.25 -14.88
CA LYS B 543 25.06 11.58 -14.73
C LYS B 543 24.77 12.46 -15.95
N LEU B 544 23.48 12.65 -16.22
CA LEU B 544 23.05 13.46 -17.35
C LEU B 544 23.23 14.95 -17.04
N PRO B 545 23.49 15.77 -18.06
CA PRO B 545 23.57 17.21 -17.84
C PRO B 545 22.21 17.80 -17.52
N PRO B 546 22.17 18.95 -16.85
CA PRO B 546 20.87 19.53 -16.47
C PRO B 546 19.95 19.84 -17.64
N ASP B 547 20.50 20.20 -18.80
CA ASP B 547 19.66 20.52 -19.95
C ASP B 547 18.86 19.30 -20.40
N THR B 548 19.53 18.16 -20.51
CA THR B 548 18.83 16.93 -20.91
C THR B 548 17.80 16.53 -19.87
N ARG B 549 18.12 16.69 -18.58
CA ARG B 549 17.16 16.38 -17.54
C ARG B 549 15.93 17.26 -17.63
N GLN B 550 16.12 18.56 -17.88
CA GLN B 550 14.99 19.47 -18.02
C GLN B 550 14.15 19.11 -19.25
N ARG B 551 14.81 18.75 -20.36
CA ARG B 551 14.07 18.34 -21.54
C ARG B 551 13.26 17.08 -21.28
N ILE B 552 13.84 16.11 -20.57
CA ILE B 552 13.11 14.89 -20.24
C ILE B 552 11.93 15.20 -19.34
N HIS B 553 12.11 16.08 -18.36
CA HIS B 553 11.01 16.47 -17.48
C HIS B 553 9.89 17.12 -18.26
N ASP B 554 10.24 18.03 -19.18
CA ASP B 554 9.23 18.67 -20.02
C ASP B 554 8.48 17.65 -20.87
N TYR B 555 9.22 16.71 -21.47
CA TYR B 555 8.60 15.70 -22.32
C TYR B 555 7.64 14.82 -21.53
N TYR B 556 8.05 14.40 -20.33
CA TYR B 556 7.16 13.59 -19.50
C TYR B 556 5.92 14.37 -19.08
N GLU B 557 6.09 15.63 -18.66
CA GLU B 557 4.94 16.40 -18.21
C GLU B 557 3.99 16.76 -19.35
N HIS B 558 4.48 16.85 -20.59
CA HIS B 558 3.62 17.18 -21.72
C HIS B 558 3.28 15.99 -22.60
N ARG B 559 3.64 14.78 -22.17
CA ARG B 559 3.19 13.59 -22.87
C ARG B 559 2.07 12.91 -22.10
N TYR B 560 2.32 12.61 -20.82
CA TYR B 560 1.32 11.87 -20.04
C TYR B 560 0.31 12.81 -19.38
N GLN B 561 0.54 14.11 -19.44
CA GLN B 561 -0.30 15.15 -18.82
C GLN B 561 -0.43 14.98 -17.32
N GLY B 562 0.56 14.38 -16.66
CA GLY B 562 0.58 14.31 -15.22
C GLY B 562 -0.05 13.09 -14.59
N LYS B 563 -0.71 12.23 -15.37
CA LYS B 563 -1.28 10.99 -14.86
C LYS B 563 -1.24 9.94 -15.96
N MET B 564 -0.96 8.69 -15.58
CA MET B 564 -0.39 7.73 -16.51
C MET B 564 -1.45 6.81 -17.11
N PHE B 565 -1.20 6.39 -18.36
CA PHE B 565 -2.01 5.41 -19.07
C PHE B 565 -1.11 4.68 -20.06
N ASP B 566 -1.61 3.57 -20.59
CA ASP B 566 -0.84 2.71 -21.48
C ASP B 566 -1.60 2.51 -22.79
N GLU B 567 -0.93 2.81 -23.90
CA GLU B 567 -1.54 2.58 -25.22
C GLU B 567 -1.68 1.09 -25.51
N GLU B 568 -0.59 0.34 -25.34
CA GLU B 568 -0.53 -1.02 -25.85
C GLU B 568 -1.52 -1.94 -25.14
N SER B 569 -1.51 -1.92 -23.80
CA SER B 569 -2.38 -2.82 -23.05
C SER B 569 -3.86 -2.51 -23.32
N ILE B 570 -4.23 -1.24 -23.31
CA ILE B 570 -5.63 -0.87 -23.47
C ILE B 570 -6.11 -1.19 -24.88
N LEU B 571 -5.25 -1.00 -25.89
CA LEU B 571 -5.63 -1.37 -27.24
C LEU B 571 -5.53 -2.87 -27.50
N GLY B 572 -4.87 -3.61 -26.62
CA GLY B 572 -4.82 -5.05 -26.75
C GLY B 572 -5.84 -5.82 -25.95
N GLU B 573 -6.49 -5.18 -24.98
CA GLU B 573 -7.54 -5.83 -24.19
C GLU B 573 -8.94 -5.45 -24.66
N LEU B 574 -9.10 -5.21 -25.96
CA LEU B 574 -10.39 -4.83 -26.52
C LEU B 574 -10.73 -5.74 -27.69
N SER B 575 -12.03 -5.97 -27.88
CA SER B 575 -12.49 -6.78 -28.98
C SER B 575 -12.32 -6.05 -30.30
N GLU B 576 -12.40 -6.80 -31.39
CA GLU B 576 -12.18 -6.22 -32.72
C GLU B 576 -13.12 -5.08 -33.04
N PRO B 577 -14.46 -5.21 -32.91
CA PRO B 577 -15.32 -4.06 -33.27
C PRO B 577 -15.03 -2.81 -32.48
N LEU B 578 -14.77 -2.95 -31.18
CA LEU B 578 -14.51 -1.78 -30.34
C LEU B 578 -13.15 -1.15 -30.69
N ARG B 579 -12.15 -1.98 -30.94
CA ARG B 579 -10.84 -1.46 -31.35
C ARG B 579 -10.94 -0.71 -32.67
N GLU B 580 -11.67 -1.27 -33.64
CA GLU B 580 -11.84 -0.58 -34.91
C GLU B 580 -12.64 0.70 -34.74
N GLU B 581 -13.63 0.71 -33.83
CA GLU B 581 -14.35 1.94 -33.55
C GLU B 581 -13.42 3.02 -33.00
N ILE B 582 -12.54 2.64 -32.07
CA ILE B 582 -11.61 3.62 -31.50
C ILE B 582 -10.66 4.15 -32.56
N ILE B 583 -10.02 3.25 -33.31
CA ILE B 583 -9.07 3.66 -34.34
C ILE B 583 -9.75 4.38 -35.49
N ASN B 584 -11.05 4.20 -35.67
CA ASN B 584 -11.79 4.96 -36.67
C ASN B 584 -12.06 6.38 -36.18
N PHE B 585 -12.73 6.51 -35.04
CA PHE B 585 -13.10 7.86 -34.59
C PHE B 585 -11.89 8.71 -34.31
N ASN B 586 -10.85 8.14 -33.68
CA ASN B 586 -9.69 8.94 -33.32
C ASN B 586 -8.79 9.24 -34.51
N CYS B 587 -8.77 8.38 -35.53
CA CYS B 587 -7.71 8.41 -36.52
C CYS B 587 -8.23 8.31 -37.96
N ARG B 588 -9.50 8.64 -38.20
CA ARG B 588 -10.04 8.60 -39.55
C ARG B 588 -10.10 9.97 -40.22
N LYS B 589 -10.31 11.04 -39.44
CA LYS B 589 -10.32 12.37 -40.01
C LYS B 589 -8.95 12.76 -40.55
N LEU B 590 -7.87 12.27 -39.92
CA LEU B 590 -6.53 12.57 -40.40
C LEU B 590 -6.28 11.93 -41.77
N VAL B 591 -6.58 10.63 -41.89
CA VAL B 591 -6.37 9.94 -43.15
C VAL B 591 -7.34 10.44 -44.21
N ALA B 592 -8.53 10.89 -43.80
CA ALA B 592 -9.52 11.42 -44.73
C ALA B 592 -9.11 12.76 -45.32
N SER B 593 -8.06 13.39 -44.79
CA SER B 593 -7.53 14.62 -45.35
C SER B 593 -6.59 14.38 -46.51
N MET B 594 -6.28 13.12 -46.82
CA MET B 594 -5.43 12.78 -47.94
C MET B 594 -6.22 12.05 -49.01
N ASN B 603 -10.66 -2.01 -48.32
CA ASN B 603 -10.42 -2.30 -46.91
C ASN B 603 -8.94 -2.09 -46.56
N PHE B 604 -8.21 -1.45 -47.47
CA PHE B 604 -6.81 -1.13 -47.20
C PHE B 604 -6.69 -0.16 -46.03
N VAL B 605 -7.56 0.84 -45.98
CA VAL B 605 -7.48 1.85 -44.93
C VAL B 605 -7.73 1.22 -43.57
N THR B 606 -8.71 0.32 -43.48
CA THR B 606 -9.01 -0.32 -42.21
C THR B 606 -7.84 -1.21 -41.77
N SER B 607 -7.07 -1.74 -42.71
CA SER B 607 -5.89 -2.53 -42.38
C SER B 607 -4.65 -1.67 -42.21
N MET B 608 -4.62 -0.47 -42.79
CA MET B 608 -3.52 0.45 -42.57
C MET B 608 -3.64 1.12 -41.20
N LEU B 609 -4.86 1.39 -40.76
CA LEU B 609 -5.09 2.06 -39.48
C LEU B 609 -4.62 1.22 -38.29
N THR B 610 -4.42 -0.08 -38.47
CA THR B 610 -3.96 -0.94 -37.40
C THR B 610 -2.46 -0.82 -37.13
N LYS B 611 -1.76 0.05 -37.87
CA LYS B 611 -0.31 0.19 -37.71
C LYS B 611 0.10 1.62 -37.34
N LEU B 612 -0.86 2.51 -37.12
CA LEU B 612 -0.53 3.89 -36.76
C LEU B 612 -0.07 3.93 -35.31
N ARG B 613 1.19 4.31 -35.10
CA ARG B 613 1.78 4.41 -33.78
C ARG B 613 1.73 5.85 -33.30
N PHE B 614 1.11 6.07 -32.15
CA PHE B 614 1.08 7.40 -31.57
C PHE B 614 2.48 7.85 -31.19
N GLU B 615 2.73 9.15 -31.30
CA GLU B 615 4.07 9.69 -31.09
C GLU B 615 3.98 11.18 -30.80
N VAL B 616 4.72 11.64 -29.81
CA VAL B 616 4.72 13.03 -29.40
C VAL B 616 6.15 13.55 -29.41
N PHE B 617 6.36 14.71 -30.01
CA PHE B 617 7.66 15.36 -30.06
C PHE B 617 7.59 16.69 -29.30
N GLN B 618 8.72 17.38 -29.26
CA GLN B 618 8.85 18.61 -28.48
C GLN B 618 9.39 19.73 -29.36
N PRO B 619 9.11 20.99 -29.00
CA PRO B 619 9.55 22.10 -29.84
C PRO B 619 11.06 22.13 -30.02
N GLY B 620 11.49 22.51 -31.21
CA GLY B 620 12.90 22.60 -31.53
C GLY B 620 13.58 21.29 -31.85
N ASP B 621 12.84 20.17 -31.83
CA ASP B 621 13.42 18.86 -32.05
C ASP B 621 13.12 18.41 -33.48
N TYR B 622 14.19 18.07 -34.21
CA TYR B 622 14.03 17.62 -35.59
C TYR B 622 13.15 16.37 -35.63
N ILE B 623 12.26 16.33 -36.63
CA ILE B 623 11.41 15.16 -36.84
C ILE B 623 12.09 14.23 -37.82
N ILE B 624 12.35 14.74 -39.03
CA ILE B 624 13.12 14.02 -40.05
C ILE B 624 14.35 14.85 -40.37
N ARG B 625 15.50 14.18 -40.42
CA ARG B 625 16.79 14.85 -40.61
C ARG B 625 17.37 14.47 -41.97
N GLU B 626 18.06 15.43 -42.58
CA GLU B 626 18.71 15.17 -43.86
C GLU B 626 19.83 14.16 -43.69
N GLY B 627 20.07 13.39 -44.75
CA GLY B 627 21.04 12.31 -44.71
C GLY B 627 20.53 11.03 -44.09
N THR B 628 19.25 10.96 -43.75
CA THR B 628 18.65 9.77 -43.15
C THR B 628 17.77 9.08 -44.20
N ILE B 629 17.95 7.77 -44.35
CA ILE B 629 17.16 7.02 -45.31
C ILE B 629 15.69 7.07 -44.92
N GLY B 630 14.83 7.22 -45.94
CA GLY B 630 13.40 7.32 -45.70
C GLY B 630 12.85 6.04 -45.11
N LYS B 631 12.21 6.14 -43.93
CA LYS B 631 11.66 4.98 -43.26
C LYS B 631 10.31 5.24 -42.61
N LYS B 632 9.73 6.42 -42.75
CA LYS B 632 8.56 6.78 -41.96
C LYS B 632 7.94 8.05 -42.51
N MET B 633 6.62 8.17 -42.35
CA MET B 633 5.89 9.40 -42.59
C MET B 633 5.19 9.81 -41.30
N TYR B 634 4.36 10.85 -41.39
CA TYR B 634 3.71 11.38 -40.20
C TYR B 634 2.34 11.89 -40.57
N PHE B 635 1.44 11.91 -39.58
CA PHE B 635 0.08 12.41 -39.73
C PHE B 635 -0.23 13.28 -38.52
N ILE B 636 -0.10 14.60 -38.69
CA ILE B 636 -0.32 15.53 -37.58
C ILE B 636 -1.76 15.42 -37.10
N GLN B 637 -1.92 15.24 -35.79
CA GLN B 637 -3.23 15.32 -35.14
C GLN B 637 -3.44 16.65 -34.45
N HIS B 638 -2.43 17.14 -33.72
CA HIS B 638 -2.47 18.48 -33.14
C HIS B 638 -1.03 18.97 -33.05
N GLY B 639 -0.62 19.76 -34.03
CA GLY B 639 0.73 20.31 -34.03
C GLY B 639 0.94 21.16 -35.26
N VAL B 640 2.04 21.92 -35.22
CA VAL B 640 2.46 22.77 -36.34
C VAL B 640 3.96 22.56 -36.55
N VAL B 641 4.30 21.91 -37.66
CA VAL B 641 5.69 21.60 -38.00
C VAL B 641 6.14 22.54 -39.11
N SER B 642 7.33 23.13 -38.95
CA SER B 642 7.87 24.07 -39.90
C SER B 642 8.92 23.37 -40.76
N VAL B 643 8.69 23.33 -42.06
CA VAL B 643 9.63 22.69 -42.98
C VAL B 643 10.85 23.58 -43.15
N LEU B 644 12.04 22.97 -43.08
CA LEU B 644 13.30 23.69 -43.23
C LEU B 644 13.79 23.49 -44.67
N THR B 645 13.57 24.50 -45.50
CA THR B 645 14.01 24.48 -46.88
C THR B 645 14.24 25.93 -47.32
N LYS B 646 15.05 26.10 -48.36
CA LYS B 646 15.29 27.43 -48.89
C LYS B 646 13.99 28.06 -49.38
N GLY B 647 13.21 27.31 -50.15
CA GLY B 647 11.90 27.79 -50.55
C GLY B 647 10.93 27.90 -49.39
N ASN B 648 10.90 26.89 -48.51
CA ASN B 648 10.01 26.87 -47.36
C ASN B 648 10.75 27.46 -46.16
N LYS B 649 10.80 28.79 -46.12
CA LYS B 649 11.53 29.48 -45.05
C LYS B 649 10.84 29.26 -43.71
N GLU B 650 9.53 29.48 -43.65
CA GLU B 650 8.79 29.31 -42.40
C GLU B 650 7.33 29.02 -42.74
N THR B 651 6.93 27.76 -42.56
CA THR B 651 5.54 27.34 -42.77
C THR B 651 4.99 26.80 -41.47
N LYS B 652 3.65 26.76 -41.39
CA LYS B 652 2.93 26.26 -40.22
C LYS B 652 1.90 25.25 -40.70
N LEU B 653 2.30 23.98 -40.77
CA LEU B 653 1.38 22.93 -41.18
C LEU B 653 0.34 22.71 -40.10
N ALA B 654 -0.94 22.92 -40.45
CA ALA B 654 -2.01 22.89 -39.48
C ALA B 654 -2.44 21.45 -39.20
N ASP B 655 -3.56 21.28 -38.50
CA ASP B 655 -4.04 19.97 -38.14
C ASP B 655 -4.43 19.16 -39.38
N GLY B 656 -4.31 17.84 -39.26
CA GLY B 656 -4.68 16.96 -40.35
C GLY B 656 -3.76 16.99 -41.54
N SER B 657 -2.53 17.47 -41.38
CA SER B 657 -1.57 17.50 -42.47
C SER B 657 -0.90 16.13 -42.60
N TYR B 658 0.06 16.04 -43.51
CA TYR B 658 0.77 14.78 -43.75
C TYR B 658 2.05 15.07 -44.52
N PHE B 659 3.18 14.59 -44.02
CA PHE B 659 4.47 14.78 -44.66
C PHE B 659 5.27 13.49 -44.53
N GLY B 660 6.48 13.51 -45.09
CA GLY B 660 7.31 12.33 -45.09
C GLY B 660 6.79 11.19 -45.95
N GLU B 661 5.78 11.46 -46.78
CA GLU B 661 5.20 10.40 -47.62
C GLU B 661 6.19 9.90 -48.65
N ILE B 662 7.13 10.76 -49.07
CA ILE B 662 8.08 10.40 -50.11
C ILE B 662 8.98 9.26 -49.62
N CYS B 663 9.53 8.50 -50.57
CA CYS B 663 10.45 7.39 -50.36
C CYS B 663 9.71 6.18 -49.84
N LEU B 664 8.40 6.31 -49.59
CA LEU B 664 7.58 5.14 -49.32
C LEU B 664 7.49 4.24 -50.54
N LEU B 665 7.24 4.82 -51.70
CA LEU B 665 7.01 4.06 -52.92
C LEU B 665 8.29 3.40 -53.43
N ARG B 669 16.78 8.80 -48.24
CA ARG B 669 17.43 10.09 -48.11
C ARG B 669 16.43 11.23 -48.19
N ARG B 670 16.21 11.91 -47.07
CA ARG B 670 15.25 12.99 -47.02
C ARG B 670 15.74 14.18 -47.84
N THR B 671 14.83 14.75 -48.64
CA THR B 671 15.18 15.95 -49.40
C THR B 671 15.20 17.19 -48.51
N ALA B 672 14.29 17.27 -47.55
CA ALA B 672 14.21 18.40 -46.65
C ALA B 672 14.13 17.94 -45.20
N SER B 673 13.87 18.89 -44.28
CA SER B 673 13.74 18.56 -42.88
C SER B 673 12.68 19.46 -42.26
N VAL B 674 12.10 19.00 -41.16
CA VAL B 674 11.04 19.72 -40.46
C VAL B 674 11.38 19.79 -38.98
N ARG B 675 10.97 20.88 -38.35
CA ARG B 675 11.11 21.09 -36.92
C ARG B 675 9.73 21.03 -36.27
N ALA B 676 9.72 21.22 -34.95
CA ALA B 676 8.48 21.29 -34.18
C ALA B 676 8.38 22.69 -33.58
N ASP B 677 7.29 23.38 -33.87
CA ASP B 677 7.07 24.69 -33.30
C ASP B 677 6.47 24.59 -31.89
N THR B 678 5.32 23.94 -31.78
CA THR B 678 4.62 23.77 -30.53
C THR B 678 4.52 22.29 -30.17
N TYR B 679 3.74 21.98 -29.14
CA TYR B 679 3.63 20.61 -28.64
C TYR B 679 2.84 19.80 -29.66
N CYS B 680 3.55 19.13 -30.56
CA CYS B 680 2.95 18.43 -31.69
C CYS B 680 2.73 16.96 -31.34
N ARG B 681 1.50 16.50 -31.50
CA ARG B 681 1.12 15.12 -31.21
C ARG B 681 1.00 14.37 -32.55
N LEU B 682 2.13 13.86 -33.02
CA LEU B 682 2.18 13.22 -34.33
C LEU B 682 1.58 11.82 -34.29
N TYR B 683 1.46 11.23 -35.47
CA TYR B 683 1.23 9.81 -35.65
C TYR B 683 2.41 9.23 -36.44
N SER B 684 2.31 7.96 -36.80
CA SER B 684 3.44 7.34 -37.48
C SER B 684 2.95 6.14 -38.28
N LEU B 685 3.80 5.72 -39.22
CA LEU B 685 3.54 4.51 -40.00
C LEU B 685 4.89 4.03 -40.53
N SER B 686 5.39 2.93 -39.98
CA SER B 686 6.66 2.39 -40.47
C SER B 686 6.48 1.86 -41.89
N VAL B 687 7.56 1.97 -42.68
CA VAL B 687 7.51 1.52 -44.07
C VAL B 687 7.25 0.01 -44.13
N ASP B 688 7.78 -0.74 -43.16
CA ASP B 688 7.54 -2.18 -43.14
C ASP B 688 6.05 -2.48 -42.94
N ASN B 689 5.38 -1.73 -42.08
CA ASN B 689 3.95 -1.94 -41.88
C ASN B 689 3.17 -1.66 -43.16
N PHE B 690 3.50 -0.59 -43.87
CA PHE B 690 2.83 -0.31 -45.14
C PHE B 690 3.09 -1.43 -46.14
N ASN B 691 4.34 -1.90 -46.23
CA ASN B 691 4.66 -2.97 -47.17
C ASN B 691 3.88 -4.23 -46.86
N GLU B 692 3.79 -4.60 -45.58
CA GLU B 692 3.00 -5.75 -45.19
C GLU B 692 1.53 -5.56 -45.56
N VAL B 693 0.89 -4.55 -44.95
CA VAL B 693 -0.54 -4.29 -45.19
C VAL B 693 -0.85 -4.24 -46.68
N LEU B 694 0.12 -3.82 -47.50
CA LEU B 694 -0.08 -3.85 -48.94
C LEU B 694 0.01 -5.27 -49.50
N GLU B 695 0.99 -6.07 -49.01
CA GLU B 695 1.22 -7.36 -49.63
C GLU B 695 0.24 -8.44 -49.17
N GLU B 696 -0.45 -8.26 -48.03
CA GLU B 696 -1.62 -9.11 -47.82
C GLU B 696 -2.88 -8.57 -48.49
N TYR B 697 -2.80 -7.46 -49.22
CA TYR B 697 -3.96 -6.83 -49.84
C TYR B 697 -3.63 -6.54 -51.30
N PRO B 698 -3.52 -7.58 -52.14
CA PRO B 698 -3.03 -7.37 -53.51
C PRO B 698 -4.10 -6.97 -54.53
N MET B 699 -5.36 -7.38 -54.28
CA MET B 699 -6.41 -7.20 -55.27
C MET B 699 -6.74 -5.75 -55.55
N MET B 700 -6.25 -4.82 -54.72
CA MET B 700 -6.20 -3.42 -55.10
C MET B 700 -4.77 -2.88 -55.09
N ARG B 701 -3.80 -3.64 -54.56
CA ARG B 701 -2.40 -3.25 -54.68
C ARG B 701 -1.97 -3.21 -56.14
N ARG B 702 -2.57 -4.03 -57.00
CA ARG B 702 -2.18 -4.00 -58.41
C ARG B 702 -2.49 -2.65 -59.06
N ALA B 703 -3.39 -1.85 -58.48
CA ALA B 703 -3.57 -0.46 -58.88
C ALA B 703 -2.85 0.52 -57.95
N PHE B 704 -2.63 0.12 -56.69
CA PHE B 704 -1.87 0.97 -55.78
C PHE B 704 -0.45 1.21 -56.28
N GLU B 705 0.16 0.18 -56.87
CA GLU B 705 1.53 0.33 -57.36
C GLU B 705 1.62 1.38 -58.46
N THR B 706 0.55 1.61 -59.20
CA THR B 706 0.54 2.61 -60.27
C THR B 706 0.37 4.01 -59.70
N MET C 222 -4.93 43.78 -19.42
CA MET C 222 -4.63 43.20 -20.72
C MET C 222 -4.77 41.68 -20.69
N LEU C 223 -5.58 41.14 -21.60
CA LEU C 223 -5.84 39.71 -21.66
C LEU C 223 -4.66 38.92 -22.24
N GLN C 224 -3.66 39.59 -22.78
CA GLN C 224 -2.49 38.89 -23.32
C GLN C 224 -1.60 38.45 -22.16
N PRO C 225 -1.33 37.15 -22.01
CA PRO C 225 -0.51 36.70 -20.87
C PRO C 225 0.91 37.25 -20.89
N GLY C 226 1.65 36.98 -21.96
CA GLY C 226 3.02 37.46 -22.07
C GLY C 226 3.91 37.00 -20.94
N VAL C 227 3.79 35.74 -20.54
CA VAL C 227 4.50 35.20 -19.37
C VAL C 227 5.52 34.17 -19.86
N ASN C 228 6.77 34.33 -19.42
CA ASN C 228 7.85 33.41 -19.78
C ASN C 228 8.35 32.62 -18.58
N LYS C 229 7.59 32.57 -17.49
CA LYS C 229 8.00 31.86 -16.29
C LYS C 229 7.11 30.65 -16.00
N PHE C 230 5.80 30.86 -15.86
CA PHE C 230 4.89 29.74 -15.65
C PHE C 230 4.07 29.40 -16.89
N SER C 231 3.88 30.35 -17.80
CA SER C 231 3.28 30.01 -19.09
C SER C 231 4.29 29.33 -20.01
N LEU C 232 5.59 29.49 -19.73
CA LEU C 232 6.61 28.76 -20.48
C LEU C 232 6.56 27.27 -20.17
N ARG C 233 6.22 26.91 -18.93
CA ARG C 233 6.05 25.50 -18.60
C ARG C 233 4.85 24.91 -19.33
N MET C 234 3.76 25.68 -19.43
CA MET C 234 2.59 25.21 -20.16
C MET C 234 2.88 25.07 -21.66
N PHE C 235 3.68 25.97 -22.22
CA PHE C 235 4.07 25.89 -23.62
C PHE C 235 5.55 26.29 -23.71
N GLY C 236 6.41 25.30 -24.00
CA GLY C 236 7.84 25.53 -23.89
C GLY C 236 8.36 26.57 -24.87
N SER C 237 7.89 26.50 -26.11
CA SER C 237 8.39 27.41 -27.15
C SER C 237 7.65 28.75 -27.09
N GLN C 238 8.37 29.81 -27.48
CA GLN C 238 7.77 31.13 -27.51
C GLN C 238 6.72 31.27 -28.60
N LYS C 239 6.76 30.43 -29.64
CA LYS C 239 5.83 30.56 -30.75
C LYS C 239 4.39 30.39 -30.30
N ALA C 240 4.12 29.41 -29.44
CA ALA C 240 2.77 29.23 -28.91
C ALA C 240 2.27 30.48 -28.20
N VAL C 241 3.18 31.29 -27.66
CA VAL C 241 2.79 32.56 -27.06
C VAL C 241 2.04 33.40 -28.07
N GLU C 242 2.60 33.57 -29.28
CA GLU C 242 1.88 34.28 -30.32
C GLU C 242 0.59 33.54 -30.69
N ARG C 243 0.60 32.21 -30.62
CA ARG C 243 -0.64 31.47 -30.77
C ARG C 243 -1.64 31.89 -29.70
N GLU C 244 -1.19 31.94 -28.44
CA GLU C 244 -2.05 32.45 -27.38
C GLU C 244 -2.54 33.85 -27.71
N GLN C 245 -1.77 34.58 -28.52
CA GLN C 245 -2.19 35.90 -28.97
C GLN C 245 -3.56 35.83 -29.65
N GLU C 246 -3.71 34.95 -30.65
CA GLU C 246 -5.04 34.87 -31.25
C GLU C 246 -6.02 34.16 -30.33
N ARG C 247 -5.52 33.40 -29.35
CA ARG C 247 -6.41 32.92 -28.30
C ARG C 247 -7.04 34.09 -27.56
N VAL C 248 -6.29 35.19 -27.40
CA VAL C 248 -6.87 36.42 -26.90
C VAL C 248 -7.82 37.03 -27.93
N LYS C 249 -7.45 36.94 -29.22
CA LYS C 249 -8.26 37.55 -30.26
C LYS C 249 -9.57 36.81 -30.50
N SER C 250 -9.72 35.61 -29.97
CA SER C 250 -10.94 34.84 -30.14
C SER C 250 -12.11 35.48 -29.39
N HIS C 257 -7.91 35.86 -20.19
CA HIS C 257 -7.37 34.51 -20.25
C HIS C 257 -6.98 34.03 -18.86
N PRO C 258 -7.18 32.74 -18.58
CA PRO C 258 -6.82 32.21 -17.25
C PRO C 258 -5.35 32.41 -16.90
N TYR C 259 -4.46 32.43 -17.88
CA TYR C 259 -3.03 32.64 -17.64
C TYR C 259 -2.60 34.08 -17.89
N SER C 260 -3.55 35.00 -18.07
CA SER C 260 -3.21 36.38 -18.35
C SER C 260 -2.78 37.10 -17.07
N ASP C 261 -2.12 38.25 -17.27
CA ASP C 261 -1.61 39.01 -16.13
C ASP C 261 -2.74 39.60 -15.28
N PHE C 262 -3.78 40.13 -15.93
CA PHE C 262 -4.86 40.76 -15.17
C PHE C 262 -5.58 39.73 -14.30
N ARG C 263 -5.84 38.54 -14.85
CA ARG C 263 -6.46 37.49 -14.05
C ARG C 263 -5.55 37.04 -12.91
N PHE C 264 -4.24 36.98 -13.14
CA PHE C 264 -3.33 36.60 -12.08
C PHE C 264 -3.35 37.62 -10.94
N TYR C 265 -3.31 38.92 -11.29
CA TYR C 265 -3.37 39.95 -10.25
C TYR C 265 -4.69 39.93 -9.50
N TRP C 266 -5.80 39.77 -10.24
CA TRP C 266 -7.11 39.70 -9.61
C TRP C 266 -7.20 38.50 -8.66
N ASP C 267 -6.73 37.34 -9.11
CA ASP C 267 -6.78 36.15 -8.27
C ASP C 267 -5.89 36.29 -7.04
N LEU C 268 -4.71 36.90 -7.20
CA LEU C 268 -3.82 37.07 -6.05
C LEU C 268 -4.44 38.01 -5.02
N THR C 269 -4.99 39.15 -5.47
CA THR C 269 -5.62 40.07 -4.54
C THR C 269 -6.83 39.43 -3.86
N MET C 270 -7.65 38.71 -4.62
CA MET C 270 -8.81 38.05 -4.05
C MET C 270 -8.39 36.97 -3.07
N LEU C 271 -7.30 36.26 -3.37
CA LEU C 271 -6.81 35.21 -2.48
C LEU C 271 -6.35 35.81 -1.16
N LEU C 272 -5.59 36.91 -1.20
CA LEU C 272 -5.17 37.55 0.04
C LEU C 272 -6.38 38.03 0.84
N LEU C 273 -7.33 38.67 0.16
CA LEU C 273 -8.50 39.20 0.87
C LEU C 273 -9.37 38.10 1.44
N MET C 274 -9.47 36.96 0.74
CA MET C 274 -10.30 35.87 1.25
C MET C 274 -9.59 35.08 2.35
N VAL C 275 -8.26 35.01 2.35
CA VAL C 275 -7.56 34.49 3.51
C VAL C 275 -7.82 35.38 4.72
N GLY C 276 -7.76 36.70 4.52
CA GLY C 276 -8.16 37.61 5.59
C GLY C 276 -9.59 37.38 6.04
N ASN C 277 -10.49 37.15 5.08
CA ASN C 277 -11.88 36.80 5.39
C ASN C 277 -11.95 35.58 6.30
N LEU C 278 -11.33 34.48 5.86
CA LEU C 278 -11.44 33.21 6.57
C LEU C 278 -10.83 33.27 7.96
N ILE C 279 -9.82 34.11 8.16
CA ILE C 279 -9.17 34.18 9.47
C ILE C 279 -9.57 35.40 10.30
N ILE C 280 -10.46 36.26 9.79
CA ILE C 280 -10.88 37.45 10.51
C ILE C 280 -12.38 37.43 10.81
N ILE C 281 -13.22 37.20 9.80
CA ILE C 281 -14.67 37.29 9.99
C ILE C 281 -15.18 36.34 11.07
N PRO C 282 -14.73 35.07 11.15
CA PRO C 282 -15.16 34.25 12.31
C PRO C 282 -14.78 34.86 13.65
N VAL C 283 -13.66 35.57 13.73
CA VAL C 283 -13.29 36.26 14.96
C VAL C 283 -14.27 37.41 15.23
N GLY C 284 -14.56 38.20 14.20
CA GLY C 284 -15.42 39.36 14.41
C GLY C 284 -16.85 38.99 14.73
N ILE C 285 -17.37 37.95 14.07
CA ILE C 285 -18.77 37.57 14.28
C ILE C 285 -18.98 36.97 15.66
N THR C 286 -17.99 36.26 16.20
CA THR C 286 -18.12 35.58 17.48
C THR C 286 -17.63 36.46 18.64
N PHE C 287 -16.36 36.85 18.61
CA PHE C 287 -15.83 37.74 19.61
C PHE C 287 -16.17 39.19 19.29
N PHE C 288 -16.07 40.04 20.30
CA PHE C 288 -16.34 41.48 20.17
C PHE C 288 -17.75 41.72 19.61
N LYS C 289 -18.74 41.25 20.36
CA LYS C 289 -20.13 41.38 19.97
C LYS C 289 -20.56 42.84 19.92
N PRO C 295 -12.96 50.70 11.29
CA PRO C 295 -12.80 49.47 12.07
C PRO C 295 -13.19 48.23 11.28
N TRP C 296 -13.94 47.31 11.91
CA TRP C 296 -14.41 46.13 11.20
C TRP C 296 -15.42 46.49 10.13
N ILE C 297 -16.19 47.57 10.34
CA ILE C 297 -17.12 48.04 9.32
C ILE C 297 -16.37 48.50 8.08
N VAL C 298 -15.12 48.96 8.23
CA VAL C 298 -14.34 49.35 7.07
C VAL C 298 -13.93 48.12 6.25
N PHE C 299 -13.53 47.04 6.92
CA PHE C 299 -12.93 45.91 6.22
C PHE C 299 -13.97 45.11 5.45
N ASN C 300 -15.18 45.00 5.97
CA ASN C 300 -16.16 44.12 5.32
C ASN C 300 -16.75 44.73 4.06
N VAL C 301 -16.92 46.06 4.00
CA VAL C 301 -17.50 46.68 2.82
C VAL C 301 -16.53 46.63 1.65
N VAL C 302 -15.25 46.89 1.89
CA VAL C 302 -14.27 46.84 0.81
C VAL C 302 -14.09 45.41 0.31
N SER C 303 -14.20 44.43 1.22
CA SER C 303 -14.08 43.03 0.82
C SER C 303 -15.18 42.65 -0.16
N ASP C 304 -16.41 43.10 0.09
CA ASP C 304 -17.53 42.74 -0.76
C ASP C 304 -17.36 43.29 -2.18
N THR C 305 -16.63 44.40 -2.33
CA THR C 305 -16.43 44.97 -3.66
C THR C 305 -15.65 44.02 -4.56
N PHE C 306 -14.58 43.41 -4.04
CA PHE C 306 -13.80 42.49 -4.86
C PHE C 306 -14.56 41.19 -5.13
N PHE C 307 -15.43 40.79 -4.20
CA PHE C 307 -16.27 39.61 -4.43
C PHE C 307 -17.20 39.82 -5.61
N LEU C 308 -17.77 41.03 -5.74
CA LEU C 308 -18.63 41.32 -6.88
C LEU C 308 -17.86 41.28 -8.18
N ILE C 309 -16.59 41.67 -8.15
CA ILE C 309 -15.74 41.59 -9.35
C ILE C 309 -15.61 40.14 -9.82
N ASP C 310 -15.54 39.20 -8.87
CA ASP C 310 -15.45 37.79 -9.24
C ASP C 310 -16.71 37.34 -9.97
N LEU C 311 -17.88 37.72 -9.47
CA LEU C 311 -19.13 37.22 -10.02
C LEU C 311 -19.38 37.76 -11.43
N VAL C 312 -19.11 39.04 -11.65
CA VAL C 312 -19.31 39.60 -12.99
C VAL C 312 -18.31 38.99 -13.98
N LEU C 313 -17.09 38.70 -13.52
CA LEU C 313 -16.12 38.06 -14.41
C LEU C 313 -16.52 36.63 -14.76
N ASN C 314 -17.18 35.94 -13.84
CA ASN C 314 -17.63 34.58 -14.09
C ASN C 314 -18.74 34.54 -15.13
N SER C 341 -21.80 26.10 -12.60
CA SER C 341 -21.01 25.44 -11.57
C SER C 341 -20.82 26.34 -10.36
N TRP C 342 -21.45 25.96 -9.25
CA TRP C 342 -21.34 26.70 -7.98
C TRP C 342 -21.75 28.16 -8.16
N PHE C 343 -23.00 28.38 -8.57
CA PHE C 343 -23.48 29.73 -8.82
C PHE C 343 -24.26 30.29 -7.64
N VAL C 344 -25.18 29.50 -7.08
CA VAL C 344 -25.93 29.96 -5.90
C VAL C 344 -25.00 30.17 -4.71
N VAL C 345 -23.91 29.42 -4.64
CA VAL C 345 -22.98 29.55 -3.52
C VAL C 345 -22.35 30.94 -3.52
N ASP C 346 -21.87 31.39 -4.68
CA ASP C 346 -21.37 32.75 -4.79
C ASP C 346 -22.48 33.78 -4.63
N PHE C 347 -23.66 33.51 -5.20
CA PHE C 347 -24.78 34.43 -5.08
C PHE C 347 -25.13 34.69 -3.62
N VAL C 348 -24.94 33.70 -2.76
CA VAL C 348 -25.19 33.86 -1.33
C VAL C 348 -23.99 34.49 -0.63
N SER C 349 -22.81 33.88 -0.76
CA SER C 349 -21.61 34.38 -0.10
C SER C 349 -20.81 35.32 -1.00
N SER C 350 -21.49 36.29 -1.60
CA SER C 350 -20.81 37.38 -2.31
C SER C 350 -21.40 38.75 -2.03
N ILE C 351 -22.46 38.86 -1.24
CA ILE C 351 -23.13 40.13 -0.99
C ILE C 351 -23.28 40.30 0.51
N PRO C 352 -23.39 41.55 0.99
CA PRO C 352 -23.60 41.76 2.43
C PRO C 352 -24.97 41.31 2.89
N VAL C 353 -25.15 40.00 3.05
CA VAL C 353 -26.46 39.45 3.41
C VAL C 353 -26.88 39.94 4.80
N ASP C 354 -25.93 40.07 5.72
CA ASP C 354 -26.26 40.50 7.08
C ASP C 354 -26.85 41.89 7.10
N TYR C 355 -26.27 42.82 6.33
CA TYR C 355 -26.77 44.20 6.34
C TYR C 355 -28.09 44.33 5.59
N ILE C 356 -28.21 43.64 4.45
CA ILE C 356 -29.44 43.74 3.66
C ILE C 356 -30.58 42.97 4.31
N PHE C 357 -30.30 42.08 5.26
CA PHE C 357 -31.37 41.37 5.95
C PHE C 357 -32.17 42.30 6.84
N LEU C 358 -31.50 43.27 7.47
CA LEU C 358 -32.21 44.24 8.31
C LEU C 358 -33.18 45.07 7.50
N ILE C 359 -32.91 45.27 6.21
CA ILE C 359 -33.85 45.97 5.35
C ILE C 359 -35.15 45.18 5.22
N VAL C 360 -35.04 43.85 5.09
CA VAL C 360 -36.24 43.01 5.03
C VAL C 360 -37.00 43.09 6.34
N GLU C 361 -36.30 43.02 7.46
CA GLU C 361 -36.93 43.09 8.78
C GLU C 361 -37.01 44.52 9.29
N LEU C 375 -33.83 40.63 19.13
CA LEU C 375 -32.51 40.02 19.23
C LEU C 375 -32.39 38.87 18.25
N ARG C 376 -33.51 38.19 17.99
CA ARG C 376 -33.50 37.08 17.04
C ARG C 376 -33.16 37.56 15.63
N ILE C 377 -33.63 38.75 15.25
CA ILE C 377 -33.27 39.31 13.94
C ILE C 377 -31.77 39.55 13.86
N VAL C 378 -31.18 40.08 14.92
CA VAL C 378 -29.73 40.28 14.95
C VAL C 378 -29.00 38.94 14.86
N ARG C 379 -29.51 37.93 15.55
CA ARG C 379 -28.92 36.59 15.45
C ARG C 379 -29.07 36.04 14.04
N PHE C 380 -30.17 36.35 13.36
CA PHE C 380 -30.36 35.89 11.98
C PHE C 380 -29.31 36.47 11.05
N THR C 381 -28.90 37.72 11.29
CA THR C 381 -27.86 38.33 10.47
C THR C 381 -26.54 37.58 10.60
N LYS C 382 -26.20 37.14 11.81
CA LYS C 382 -24.94 36.45 12.02
C LYS C 382 -24.97 35.06 11.40
N ILE C 383 -26.06 34.31 11.59
CA ILE C 383 -26.13 32.98 10.98
C ILE C 383 -26.15 33.08 9.47
N LEU C 384 -26.68 34.19 8.92
CA LEU C 384 -26.54 34.44 7.48
C LEU C 384 -25.08 34.69 7.12
N SER C 385 -24.36 35.45 7.97
CA SER C 385 -22.93 35.65 7.76
C SER C 385 -22.14 34.36 7.92
N LEU C 386 -22.69 33.36 8.60
CA LEU C 386 -22.03 32.07 8.70
C LEU C 386 -21.95 31.37 7.35
N LEU C 387 -22.83 31.72 6.41
CA LEU C 387 -22.76 31.17 5.06
C LEU C 387 -21.65 31.82 4.23
N ARG C 388 -21.01 32.87 4.74
CA ARG C 388 -19.93 33.53 4.01
C ARG C 388 -18.67 32.68 3.93
N LEU C 389 -18.56 31.62 4.73
CA LEU C 389 -17.35 30.81 4.74
C LEU C 389 -17.22 29.93 3.50
N LEU C 390 -18.25 29.86 2.65
CA LEU C 390 -18.23 28.94 1.51
C LEU C 390 -17.18 29.29 0.47
N ARG C 391 -16.53 30.46 0.56
CA ARG C 391 -15.42 30.73 -0.34
C ARG C 391 -14.24 29.82 -0.10
N LEU C 392 -14.21 29.09 1.01
CA LEU C 392 -13.18 28.06 1.18
C LEU C 392 -13.29 27.01 0.08
N SER C 393 -14.52 26.72 -0.36
CA SER C 393 -14.70 25.87 -1.53
C SER C 393 -14.09 26.53 -2.76
N ARG C 394 -14.26 27.85 -2.90
CA ARG C 394 -13.59 28.56 -3.98
C ARG C 394 -12.08 28.46 -3.83
N LEU C 395 -11.58 28.54 -2.60
CA LEU C 395 -10.15 28.31 -2.37
C LEU C 395 -9.73 26.91 -2.80
N ILE C 396 -10.58 25.92 -2.53
CA ILE C 396 -10.26 24.54 -2.91
C ILE C 396 -10.07 24.45 -4.42
N ARG C 397 -11.01 24.97 -5.19
CA ARG C 397 -10.85 24.98 -6.64
C ARG C 397 -9.65 25.83 -7.05
N TYR C 398 -9.48 26.99 -6.43
CA TYR C 398 -8.35 27.85 -6.78
C TYR C 398 -7.02 27.20 -6.42
N ILE C 399 -6.89 26.68 -5.20
CA ILE C 399 -5.61 26.16 -4.76
C ILE C 399 -5.19 24.96 -5.61
N HIS C 400 -6.17 24.23 -6.16
CA HIS C 400 -5.82 23.14 -7.08
C HIS C 400 -5.30 23.67 -8.40
N GLN C 401 -5.91 24.72 -8.96
CA GLN C 401 -5.47 25.20 -10.25
C GLN C 401 -4.24 26.10 -10.21
N TRP C 402 -3.80 26.51 -9.02
CA TRP C 402 -2.44 27.01 -8.86
C TRP C 402 -1.43 25.93 -8.53
N GLU C 403 -1.87 24.69 -8.29
CA GLU C 403 -0.94 23.65 -7.86
C GLU C 403 -0.02 23.22 -9.01
N GLU C 404 -0.56 23.08 -10.21
CA GLU C 404 0.23 22.57 -11.33
C GLU C 404 0.81 23.66 -12.22
N ILE C 405 0.38 24.91 -12.07
CA ILE C 405 0.93 25.97 -12.90
C ILE C 405 2.39 26.24 -12.55
N PHE C 406 2.73 26.15 -11.26
CA PHE C 406 4.08 26.42 -10.79
C PHE C 406 4.54 25.29 -9.88
N HIS C 407 5.83 24.97 -9.96
CA HIS C 407 6.42 23.93 -9.13
C HIS C 407 7.92 24.16 -9.06
N MET C 408 8.53 23.58 -8.02
CA MET C 408 9.99 23.58 -7.89
C MET C 408 10.59 22.24 -8.30
N THR C 409 10.21 21.16 -7.63
CA THR C 409 10.72 19.82 -7.89
C THR C 409 9.88 18.84 -7.07
N TYR C 410 10.27 17.56 -7.12
CA TYR C 410 9.59 16.50 -6.40
C TYR C 410 10.44 15.92 -5.28
N ASP C 411 11.33 16.71 -4.70
CA ASP C 411 12.18 16.23 -3.60
C ASP C 411 11.36 16.19 -2.31
N LEU C 412 12.06 15.91 -1.20
CA LEU C 412 11.39 15.87 0.10
C LEU C 412 10.91 17.26 0.52
N ALA C 413 11.54 18.32 0.00
CA ALA C 413 11.16 19.68 0.40
C ALA C 413 9.74 20.01 -0.03
N SER C 414 9.37 19.70 -1.27
CA SER C 414 8.02 19.98 -1.75
C SER C 414 6.98 19.18 -0.97
N ALA C 415 7.33 17.96 -0.57
CA ALA C 415 6.42 17.16 0.24
C ALA C 415 6.16 17.82 1.59
N VAL C 416 7.19 18.38 2.20
CA VAL C 416 6.99 19.10 3.46
C VAL C 416 6.11 20.32 3.23
N VAL C 417 6.25 20.97 2.07
CA VAL C 417 5.38 22.09 1.75
C VAL C 417 3.92 21.64 1.64
N ARG C 418 3.69 20.52 0.98
CA ARG C 418 2.32 20.00 0.87
C ARG C 418 1.76 19.63 2.23
N ILE C 419 2.57 19.00 3.09
CA ILE C 419 2.10 18.65 4.43
C ILE C 419 1.82 19.89 5.26
N VAL C 420 2.64 20.92 5.11
CA VAL C 420 2.41 22.17 5.84
C VAL C 420 1.14 22.84 5.36
N ASN C 421 0.86 22.80 4.06
CA ASN C 421 -0.41 23.33 3.56
C ASN C 421 -1.59 22.53 4.07
N LEU C 422 -1.43 21.21 4.15
CA LEU C 422 -2.46 20.36 4.74
C LEU C 422 -2.76 20.77 6.17
N ILE C 423 -1.70 20.90 6.97
CA ILE C 423 -1.84 21.39 8.34
C ILE C 423 -2.47 22.78 8.33
N GLY C 424 -2.20 23.57 7.29
CA GLY C 424 -2.74 24.91 7.22
C GLY C 424 -4.25 24.93 7.10
N MET C 425 -4.80 24.17 6.16
CA MET C 425 -6.26 24.26 6.07
C MET C 425 -6.94 23.47 7.19
N MET C 426 -6.30 22.40 7.70
CA MET C 426 -6.86 21.79 8.90
C MET C 426 -6.83 22.75 10.09
N LEU C 427 -5.82 23.61 10.17
CA LEU C 427 -5.74 24.58 11.27
C LEU C 427 -6.76 25.70 11.11
N LEU C 428 -7.01 26.17 9.90
CA LEU C 428 -8.11 27.11 9.74
C LEU C 428 -9.45 26.43 10.03
N LEU C 429 -9.55 25.13 9.77
CA LEU C 429 -10.72 24.38 10.22
C LEU C 429 -10.82 24.37 11.74
N CYS C 430 -9.67 24.24 12.42
CA CYS C 430 -9.67 24.37 13.88
C CYS C 430 -10.17 25.73 14.31
N HIS C 431 -9.76 26.78 13.60
CA HIS C 431 -10.22 28.13 13.91
C HIS C 431 -11.74 28.23 13.75
N TRP C 432 -12.26 27.70 12.65
CA TRP C 432 -13.71 27.67 12.44
C TRP C 432 -14.40 26.92 13.57
N ASP C 433 -13.86 25.76 13.95
CA ASP C 433 -14.48 24.95 14.99
C ASP C 433 -14.48 25.65 16.33
N GLY C 434 -13.37 26.31 16.68
CA GLY C 434 -13.32 27.04 17.93
C GLY C 434 -14.26 28.22 17.96
N CYS C 435 -14.33 28.96 16.84
CA CYS C 435 -15.27 30.07 16.76
C CYS C 435 -16.71 29.57 16.91
N LEU C 436 -17.04 28.45 16.27
CA LEU C 436 -18.39 27.89 16.40
C LEU C 436 -18.65 27.42 17.83
N GLN C 437 -17.66 26.79 18.47
CA GLN C 437 -17.84 26.26 19.81
C GLN C 437 -17.92 27.37 20.85
N PHE C 438 -17.40 28.56 20.52
CA PHE C 438 -17.64 29.70 21.40
C PHE C 438 -18.95 30.40 21.08
N LEU C 439 -19.35 30.39 19.81
CA LEU C 439 -20.54 31.12 19.38
C LEU C 439 -21.82 30.44 19.87
N VAL C 440 -21.88 29.11 19.75
CA VAL C 440 -23.12 28.39 20.10
C VAL C 440 -23.54 28.63 21.55
N PRO C 441 -22.66 28.52 22.55
CA PRO C 441 -23.06 28.88 23.92
C PRO C 441 -23.13 30.37 24.18
N MET C 442 -22.84 31.20 23.18
CA MET C 442 -22.94 32.65 23.30
C MET C 442 -24.23 33.20 22.70
N LEU C 443 -24.69 32.61 21.59
CA LEU C 443 -25.96 33.02 20.99
C LEU C 443 -27.10 32.88 21.98
N GLN C 444 -27.18 31.73 22.65
CA GLN C 444 -28.19 31.48 23.67
C GLN C 444 -27.64 31.95 25.02
N ASP C 445 -27.63 33.28 25.20
CA ASP C 445 -27.02 33.98 26.33
C ASP C 445 -25.77 33.27 26.83
N PHE C 446 -25.75 32.85 28.09
CA PHE C 446 -24.66 32.04 28.62
C PHE C 446 -25.21 31.16 29.72
N PRO C 447 -25.67 29.95 29.38
CA PRO C 447 -26.28 29.08 30.38
C PRO C 447 -25.28 28.64 31.44
N ASP C 448 -25.80 28.37 32.65
CA ASP C 448 -24.96 27.94 33.74
C ASP C 448 -24.26 26.61 33.45
N ASP C 449 -24.78 25.82 32.53
CA ASP C 449 -24.17 24.54 32.17
C ASP C 449 -23.20 24.65 31.00
N CYS C 450 -23.03 25.84 30.42
CA CYS C 450 -22.08 26.01 29.34
C CYS C 450 -20.64 25.95 29.87
N TRP C 451 -19.71 25.63 28.97
CA TRP C 451 -18.31 25.55 29.36
C TRP C 451 -17.79 26.89 29.87
N VAL C 452 -18.35 28.00 29.36
CA VAL C 452 -17.93 29.32 29.83
C VAL C 452 -18.28 29.50 31.30
N SER C 453 -19.53 29.15 31.66
CA SER C 453 -19.95 29.28 33.05
C SER C 453 -19.15 28.36 33.96
N LEU C 454 -18.87 27.13 33.50
CA LEU C 454 -18.06 26.22 34.29
C LEU C 454 -16.64 26.73 34.46
N ASN C 455 -16.12 27.44 33.46
CA ASN C 455 -14.78 28.02 33.54
C ASN C 455 -14.79 29.46 34.07
N ASN C 456 -15.98 30.02 34.32
CA ASN C 456 -16.14 31.38 34.85
C ASN C 456 -15.53 32.44 33.93
N MET C 457 -15.19 32.07 32.71
CA MET C 457 -14.51 32.97 31.78
C MET C 457 -15.51 33.68 30.86
N VAL C 458 -16.50 34.29 31.50
CA VAL C 458 -17.56 34.97 30.76
C VAL C 458 -17.03 36.26 30.14
N ASN C 459 -16.30 37.06 30.91
CA ASN C 459 -15.90 38.40 30.49
C ASN C 459 -14.39 38.60 30.51
N ASN C 460 -13.63 37.53 30.27
CA ASN C 460 -12.18 37.66 30.18
C ASN C 460 -11.78 38.23 28.83
N SER C 461 -10.47 38.29 28.59
CA SER C 461 -9.95 38.94 27.40
C SER C 461 -10.25 38.11 26.15
N TRP C 462 -10.15 38.77 25.00
CA TRP C 462 -10.34 38.09 23.73
C TRP C 462 -9.32 36.98 23.54
N GLY C 463 -8.07 37.24 23.92
CA GLY C 463 -7.03 36.24 23.74
C GLY C 463 -7.33 34.95 24.49
N LYS C 464 -7.75 35.07 25.75
CA LYS C 464 -8.05 33.88 26.54
C LYS C 464 -9.25 33.13 25.99
N GLN C 465 -10.28 33.85 25.55
CA GLN C 465 -11.46 33.19 24.98
C GLN C 465 -11.11 32.43 23.72
N TYR C 466 -10.37 33.06 22.81
CA TYR C 466 -9.95 32.37 21.60
C TYR C 466 -9.04 31.19 21.93
N SER C 467 -8.15 31.35 22.90
CA SER C 467 -7.26 30.26 23.28
C SER C 467 -8.05 29.06 23.78
N TYR C 468 -9.03 29.30 24.67
CA TYR C 468 -9.81 28.19 25.21
C TYR C 468 -10.66 27.54 24.13
N ALA C 469 -11.23 28.34 23.22
CA ALA C 469 -12.05 27.76 22.15
C ALA C 469 -11.21 26.90 21.22
N LEU C 470 -10.10 27.43 20.74
CA LEU C 470 -9.19 26.68 19.89
C LEU C 470 -8.59 25.48 20.61
N PHE C 471 -8.47 25.55 21.94
CA PHE C 471 -8.01 24.46 22.76
C PHE C 471 -9.00 23.32 22.86
N LYS C 472 -10.28 23.62 23.10
CA LYS C 472 -11.30 22.57 23.02
C LYS C 472 -11.34 21.95 21.64
N ALA C 473 -11.29 22.79 20.59
CA ALA C 473 -11.30 22.25 19.24
C ALA C 473 -10.07 21.39 18.99
N MET C 474 -8.90 21.85 19.44
CA MET C 474 -7.65 21.11 19.26
C MET C 474 -7.72 19.76 19.95
N SER C 475 -8.22 19.73 21.19
CA SER C 475 -8.31 18.48 21.92
C SER C 475 -9.33 17.54 21.27
N HIS C 476 -10.48 18.07 20.86
CA HIS C 476 -11.50 17.22 20.26
C HIS C 476 -11.01 16.58 18.98
N MET C 477 -10.36 17.34 18.11
CA MET C 477 -9.85 16.73 16.88
C MET C 477 -8.69 15.80 17.17
N LEU C 478 -7.85 16.14 18.14
CA LEU C 478 -6.67 15.35 18.46
C LEU C 478 -6.96 14.25 19.47
N CYS C 479 -8.17 14.20 20.00
CA CYS C 479 -8.63 13.14 20.89
C CYS C 479 -7.72 13.04 22.12
N ILE C 480 -7.67 14.12 22.88
CA ILE C 480 -6.93 14.18 24.12
C ILE C 480 -7.85 14.36 25.32
N GLY C 481 -8.89 15.19 25.17
CA GLY C 481 -9.86 15.38 26.23
C GLY C 481 -10.84 16.46 25.86
N TYR C 482 -11.62 16.87 26.85
CA TYR C 482 -12.56 17.98 26.68
C TYR C 482 -12.00 19.31 27.15
N GLY C 483 -10.93 19.29 27.94
CA GLY C 483 -10.43 20.50 28.57
C GLY C 483 -10.43 20.37 30.08
N ARG C 484 -10.98 21.38 30.76
CA ARG C 484 -11.02 21.41 32.22
C ARG C 484 -12.33 20.84 32.77
N GLN C 485 -13.20 20.35 31.92
CA GLN C 485 -14.55 19.97 32.35
C GLN C 485 -15.09 18.92 31.39
N ALA C 486 -16.36 18.54 31.57
CA ALA C 486 -17.05 17.59 30.74
C ALA C 486 -18.44 18.12 30.41
N PRO C 487 -18.93 17.85 29.19
CA PRO C 487 -20.20 18.47 28.76
C PRO C 487 -21.34 18.18 29.74
N MET C 488 -22.10 19.22 30.07
CA MET C 488 -23.17 19.12 31.04
C MET C 488 -24.53 19.37 30.40
N GLY C 489 -24.73 20.51 29.75
CA GLY C 489 -25.99 20.77 29.08
C GLY C 489 -26.09 20.06 27.74
N MET C 490 -27.32 19.95 27.24
CA MET C 490 -27.54 19.26 25.98
C MET C 490 -26.80 19.94 24.83
N SER C 491 -26.75 21.28 24.86
CA SER C 491 -26.04 22.01 23.81
C SER C 491 -24.56 21.68 23.82
N ASP C 492 -23.94 21.70 25.01
CA ASP C 492 -22.52 21.34 25.12
C ASP C 492 -22.30 19.90 24.66
N VAL C 493 -23.17 18.98 25.11
CA VAL C 493 -22.99 17.58 24.76
C VAL C 493 -23.03 17.39 23.25
N TRP C 494 -24.03 17.95 22.58
CA TRP C 494 -24.17 17.69 21.15
C TRP C 494 -23.14 18.47 20.34
N LEU C 495 -22.78 19.68 20.80
CA LEU C 495 -21.74 20.44 20.12
C LEU C 495 -20.40 19.73 20.18
N THR C 496 -19.97 19.33 21.37
CA THR C 496 -18.75 18.54 21.51
C THR C 496 -18.90 17.20 20.80
N MET C 497 -20.13 16.72 20.66
CA MET C 497 -20.39 15.46 19.98
C MET C 497 -19.96 15.53 18.52
N LEU C 498 -20.54 16.49 17.77
CA LEU C 498 -20.19 16.57 16.36
C LEU C 498 -18.77 17.09 16.20
N SER C 499 -18.31 17.93 17.14
CA SER C 499 -16.93 18.38 17.10
C SER C 499 -15.97 17.19 17.15
N MET C 500 -16.17 16.29 18.11
CA MET C 500 -15.33 15.10 18.19
C MET C 500 -15.41 14.29 16.92
N ILE C 501 -16.62 13.99 16.44
CA ILE C 501 -16.70 13.09 15.29
C ILE C 501 -16.02 13.71 14.07
N VAL C 502 -16.33 14.96 13.72
CA VAL C 502 -15.79 15.52 12.49
C VAL C 502 -14.29 15.79 12.63
N GLY C 503 -13.84 16.31 13.78
CA GLY C 503 -12.43 16.55 14.00
C GLY C 503 -11.57 15.31 13.94
N ALA C 504 -11.96 14.27 14.69
CA ALA C 504 -11.23 13.01 14.63
C ALA C 504 -11.23 12.42 13.22
N THR C 505 -12.39 12.42 12.55
CA THR C 505 -12.44 11.82 11.22
C THR C 505 -11.53 12.56 10.25
N CYS C 506 -11.65 13.89 10.19
CA CYS C 506 -10.84 14.68 9.27
C CYS C 506 -9.36 14.56 9.60
N TYR C 507 -9.00 14.59 10.88
CA TYR C 507 -7.59 14.47 11.25
C TYR C 507 -7.05 13.10 10.86
N ALA C 508 -7.86 12.04 11.04
CA ALA C 508 -7.40 10.71 10.67
C ALA C 508 -7.16 10.60 9.17
N MET C 509 -8.07 11.13 8.35
CA MET C 509 -7.84 11.11 6.92
C MET C 509 -6.63 11.97 6.53
N PHE C 510 -6.46 13.11 7.21
CA PHE C 510 -5.30 13.96 6.96
C PHE C 510 -4.00 13.23 7.23
N ILE C 511 -3.93 12.54 8.37
CA ILE C 511 -2.72 11.81 8.72
C ILE C 511 -2.50 10.64 7.77
N GLY C 512 -3.57 9.95 7.38
CA GLY C 512 -3.44 8.88 6.40
C GLY C 512 -2.87 9.38 5.09
N HIS C 513 -3.38 10.51 4.60
CA HIS C 513 -2.87 11.09 3.37
C HIS C 513 -1.41 11.51 3.52
N ALA C 514 -1.06 12.13 4.65
CA ALA C 514 0.33 12.57 4.86
C ALA C 514 1.28 11.38 4.91
N THR C 515 0.91 10.33 5.65
CA THR C 515 1.77 9.15 5.73
C THR C 515 1.88 8.44 4.38
N ALA C 516 0.79 8.38 3.62
CA ALA C 516 0.86 7.79 2.29
C ALA C 516 1.80 8.57 1.38
N LEU C 517 1.72 9.91 1.44
CA LEU C 517 2.62 10.73 0.64
C LEU C 517 4.08 10.53 1.07
N ILE C 518 4.33 10.48 2.38
CA ILE C 518 5.69 10.28 2.87
C ILE C 518 6.22 8.92 2.40
N GLN C 519 5.38 7.88 2.48
CA GLN C 519 5.82 6.56 2.06
C GLN C 519 6.02 6.48 0.56
N SER C 520 5.28 7.29 -0.21
CA SER C 520 5.48 7.35 -1.64
C SER C 520 6.74 8.14 -2.00
N LEU C 521 7.22 9.00 -1.10
CA LEU C 521 8.44 9.74 -1.38
C LEU C 521 9.63 8.83 -1.64
N ASP C 522 9.76 7.75 -0.87
CA ASP C 522 10.89 6.84 -0.96
C ASP C 522 10.49 5.52 -1.61
N SER C 523 9.67 5.61 -2.65
CA SER C 523 9.10 4.42 -3.27
C SER C 523 10.18 3.52 -3.85
N SER C 524 11.11 4.09 -4.63
CA SER C 524 12.07 3.28 -5.38
C SER C 524 12.85 2.34 -4.47
N ARG C 525 13.23 2.83 -3.29
CA ARG C 525 13.83 1.97 -2.29
C ARG C 525 12.91 0.83 -1.90
N ARG C 526 11.60 1.08 -1.84
CA ARG C 526 10.66 0.02 -1.48
C ARG C 526 10.63 -1.09 -2.51
N GLN C 527 10.51 -0.75 -3.79
CA GLN C 527 10.54 -1.81 -4.81
C GLN C 527 11.89 -2.50 -4.85
N TYR C 528 12.98 -1.77 -4.62
CA TYR C 528 14.28 -2.44 -4.52
C TYR C 528 14.26 -3.48 -3.40
N GLN C 529 13.72 -3.10 -2.24
CA GLN C 529 13.67 -4.02 -1.11
C GLN C 529 12.80 -5.24 -1.41
N GLU C 530 11.66 -5.03 -2.09
CA GLU C 530 10.80 -6.17 -2.41
C GLU C 530 11.46 -7.10 -3.42
N LYS C 531 12.14 -6.54 -4.42
CA LYS C 531 12.86 -7.38 -5.37
C LYS C 531 13.97 -8.17 -4.69
N TYR C 532 14.70 -7.53 -3.77
CA TYR C 532 15.72 -8.25 -3.03
C TYR C 532 15.12 -9.32 -2.13
N LYS C 533 13.93 -9.07 -1.57
CA LYS C 533 13.27 -10.10 -0.77
C LYS C 533 12.89 -11.30 -1.63
N GLN C 534 12.38 -11.05 -2.84
CA GLN C 534 12.06 -12.14 -3.75
C GLN C 534 13.33 -12.92 -4.12
N VAL C 535 14.44 -12.20 -4.30
CA VAL C 535 15.70 -12.88 -4.59
C VAL C 535 16.16 -13.70 -3.38
N GLU C 536 15.89 -13.21 -2.17
CA GLU C 536 16.17 -13.99 -0.98
C GLU C 536 15.38 -15.29 -0.98
N GLN C 537 14.10 -15.22 -1.34
CA GLN C 537 13.31 -16.45 -1.42
C GLN C 537 13.88 -17.39 -2.48
N TYR C 538 14.27 -16.83 -3.63
CA TYR C 538 14.83 -17.66 -4.70
C TYR C 538 16.12 -18.35 -4.27
N MET C 539 17.00 -17.62 -3.58
CA MET C 539 18.24 -18.24 -3.12
C MET C 539 17.97 -19.23 -1.99
N SER C 540 16.90 -19.02 -1.22
CA SER C 540 16.51 -20.00 -0.22
C SER C 540 16.10 -21.32 -0.86
N PHE C 541 15.36 -21.25 -1.98
CA PHE C 541 14.85 -22.47 -2.60
C PHE C 541 15.98 -23.38 -3.09
N HIS C 542 17.00 -22.83 -3.72
CA HIS C 542 17.98 -23.64 -4.45
C HIS C 542 19.20 -24.02 -3.62
N LYS C 543 19.13 -23.89 -2.28
CA LYS C 543 20.18 -24.35 -1.38
C LYS C 543 21.52 -23.71 -1.73
N LEU C 544 21.50 -22.42 -2.04
CA LEU C 544 22.69 -21.74 -2.52
C LEU C 544 23.77 -21.69 -1.43
N PRO C 545 25.04 -21.82 -1.82
CA PRO C 545 26.12 -21.71 -0.83
C PRO C 545 26.21 -20.30 -0.29
N PRO C 546 26.71 -20.12 0.92
CA PRO C 546 26.79 -18.77 1.51
C PRO C 546 27.64 -17.80 0.71
N ASP C 547 28.70 -18.27 0.06
CA ASP C 547 29.56 -17.37 -0.72
C ASP C 547 28.76 -16.69 -1.83
N THR C 548 28.00 -17.48 -2.59
CA THR C 548 27.15 -16.90 -3.63
C THR C 548 26.01 -16.11 -3.03
N ARG C 549 25.48 -16.55 -1.88
CA ARG C 549 24.42 -15.81 -1.21
C ARG C 549 24.87 -14.44 -0.75
N GLN C 550 26.18 -14.23 -0.57
CA GLN C 550 26.72 -12.93 -0.23
C GLN C 550 27.13 -12.14 -1.46
N ARG C 551 27.66 -12.83 -2.47
CA ARG C 551 28.03 -12.15 -3.72
C ARG C 551 26.80 -11.58 -4.41
N ILE C 552 25.67 -12.30 -4.36
CA ILE C 552 24.42 -11.79 -4.95
C ILE C 552 24.00 -10.51 -4.24
N HIS C 553 24.09 -10.50 -2.91
CA HIS C 553 23.72 -9.31 -2.15
C HIS C 553 24.60 -8.12 -2.51
N ASP C 554 25.91 -8.35 -2.61
CA ASP C 554 26.81 -7.26 -3.01
C ASP C 554 26.50 -6.78 -4.42
N TYR C 555 26.24 -7.72 -5.34
CA TYR C 555 25.98 -7.34 -6.73
C TYR C 555 24.71 -6.51 -6.84
N TYR C 556 23.68 -6.83 -6.06
CA TYR C 556 22.50 -5.96 -6.04
C TYR C 556 22.73 -4.66 -5.29
N GLU C 557 23.61 -4.64 -4.29
CA GLU C 557 23.87 -3.39 -3.59
C GLU C 557 24.65 -2.39 -4.45
N HIS C 558 25.46 -2.85 -5.39
CA HIS C 558 26.16 -1.94 -6.29
C HIS C 558 25.55 -1.81 -7.68
N ARG C 559 24.83 -2.81 -8.19
CA ARG C 559 24.21 -2.69 -9.50
C ARG C 559 23.05 -1.71 -9.48
N TYR C 560 22.19 -1.82 -8.47
CA TYR C 560 21.02 -0.95 -8.34
C TYR C 560 21.20 0.12 -7.26
N GLN C 561 22.23 0.01 -6.43
CA GLN C 561 22.53 1.01 -5.40
C GLN C 561 21.36 1.22 -4.45
N GLY C 562 20.64 0.13 -4.17
CA GLY C 562 19.54 0.19 -3.23
C GLY C 562 18.37 1.04 -3.65
N LYS C 563 18.18 1.22 -4.97
CA LYS C 563 17.16 2.11 -5.49
C LYS C 563 16.94 1.88 -6.99
N MET C 564 15.68 1.66 -7.37
CA MET C 564 15.35 0.88 -8.56
C MET C 564 15.03 1.75 -9.78
N PHE C 565 15.28 1.18 -10.95
CA PHE C 565 14.91 1.76 -12.23
C PHE C 565 14.87 0.64 -13.27
N ASP C 566 14.26 0.93 -14.42
CA ASP C 566 14.22 -0.01 -15.54
C ASP C 566 14.65 0.74 -16.79
N GLU C 567 15.89 0.51 -17.22
CA GLU C 567 16.43 1.26 -18.37
C GLU C 567 15.67 0.94 -19.65
N GLU C 568 15.33 -0.34 -19.86
CA GLU C 568 14.71 -0.75 -21.12
C GLU C 568 13.38 -0.04 -21.34
N SER C 569 12.52 -0.04 -20.33
CA SER C 569 11.19 0.57 -20.48
C SER C 569 11.30 2.07 -20.70
N ILE C 570 12.16 2.75 -19.94
CA ILE C 570 12.31 4.19 -20.09
C ILE C 570 12.85 4.53 -21.48
N LEU C 571 13.86 3.78 -21.94
CA LEU C 571 14.42 4.04 -23.26
C LEU C 571 13.39 3.79 -24.36
N GLY C 572 12.62 2.72 -24.25
CA GLY C 572 11.58 2.47 -25.23
C GLY C 572 10.38 3.37 -25.12
N GLU C 573 10.28 4.12 -24.02
CA GLU C 573 9.15 5.03 -23.84
C GLU C 573 9.45 6.43 -24.35
N LEU C 574 10.71 6.86 -24.29
CA LEU C 574 11.07 8.22 -24.65
C LEU C 574 10.89 8.45 -26.15
N SER C 575 10.67 9.71 -26.51
CA SER C 575 10.60 10.10 -27.91
C SER C 575 11.97 9.95 -28.56
N GLU C 576 11.96 9.77 -29.87
CA GLU C 576 13.20 9.46 -30.60
C GLU C 576 14.28 10.52 -30.42
N PRO C 577 14.02 11.83 -30.58
CA PRO C 577 15.10 12.81 -30.33
C PRO C 577 15.66 12.76 -28.92
N LEU C 578 14.81 12.59 -27.92
CA LEU C 578 15.30 12.55 -26.54
C LEU C 578 16.16 11.32 -26.30
N ARG C 579 15.65 10.14 -26.68
CA ARG C 579 16.43 8.91 -26.56
C ARG C 579 17.75 9.05 -27.28
N GLU C 580 17.75 9.72 -28.44
CA GLU C 580 18.99 9.99 -29.14
C GLU C 580 19.93 10.85 -28.31
N GLU C 581 19.38 11.86 -27.62
CA GLU C 581 20.21 12.72 -26.78
C GLU C 581 20.89 11.93 -25.67
N ILE C 582 20.12 11.11 -24.94
CA ILE C 582 20.72 10.32 -23.86
C ILE C 582 21.75 9.33 -24.40
N ILE C 583 21.42 8.62 -25.48
CA ILE C 583 22.36 7.64 -26.01
C ILE C 583 23.63 8.32 -26.51
N ASN C 584 23.50 9.49 -27.14
CA ASN C 584 24.67 10.24 -27.57
C ASN C 584 25.54 10.62 -26.39
N PHE C 585 24.93 11.28 -25.39
CA PHE C 585 25.70 11.73 -24.23
C PHE C 585 26.37 10.57 -23.51
N ASN C 586 25.78 9.37 -23.58
CA ASN C 586 26.40 8.22 -22.94
C ASN C 586 27.56 7.64 -23.77
N CYS C 587 27.38 7.49 -25.08
CA CYS C 587 28.27 6.62 -25.85
C CYS C 587 29.01 7.28 -27.01
N ARG C 588 28.91 8.60 -27.19
CA ARG C 588 29.63 9.24 -28.29
C ARG C 588 31.14 9.08 -28.09
N LYS C 589 31.63 9.44 -26.90
CA LYS C 589 33.05 9.30 -26.62
C LYS C 589 33.48 7.83 -26.60
N LEU C 590 32.60 6.94 -26.14
CA LEU C 590 32.94 5.52 -26.10
C LEU C 590 33.16 4.95 -27.49
N VAL C 591 32.19 5.14 -28.39
CA VAL C 591 32.30 4.55 -29.72
C VAL C 591 33.31 5.31 -30.58
N ALA C 592 33.33 6.64 -30.50
CA ALA C 592 34.24 7.42 -31.33
C ALA C 592 35.70 7.18 -30.98
N SER C 593 35.98 6.55 -29.84
CA SER C 593 37.35 6.26 -29.44
C SER C 593 37.89 4.98 -30.08
N MET C 594 37.09 4.28 -30.88
CA MET C 594 37.53 3.06 -31.54
C MET C 594 38.70 3.34 -32.48
N ASP C 601 30.15 8.27 -40.82
CA ASP C 601 28.89 9.00 -41.00
C ASP C 601 28.02 8.90 -39.76
N PRO C 602 27.34 10.01 -39.42
CA PRO C 602 26.54 10.04 -38.18
C PRO C 602 25.46 8.97 -38.11
N ASN C 603 24.83 8.62 -39.24
CA ASN C 603 23.70 7.70 -39.18
C ASN C 603 24.14 6.29 -38.79
N PHE C 604 25.24 5.81 -39.38
CA PHE C 604 25.68 4.45 -39.10
C PHE C 604 26.15 4.31 -37.65
N VAL C 605 26.93 5.27 -37.17
CA VAL C 605 27.40 5.23 -35.79
C VAL C 605 26.24 5.40 -34.83
N THR C 606 25.26 6.23 -35.19
CA THR C 606 24.08 6.40 -34.35
C THR C 606 23.28 5.11 -34.24
N SER C 607 23.06 4.42 -35.36
CA SER C 607 22.37 3.14 -35.31
C SER C 607 23.16 2.12 -34.52
N MET C 608 24.50 2.18 -34.59
CA MET C 608 25.32 1.32 -33.76
C MET C 608 25.09 1.64 -32.28
N LEU C 609 25.01 2.92 -31.94
CA LEU C 609 24.77 3.32 -30.56
C LEU C 609 23.42 2.79 -30.06
N THR C 610 22.43 2.75 -30.94
CA THR C 610 21.08 2.37 -30.53
C THR C 610 20.99 0.94 -30.02
N LYS C 611 22.11 0.21 -30.00
CA LYS C 611 22.13 -1.20 -29.61
C LYS C 611 23.27 -1.50 -28.64
N LEU C 612 23.40 -0.67 -27.59
CA LEU C 612 24.33 -0.92 -26.50
C LEU C 612 23.56 -1.29 -25.24
N ARG C 613 24.01 -2.35 -24.59
CA ARG C 613 23.40 -2.84 -23.36
C ARG C 613 24.34 -2.60 -22.17
N PHE C 614 23.74 -2.37 -21.01
CA PHE C 614 24.47 -2.02 -19.80
C PHE C 614 24.71 -3.28 -18.99
N GLU C 615 25.98 -3.57 -18.69
CA GLU C 615 26.42 -4.88 -18.19
C GLU C 615 27.34 -4.73 -16.98
N VAL C 616 26.91 -3.96 -15.98
CA VAL C 616 27.70 -3.78 -14.76
C VAL C 616 28.16 -5.12 -14.22
N PHE C 617 29.47 -5.26 -14.02
CA PHE C 617 30.07 -6.48 -13.50
C PHE C 617 30.44 -6.29 -12.02
N GLN C 618 31.15 -7.28 -11.48
CA GLN C 618 31.58 -7.32 -10.09
C GLN C 618 33.06 -7.69 -10.03
N PRO C 619 33.79 -7.19 -9.03
CA PRO C 619 35.20 -7.58 -8.90
C PRO C 619 35.37 -9.09 -8.73
N GLY C 620 36.43 -9.61 -9.34
CA GLY C 620 36.72 -11.02 -9.29
C GLY C 620 35.91 -11.89 -10.21
N ASP C 621 35.05 -11.30 -11.04
CA ASP C 621 34.18 -12.04 -11.95
C ASP C 621 34.83 -12.11 -13.33
N TYR C 622 34.89 -13.31 -13.90
CA TYR C 622 35.42 -13.48 -15.24
C TYR C 622 34.52 -12.79 -16.25
N ILE C 623 35.13 -12.23 -17.30
CA ILE C 623 34.42 -11.49 -18.33
C ILE C 623 34.31 -12.29 -19.62
N ILE C 624 35.44 -12.67 -20.20
CA ILE C 624 35.44 -13.45 -21.44
C ILE C 624 36.13 -14.78 -21.21
N GLY C 630 34.12 -16.32 -27.64
CA GLY C 630 34.37 -14.90 -27.84
C GLY C 630 33.66 -14.34 -29.04
N LYS C 631 32.42 -13.89 -28.85
CA LYS C 631 31.62 -13.32 -29.92
C LYS C 631 31.09 -11.93 -29.62
N LYS C 632 31.47 -11.33 -28.49
CA LYS C 632 30.99 -10.03 -28.09
C LYS C 632 32.17 -9.11 -27.77
N MET C 633 32.02 -7.83 -28.08
CA MET C 633 32.99 -6.81 -27.71
C MET C 633 32.44 -5.95 -26.58
N TYR C 634 33.35 -5.37 -25.80
CA TYR C 634 32.98 -4.68 -24.58
C TYR C 634 33.56 -3.27 -24.57
N PHE C 635 32.72 -2.31 -24.19
CA PHE C 635 33.14 -0.92 -24.01
C PHE C 635 33.02 -0.58 -22.52
N ILE C 636 34.11 -0.13 -21.92
CA ILE C 636 34.19 0.12 -20.49
C ILE C 636 33.99 1.61 -20.24
N GLN C 637 32.85 1.95 -19.63
CA GLN C 637 32.60 3.34 -19.27
C GLN C 637 33.36 3.72 -18.00
N HIS C 638 33.32 2.86 -16.99
CA HIS C 638 33.83 3.19 -15.67
C HIS C 638 34.59 1.99 -15.11
N GLY C 639 35.51 2.28 -14.20
CA GLY C 639 36.25 1.24 -13.52
C GLY C 639 37.54 0.86 -14.23
N VAL C 640 38.14 -0.22 -13.73
CA VAL C 640 39.41 -0.72 -14.24
C VAL C 640 39.25 -2.20 -14.55
N VAL C 641 39.70 -2.59 -15.75
CA VAL C 641 39.62 -3.98 -16.20
C VAL C 641 41.04 -4.47 -16.47
N SER C 642 41.24 -5.78 -16.30
CA SER C 642 42.53 -6.42 -16.50
C SER C 642 42.40 -7.55 -17.50
N VAL C 643 43.49 -7.82 -18.22
CA VAL C 643 43.55 -8.84 -19.24
C VAL C 643 44.56 -9.89 -18.81
N LEU C 644 44.17 -11.16 -18.89
CA LEU C 644 45.02 -12.28 -18.48
C LEU C 644 45.45 -13.06 -19.70
N THR C 645 46.77 -13.21 -19.86
CA THR C 645 47.33 -13.96 -20.98
C THR C 645 48.63 -14.62 -20.52
N LYS C 646 48.98 -15.74 -21.17
CA LYS C 646 50.21 -16.44 -20.82
C LYS C 646 51.44 -15.75 -21.39
N GLY C 647 51.33 -15.09 -22.55
CA GLY C 647 52.46 -14.43 -23.16
C GLY C 647 52.91 -13.20 -22.38
N ASN C 648 52.09 -12.17 -22.38
CA ASN C 648 52.33 -10.98 -21.57
C ASN C 648 51.57 -11.10 -20.26
N LYS C 649 52.14 -10.55 -19.19
CA LYS C 649 51.57 -10.74 -17.85
C LYS C 649 50.16 -10.19 -17.77
N GLU C 650 49.92 -8.99 -18.28
CA GLU C 650 48.61 -8.35 -18.26
C GLU C 650 48.72 -7.03 -19.00
N THR C 651 47.55 -6.49 -19.38
CA THR C 651 47.44 -5.15 -19.92
C THR C 651 46.40 -4.40 -19.12
N LYS C 652 46.79 -3.25 -18.56
CA LYS C 652 45.91 -2.46 -17.73
C LYS C 652 45.15 -1.47 -18.59
N LEU C 653 43.82 -1.49 -18.50
CA LEU C 653 42.95 -0.65 -19.30
C LEU C 653 42.21 0.35 -18.41
N ALA C 654 41.64 1.36 -19.05
CA ALA C 654 40.96 2.44 -18.34
C ALA C 654 39.68 2.78 -19.10
N ASP C 655 39.09 3.92 -18.74
CA ASP C 655 37.81 4.31 -19.29
C ASP C 655 37.90 4.52 -20.80
N GLY C 656 36.93 3.96 -21.53
CA GLY C 656 36.81 4.20 -22.96
C GLY C 656 37.46 3.16 -23.85
N SER C 657 38.35 2.33 -23.31
CA SER C 657 39.06 1.36 -24.13
C SER C 657 38.10 0.28 -24.63
N TYR C 658 38.37 -0.20 -25.84
CA TYR C 658 37.55 -1.22 -26.48
C TYR C 658 38.31 -2.53 -26.55
N PHE C 659 37.59 -3.63 -26.34
CA PHE C 659 38.19 -4.96 -26.36
C PHE C 659 37.10 -5.98 -26.66
N GLY C 660 37.53 -7.22 -26.87
CA GLY C 660 36.62 -8.25 -27.33
C GLY C 660 36.24 -8.11 -28.80
N GLU C 661 37.09 -7.46 -29.59
CA GLU C 661 36.78 -7.10 -30.97
C GLU C 661 36.69 -8.31 -31.91
N ILE C 662 37.06 -9.50 -31.44
CA ILE C 662 37.02 -10.68 -32.30
C ILE C 662 35.60 -10.88 -32.82
N CYS C 663 35.48 -10.96 -34.15
CA CYS C 663 34.19 -11.10 -34.86
C CYS C 663 33.07 -10.27 -34.25
N SER C 673 40.59 -15.27 -21.84
CA SER C 673 39.66 -14.71 -20.86
C SER C 673 40.27 -13.51 -20.15
N VAL C 674 39.41 -12.65 -19.60
CA VAL C 674 39.83 -11.45 -18.90
C VAL C 674 39.05 -11.34 -17.59
N ARG C 675 39.62 -10.58 -16.65
CA ARG C 675 39.05 -10.40 -15.32
C ARG C 675 38.57 -8.97 -15.15
N ALA C 676 37.88 -8.72 -14.05
CA ALA C 676 37.42 -7.38 -13.67
C ALA C 676 37.93 -7.08 -12.27
N ASP C 677 38.52 -5.90 -12.09
CA ASP C 677 39.14 -5.52 -10.83
C ASP C 677 38.22 -4.68 -9.95
N THR C 678 37.75 -3.55 -10.46
CA THR C 678 36.82 -2.69 -9.74
C THR C 678 35.39 -2.99 -10.19
N TYR C 679 34.44 -2.17 -9.73
CA TYR C 679 33.04 -2.33 -10.10
C TYR C 679 32.81 -1.67 -11.46
N CYS C 680 33.13 -2.43 -12.50
CA CYS C 680 33.06 -1.92 -13.87
C CYS C 680 31.60 -1.77 -14.31
N ARG C 681 31.42 -0.99 -15.37
CA ARG C 681 30.10 -0.71 -15.95
C ARG C 681 30.17 -0.89 -17.47
N LEU C 682 30.71 -2.04 -17.88
CA LEU C 682 30.97 -2.32 -19.29
C LEU C 682 29.71 -2.16 -20.14
N TYR C 683 29.92 -1.87 -21.43
CA TYR C 683 28.87 -1.84 -22.42
C TYR C 683 29.12 -2.95 -23.43
N SER C 684 28.04 -3.48 -24.00
CA SER C 684 28.11 -4.67 -24.84
C SER C 684 27.66 -4.38 -26.25
N LEU C 685 28.29 -5.05 -27.21
CA LEU C 685 27.89 -5.01 -28.62
C LEU C 685 27.86 -6.45 -29.13
N SER C 686 26.66 -7.04 -29.16
CA SER C 686 26.51 -8.39 -29.66
C SER C 686 26.82 -8.45 -31.15
N VAL C 687 27.38 -9.57 -31.59
CA VAL C 687 27.80 -9.71 -32.98
C VAL C 687 26.61 -9.62 -33.93
N ASP C 688 25.48 -10.23 -33.55
CA ASP C 688 24.30 -10.18 -34.42
C ASP C 688 23.82 -8.74 -34.60
N ASN C 689 23.74 -7.98 -33.49
CA ASN C 689 23.31 -6.59 -33.58
C ASN C 689 24.25 -5.78 -34.46
N PHE C 690 25.56 -6.02 -34.34
CA PHE C 690 26.52 -5.43 -35.26
C PHE C 690 26.20 -5.79 -36.70
N ASN C 691 25.73 -7.03 -36.92
CA ASN C 691 25.40 -7.46 -38.27
C ASN C 691 24.19 -6.70 -38.82
N GLU C 692 23.13 -6.54 -38.03
CA GLU C 692 22.01 -5.73 -38.54
C GLU C 692 22.41 -4.27 -38.74
N VAL C 693 23.23 -3.72 -37.85
CA VAL C 693 23.69 -2.35 -38.01
C VAL C 693 24.45 -2.20 -39.33
N LEU C 694 25.30 -3.17 -39.65
CA LEU C 694 26.05 -3.12 -40.91
C LEU C 694 25.12 -3.27 -42.10
N GLU C 695 24.19 -4.23 -42.05
CA GLU C 695 23.42 -4.56 -43.24
C GLU C 695 22.33 -3.53 -43.55
N GLU C 696 21.83 -2.83 -42.54
CA GLU C 696 20.75 -1.88 -42.78
C GLU C 696 21.16 -0.72 -43.69
N TYR C 697 22.45 -0.40 -43.75
CA TYR C 697 22.93 0.71 -44.57
C TYR C 697 23.82 0.20 -45.69
N PRO C 698 23.32 0.05 -46.90
CA PRO C 698 24.08 -0.56 -47.99
C PRO C 698 24.91 0.40 -48.83
N MET C 699 25.03 1.67 -48.44
CA MET C 699 25.85 2.62 -49.19
C MET C 699 27.30 2.13 -49.26
N MET C 700 27.88 1.76 -48.12
CA MET C 700 29.21 1.18 -48.06
C MET C 700 29.20 -0.10 -47.23
N ARG C 701 28.14 -0.90 -47.35
CA ARG C 701 28.03 -2.10 -46.53
C ARG C 701 29.17 -3.08 -46.82
N ARG C 702 29.39 -3.38 -48.12
CA ARG C 702 30.47 -4.30 -48.48
C ARG C 702 31.81 -3.75 -48.05
N ALA C 703 31.96 -2.42 -48.06
CA ALA C 703 33.17 -1.79 -47.56
C ALA C 703 33.36 -2.03 -46.07
N PHE C 704 32.27 -1.96 -45.28
CA PHE C 704 32.40 -2.25 -43.86
C PHE C 704 32.74 -3.72 -43.61
N GLU C 705 32.11 -4.65 -44.35
CA GLU C 705 32.49 -6.04 -44.16
C GLU C 705 33.86 -6.35 -44.75
N THR C 706 34.40 -5.48 -45.58
CA THR C 706 35.74 -5.68 -46.14
C THR C 706 36.81 -5.17 -45.17
N MET D 222 48.25 8.31 7.74
CA MET D 222 47.23 8.15 8.77
C MET D 222 45.87 8.65 8.29
N LEU D 223 45.87 9.81 7.63
CA LEU D 223 44.63 10.36 7.08
C LEU D 223 44.13 9.55 5.89
N GLN D 224 44.96 8.68 5.33
CA GLN D 224 44.52 7.83 4.23
C GLN D 224 43.49 6.82 4.72
N PRO D 225 42.46 6.53 3.92
CA PRO D 225 41.48 5.52 4.32
C PRO D 225 42.09 4.12 4.26
N GLY D 226 42.32 3.54 5.44
CA GLY D 226 42.95 2.23 5.51
C GLY D 226 42.11 1.22 6.26
N VAL D 227 40.80 1.47 6.36
CA VAL D 227 39.91 0.54 7.05
C VAL D 227 39.72 -0.71 6.21
N ASN D 228 39.28 -1.79 6.87
CA ASN D 228 39.01 -3.06 6.22
C ASN D 228 37.61 -3.57 6.57
N LYS D 229 36.70 -2.66 6.89
CA LYS D 229 35.33 -3.02 7.24
C LYS D 229 34.33 -2.51 6.22
N PHE D 230 34.32 -1.21 5.93
CA PHE D 230 33.34 -0.62 5.03
C PHE D 230 33.92 -0.18 3.70
N SER D 231 35.17 0.28 3.66
CA SER D 231 35.79 0.60 2.37
C SER D 231 35.95 -0.65 1.52
N LEU D 232 36.04 -1.82 2.14
CA LEU D 232 36.06 -3.08 1.40
C LEU D 232 34.76 -3.30 0.66
N ARG D 233 33.63 -2.93 1.28
CA ARG D 233 32.33 -3.17 0.67
C ARG D 233 32.17 -2.39 -0.63
N MET D 234 32.58 -1.12 -0.64
CA MET D 234 32.43 -0.28 -1.82
C MET D 234 33.59 -0.50 -2.79
N GLN D 238 39.20 -4.63 -5.06
CA GLN D 238 40.06 -4.22 -3.96
C GLN D 238 40.99 -3.09 -4.39
N LYS D 239 41.39 -3.10 -5.67
CA LYS D 239 42.31 -2.09 -6.17
C LYS D 239 41.71 -0.70 -6.08
N ALA D 240 40.38 -0.60 -6.11
CA ALA D 240 39.72 0.70 -5.94
C ALA D 240 40.13 1.34 -4.62
N VAL D 241 40.32 0.52 -3.58
CA VAL D 241 40.80 1.04 -2.31
C VAL D 241 42.16 1.71 -2.50
N GLU D 242 43.05 1.06 -3.25
CA GLU D 242 44.31 1.70 -3.62
C GLU D 242 44.05 2.98 -4.39
N ARG D 243 43.07 2.96 -5.31
CA ARG D 243 42.67 4.18 -5.99
C ARG D 243 42.20 5.23 -4.98
N GLU D 244 41.48 4.80 -3.93
CA GLU D 244 41.18 5.71 -2.83
C GLU D 244 42.46 6.33 -2.30
N GLN D 245 43.47 5.50 -2.03
CA GLN D 245 44.78 5.99 -1.63
C GLN D 245 45.29 7.00 -2.65
N GLU D 246 45.11 6.69 -3.94
CA GLU D 246 45.52 7.62 -4.99
C GLU D 246 44.89 8.98 -4.79
N ARG D 247 43.59 9.03 -4.53
CA ARG D 247 42.92 10.31 -4.34
C ARG D 247 43.44 11.05 -3.12
N VAL D 248 44.05 10.35 -2.17
CA VAL D 248 44.71 10.99 -1.05
C VAL D 248 46.20 11.22 -1.34
N LYS D 249 46.80 10.43 -2.22
CA LYS D 249 48.20 10.66 -2.60
C LYS D 249 48.38 11.95 -3.39
N SER D 250 47.30 12.58 -3.85
CA SER D 250 47.37 13.85 -4.56
C SER D 250 47.46 15.05 -3.63
N ALA D 251 47.45 14.82 -2.32
CA ALA D 251 47.56 15.91 -1.35
C ALA D 251 48.93 16.56 -1.41
N ILE D 256 40.97 15.48 4.86
CA ILE D 256 40.97 14.12 5.34
C ILE D 256 39.86 13.32 4.64
N HIS D 257 40.18 12.11 4.21
CA HIS D 257 39.21 11.28 3.53
C HIS D 257 38.06 10.92 4.47
N PRO D 258 36.81 10.95 3.98
CA PRO D 258 35.69 10.60 4.86
C PRO D 258 35.76 9.17 5.40
N TYR D 259 36.32 8.25 4.62
CA TYR D 259 36.41 6.85 5.02
C TYR D 259 37.63 6.54 5.87
N SER D 260 38.43 7.55 6.22
CA SER D 260 39.62 7.32 7.03
C SER D 260 39.22 6.80 8.41
N ASP D 261 40.07 5.92 8.95
CA ASP D 261 39.79 5.33 10.26
C ASP D 261 39.76 6.40 11.34
N PHE D 262 40.73 7.32 11.32
CA PHE D 262 40.74 8.39 12.32
C PHE D 262 39.49 9.25 12.22
N ARG D 263 39.04 9.53 10.99
CA ARG D 263 37.80 10.27 10.83
C ARG D 263 36.61 9.52 11.41
N PHE D 264 36.56 8.20 11.22
CA PHE D 264 35.44 7.42 11.74
C PHE D 264 35.45 7.41 13.26
N TYR D 265 36.60 7.17 13.88
CA TYR D 265 36.68 7.18 15.34
C TYR D 265 36.37 8.56 15.90
N TRP D 266 36.83 9.62 15.23
CA TRP D 266 36.58 10.97 15.70
C TRP D 266 35.09 11.30 15.59
N ASP D 267 34.46 10.86 14.50
CA ASP D 267 33.01 11.01 14.35
C ASP D 267 32.25 10.23 15.42
N LEU D 268 32.77 9.07 15.81
CA LEU D 268 32.15 8.33 16.91
C LEU D 268 32.27 9.09 18.22
N THR D 269 33.43 9.73 18.44
CA THR D 269 33.59 10.55 19.63
C THR D 269 32.58 11.69 19.64
N MET D 270 32.39 12.36 18.50
CA MET D 270 31.30 13.34 18.46
C MET D 270 29.94 12.67 18.68
N LEU D 271 29.71 11.49 18.15
CA LEU D 271 28.42 10.84 18.38
C LEU D 271 28.12 10.76 19.86
N LEU D 272 29.07 10.22 20.62
CA LEU D 272 28.91 10.12 22.08
C LEU D 272 28.72 11.49 22.71
N LEU D 273 29.59 12.44 22.35
CA LEU D 273 29.61 13.72 23.04
C LEU D 273 28.38 14.57 22.70
N MET D 274 27.88 14.46 21.46
CA MET D 274 26.63 15.08 21.04
C MET D 274 25.46 14.50 21.82
N VAL D 275 25.41 13.17 21.97
CA VAL D 275 24.31 12.58 22.72
C VAL D 275 24.34 13.11 24.14
N GLY D 276 25.54 13.15 24.73
CA GLY D 276 25.70 13.66 26.07
C GLY D 276 25.25 15.10 26.23
N ASN D 277 25.66 15.97 25.30
CA ASN D 277 25.24 17.36 25.35
C ASN D 277 23.73 17.49 25.19
N LEU D 278 23.16 16.78 24.22
CA LEU D 278 21.74 16.93 23.95
C LEU D 278 20.89 16.43 25.10
N ILE D 279 21.43 15.53 25.93
CA ILE D 279 20.71 15.16 27.14
C ILE D 279 20.96 16.17 28.26
N ILE D 280 22.20 16.60 28.45
CA ILE D 280 22.55 17.33 29.67
C ILE D 280 22.16 18.80 29.58
N ILE D 281 22.45 19.45 28.44
CA ILE D 281 22.24 20.89 28.34
C ILE D 281 20.80 21.30 28.64
N PRO D 282 19.77 20.69 28.03
CA PRO D 282 18.40 21.11 28.39
C PRO D 282 18.08 20.89 29.85
N VAL D 283 18.60 19.83 30.47
CA VAL D 283 18.41 19.64 31.91
C VAL D 283 19.21 20.67 32.69
N GLY D 284 20.46 20.90 32.30
CA GLY D 284 21.30 21.83 33.05
C GLY D 284 20.83 23.26 32.97
N ILE D 285 20.40 23.71 31.79
CA ILE D 285 19.99 25.10 31.63
C ILE D 285 18.60 25.35 32.21
N THR D 286 17.76 24.32 32.32
CA THR D 286 16.42 24.49 32.86
C THR D 286 16.38 24.18 34.35
N PHE D 287 16.86 23.01 34.75
CA PHE D 287 16.94 22.64 36.15
C PHE D 287 18.23 23.22 36.74
N PHE D 288 18.51 22.91 38.00
CA PHE D 288 19.73 23.34 38.67
C PHE D 288 19.88 24.86 38.60
N LYS D 289 18.91 25.56 39.18
CA LYS D 289 18.91 27.01 39.11
C LYS D 289 20.14 27.59 39.80
N ASP D 290 20.61 28.73 39.29
CA ASP D 290 21.89 29.33 39.68
C ASP D 290 23.03 28.33 39.45
N GLU D 291 23.20 27.96 38.17
CA GLU D 291 24.15 26.93 37.77
C GLU D 291 25.57 27.51 37.69
N ASN D 292 26.07 27.94 38.84
CA ASN D 292 27.40 28.51 38.96
C ASN D 292 28.46 27.48 39.32
N THR D 293 28.09 26.21 39.40
CA THR D 293 29.05 25.17 39.75
C THR D 293 30.10 25.02 38.65
N THR D 294 31.30 24.59 39.05
CA THR D 294 32.45 24.54 38.16
C THR D 294 32.48 23.33 37.21
N PRO D 295 32.14 22.11 37.64
CA PRO D 295 32.26 20.97 36.71
C PRO D 295 31.41 21.12 35.45
N TRP D 296 30.21 21.69 35.57
CA TRP D 296 29.38 21.90 34.39
C TRP D 296 30.04 22.86 33.42
N ILE D 297 30.64 23.93 33.95
CA ILE D 297 31.33 24.90 33.09
C ILE D 297 32.52 24.24 32.42
N VAL D 298 33.28 23.43 33.16
CA VAL D 298 34.43 22.75 32.58
C VAL D 298 34.00 21.82 31.46
N PHE D 299 32.95 21.04 31.71
CA PHE D 299 32.44 20.12 30.69
C PHE D 299 31.95 20.87 29.46
N ASN D 300 31.24 21.98 29.67
CA ASN D 300 30.74 22.77 28.55
C ASN D 300 31.88 23.34 27.72
N VAL D 301 32.89 23.90 28.38
CA VAL D 301 33.98 24.53 27.63
C VAL D 301 34.82 23.49 26.90
N VAL D 302 35.04 22.32 27.52
CA VAL D 302 35.82 21.29 26.82
C VAL D 302 35.03 20.74 25.64
N SER D 303 33.70 20.60 25.79
CA SER D 303 32.88 20.21 24.65
C SER D 303 32.94 21.25 23.54
N ASP D 304 32.94 22.54 23.90
CA ASP D 304 33.09 23.58 22.89
C ASP D 304 34.44 23.52 22.21
N THR D 305 35.50 23.13 22.95
CA THR D 305 36.80 22.96 22.31
C THR D 305 36.78 21.81 21.30
N PHE D 306 36.20 20.67 21.68
CA PHE D 306 36.01 19.60 20.70
C PHE D 306 35.19 20.06 19.50
N PHE D 307 34.21 20.94 19.73
CA PHE D 307 33.38 21.40 18.63
C PHE D 307 34.15 22.31 17.68
N LEU D 308 34.99 23.19 18.22
CA LEU D 308 35.85 23.99 17.35
C LEU D 308 36.82 23.10 16.59
N ILE D 309 37.36 22.08 17.26
CA ILE D 309 38.30 21.18 16.60
C ILE D 309 37.63 20.43 15.45
N ASP D 310 36.43 19.89 15.68
CA ASP D 310 35.78 19.13 14.62
C ASP D 310 35.26 20.03 13.51
N LEU D 311 34.89 21.27 13.84
CA LEU D 311 34.50 22.22 12.80
C LEU D 311 35.68 22.58 11.91
N VAL D 312 36.86 22.80 12.50
CA VAL D 312 38.01 23.13 11.66
C VAL D 312 38.52 21.90 10.92
N LEU D 313 38.30 20.71 11.46
CA LEU D 313 38.62 19.50 10.70
C LEU D 313 37.61 19.25 9.58
N ASN D 314 36.41 19.80 9.70
CA ASN D 314 35.46 19.76 8.59
C ASN D 314 36.02 20.50 7.37
N PHE D 315 36.87 21.50 7.60
CA PHE D 315 37.60 22.12 6.50
C PHE D 315 38.63 21.16 5.94
N ARG D 316 38.78 21.16 4.61
CA ARG D 316 39.74 20.30 3.91
C ARG D 316 39.48 18.82 4.22
N THR D 317 38.29 18.36 3.86
CA THR D 317 37.92 16.97 4.02
C THR D 317 37.20 16.49 2.77
N GLY D 318 37.24 15.18 2.56
CA GLY D 318 36.52 14.56 1.45
C GLY D 318 35.07 14.31 1.81
N ILE D 319 34.20 14.53 0.83
CA ILE D 319 32.75 14.34 0.99
C ILE D 319 32.28 13.51 -0.19
N VAL D 320 32.15 12.21 0.01
CA VAL D 320 31.66 11.31 -1.03
C VAL D 320 30.15 11.43 -1.07
N VAL D 321 29.63 12.15 -2.07
CA VAL D 321 28.20 12.39 -2.21
C VAL D 321 27.79 11.99 -3.61
N GLU D 322 26.50 11.66 -3.77
CA GLU D 322 25.93 11.23 -5.04
C GLU D 322 26.60 9.93 -5.50
N ASP D 323 27.14 9.16 -4.55
CA ASP D 323 27.90 7.94 -4.83
C ASP D 323 29.07 8.23 -5.77
N ASN D 324 29.69 9.39 -5.58
CA ASN D 324 30.84 9.80 -6.37
C ASN D 324 31.94 10.28 -5.43
N THR D 325 33.18 9.94 -5.76
CA THR D 325 34.33 10.25 -4.91
C THR D 325 34.69 11.72 -5.06
N ASP D 326 33.85 12.57 -4.46
CA ASP D 326 34.06 14.02 -4.48
C ASP D 326 34.96 14.41 -3.31
N ILE D 327 36.25 14.12 -3.48
CA ILE D 327 37.21 14.35 -2.40
C ILE D 327 37.44 15.83 -2.14
N ILE D 328 37.06 16.70 -3.10
CA ILE D 328 37.19 18.16 -3.03
C ILE D 328 38.44 18.59 -2.27
N LEU D 329 39.60 18.12 -2.72
CA LEU D 329 40.86 18.49 -2.07
C LEU D 329 41.14 19.99 -2.16
N ASP D 330 40.59 20.64 -3.18
CA ASP D 330 40.78 22.08 -3.34
C ASP D 330 40.17 22.80 -2.13
N PRO D 331 40.92 23.69 -1.48
CA PRO D 331 40.33 24.44 -0.34
C PRO D 331 39.08 25.21 -0.72
N ARG D 332 39.03 25.78 -1.93
CA ARG D 332 37.82 26.45 -2.37
C ARG D 332 36.68 25.46 -2.55
N ARG D 333 36.98 24.25 -3.02
CA ARG D 333 35.94 23.25 -3.23
C ARG D 333 35.33 22.78 -1.92
N ILE D 334 36.17 22.46 -0.93
CA ILE D 334 35.64 22.09 0.38
C ILE D 334 34.92 23.27 1.02
N LYS D 335 35.44 24.48 0.80
CA LYS D 335 34.76 25.67 1.33
C LYS D 335 33.34 25.77 0.80
N MET D 336 33.18 25.69 -0.53
CA MET D 336 31.86 25.84 -1.12
C MET D 336 30.95 24.67 -0.76
N LYS D 337 31.50 23.45 -0.72
CA LYS D 337 30.68 22.29 -0.38
C LYS D 337 30.18 22.36 1.05
N TYR D 338 31.04 22.78 1.98
CA TYR D 338 30.60 22.97 3.37
C TYR D 338 29.63 24.13 3.48
N LEU D 339 29.80 25.17 2.65
CA LEU D 339 28.83 26.25 2.59
C LEU D 339 27.53 25.83 1.93
N LYS D 340 27.49 24.66 1.30
CA LYS D 340 26.24 24.10 0.79
C LYS D 340 25.56 23.17 1.78
N SER D 341 26.14 22.96 2.96
CA SER D 341 25.57 22.06 3.97
C SER D 341 25.54 22.79 5.31
N TRP D 342 24.51 23.61 5.52
CA TRP D 342 24.22 24.30 6.79
C TRP D 342 25.50 24.83 7.45
N PHE D 343 26.21 25.70 6.73
CA PHE D 343 27.45 26.24 7.27
C PHE D 343 27.18 27.16 8.47
N VAL D 344 26.21 28.08 8.33
CA VAL D 344 25.97 29.08 9.35
C VAL D 344 25.47 28.41 10.63
N VAL D 345 24.64 27.37 10.49
CA VAL D 345 24.22 26.60 11.67
C VAL D 345 25.43 26.00 12.36
N ASP D 346 26.37 25.48 11.57
CA ASP D 346 27.57 24.88 12.15
C ASP D 346 28.39 25.90 12.93
N PHE D 347 28.60 27.11 12.38
CA PHE D 347 29.30 28.12 13.14
C PHE D 347 28.54 28.51 14.40
N VAL D 348 27.25 28.83 14.28
CA VAL D 348 26.52 29.35 15.44
C VAL D 348 26.43 28.30 16.54
N SER D 349 26.34 27.02 16.17
CA SER D 349 26.34 25.96 17.17
C SER D 349 27.72 25.77 17.78
N SER D 350 28.76 25.75 16.94
CA SER D 350 30.11 25.49 17.44
C SER D 350 30.60 26.61 18.35
N ILE D 351 30.36 27.86 17.98
CA ILE D 351 30.86 28.98 18.80
C ILE D 351 30.05 29.05 20.08
N PRO D 352 30.69 29.28 21.23
CA PRO D 352 29.95 29.45 22.50
C PRO D 352 29.29 30.83 22.56
N VAL D 353 28.10 30.93 21.96
CA VAL D 353 27.40 32.21 21.89
C VAL D 353 27.09 32.72 23.29
N ASP D 354 26.75 31.81 24.22
CA ASP D 354 26.51 32.21 25.60
C ASP D 354 27.75 32.82 26.23
N TYR D 355 28.91 32.17 26.03
CA TYR D 355 30.15 32.67 26.62
C TYR D 355 30.54 34.02 26.02
N ILE D 356 30.43 34.16 24.69
CA ILE D 356 30.77 35.42 24.06
C ILE D 356 29.83 36.53 24.53
N PHE D 357 28.54 36.23 24.62
CA PHE D 357 27.58 37.23 25.07
C PHE D 357 27.88 37.67 26.49
N LEU D 358 28.15 36.71 27.39
CA LEU D 358 28.42 37.08 28.78
C LEU D 358 29.72 37.86 28.89
N ILE D 359 30.75 37.50 28.12
CA ILE D 359 32.02 38.20 28.22
C ILE D 359 31.90 39.62 27.67
N VAL D 360 31.14 39.81 26.59
CA VAL D 360 30.98 41.17 26.07
C VAL D 360 30.10 41.99 27.00
N GLU D 361 29.12 41.37 27.65
CA GLU D 361 28.33 42.10 28.65
C GLU D 361 29.18 42.52 29.84
N THR D 362 30.08 41.64 30.30
CA THR D 362 30.98 42.01 31.38
C THR D 362 31.94 43.11 30.95
N ARG D 363 32.40 43.07 29.69
CA ARG D 363 33.23 44.14 29.17
C ARG D 363 32.48 45.47 29.14
N ILE D 364 31.20 45.43 28.76
CA ILE D 364 30.39 46.65 28.76
C ILE D 364 30.23 47.18 30.18
N ASP D 365 29.93 46.30 31.13
CA ASP D 365 29.75 46.69 32.52
C ASP D 365 30.87 46.13 33.40
N ARG D 373 16.61 45.25 34.37
CA ARG D 373 17.40 44.78 33.25
C ARG D 373 18.29 43.61 33.65
N ALA D 374 18.60 43.53 34.94
CA ALA D 374 19.46 42.45 35.43
C ALA D 374 18.81 41.09 35.23
N LEU D 375 17.55 40.95 35.64
CA LEU D 375 16.83 39.69 35.45
C LEU D 375 16.60 39.40 33.97
N ARG D 376 16.41 40.44 33.15
CA ARG D 376 16.30 40.24 31.71
C ARG D 376 17.59 39.67 31.13
N ILE D 377 18.74 40.18 31.58
CA ILE D 377 20.01 39.62 31.13
C ILE D 377 20.17 38.19 31.63
N VAL D 378 19.70 37.92 32.86
CA VAL D 378 19.79 36.56 33.40
C VAL D 378 19.00 35.59 32.53
N ARG D 379 17.78 35.97 32.14
CA ARG D 379 16.99 35.06 31.30
C ARG D 379 17.54 34.98 29.89
N PHE D 380 18.08 36.10 29.36
CA PHE D 380 18.68 36.07 28.04
C PHE D 380 19.92 35.18 28.01
N THR D 381 20.60 35.04 29.15
CA THR D 381 21.71 34.10 29.23
C THR D 381 21.27 32.69 28.84
N LYS D 382 20.20 32.20 29.47
CA LYS D 382 19.68 30.89 29.13
C LYS D 382 19.10 30.86 27.72
N ILE D 383 18.45 31.95 27.29
CA ILE D 383 17.86 31.99 25.96
C ILE D 383 18.94 31.83 24.90
N LEU D 384 20.06 32.54 25.03
CA LEU D 384 21.16 32.42 24.07
C LEU D 384 21.96 31.14 24.26
N SER D 385 21.97 30.56 25.45
CA SER D 385 22.55 29.22 25.59
C SER D 385 21.68 28.18 24.89
N LEU D 386 20.38 28.45 24.76
CA LEU D 386 19.49 27.56 24.03
C LEU D 386 19.83 27.48 22.56
N LEU D 387 20.64 28.41 22.04
CA LEU D 387 21.07 28.33 20.65
C LEU D 387 21.88 27.07 20.36
N ARG D 388 22.41 26.40 21.38
CA ARG D 388 23.23 25.22 21.20
C ARG D 388 22.46 23.99 20.73
N LEU D 389 21.12 23.99 20.83
CA LEU D 389 20.34 22.86 20.35
C LEU D 389 20.33 22.73 18.84
N LEU D 390 20.86 23.72 18.11
CA LEU D 390 20.98 23.61 16.66
C LEU D 390 21.93 22.49 16.24
N ARG D 391 22.66 21.91 17.19
CA ARG D 391 23.60 20.84 16.89
C ARG D 391 22.92 19.55 16.48
N LEU D 392 21.59 19.47 16.62
CA LEU D 392 20.87 18.31 16.10
C LEU D 392 21.12 18.13 14.61
N SER D 393 21.22 19.23 13.87
CA SER D 393 21.49 19.15 12.44
C SER D 393 22.84 18.50 12.18
N ARG D 394 23.87 18.91 12.93
CA ARG D 394 25.17 18.27 12.79
C ARG D 394 25.11 16.80 13.15
N LEU D 395 24.41 16.46 14.23
CA LEU D 395 24.31 15.07 14.63
C LEU D 395 23.66 14.21 13.56
N ILE D 396 22.53 14.67 13.00
CA ILE D 396 21.85 13.89 11.98
C ILE D 396 22.69 13.82 10.73
N ARG D 397 23.43 14.89 10.42
CA ARG D 397 24.31 14.86 9.26
C ARG D 397 25.40 13.80 9.42
N TYR D 398 26.03 13.74 10.59
CA TYR D 398 27.07 12.72 10.80
C TYR D 398 26.49 11.31 10.78
N ILE D 399 25.31 11.11 11.38
CA ILE D 399 24.74 9.76 11.38
C ILE D 399 24.33 9.35 9.97
N HIS D 400 23.85 10.31 9.17
CA HIS D 400 23.54 10.02 7.76
C HIS D 400 24.81 9.69 6.99
N GLN D 401 25.91 10.39 7.27
CA GLN D 401 27.18 10.02 6.66
C GLN D 401 27.59 8.59 7.03
N TRP D 402 27.08 8.08 8.13
CA TRP D 402 27.30 6.68 8.51
C TRP D 402 26.12 5.78 8.17
N GLU D 403 24.91 6.33 8.08
CA GLU D 403 23.75 5.52 7.69
C GLU D 403 23.92 4.97 6.28
N GLU D 404 24.40 5.80 5.35
CA GLU D 404 24.62 5.35 3.98
C GLU D 404 25.74 4.33 3.87
N ILE D 405 26.54 4.16 4.92
CA ILE D 405 27.65 3.22 4.91
C ILE D 405 27.25 1.87 5.49
N PHE D 406 26.54 1.87 6.62
CA PHE D 406 26.10 0.64 7.26
C PHE D 406 24.75 0.27 6.67
N HIS D 407 24.78 -0.50 5.59
CA HIS D 407 23.57 -1.01 4.94
C HIS D 407 23.77 -2.46 4.55
N MET D 408 24.58 -3.18 5.32
CA MET D 408 24.90 -4.56 4.96
C MET D 408 23.71 -5.49 5.12
N THR D 409 22.80 -5.18 6.05
CA THR D 409 21.62 -5.98 6.29
C THR D 409 20.36 -5.20 5.93
N TYR D 410 19.45 -5.88 5.22
CA TYR D 410 18.13 -5.34 4.96
C TYR D 410 17.04 -6.29 5.44
N ASP D 411 17.38 -7.23 6.31
CA ASP D 411 16.44 -8.19 6.86
C ASP D 411 15.66 -7.56 8.00
N LEU D 412 14.98 -8.40 8.80
CA LEU D 412 14.23 -7.91 9.95
C LEU D 412 15.12 -7.14 10.91
N ALA D 413 16.42 -7.45 10.94
CA ALA D 413 17.34 -6.70 11.80
C ALA D 413 17.39 -5.22 11.39
N SER D 414 17.45 -4.95 10.08
CA SER D 414 17.46 -3.57 9.62
C SER D 414 16.17 -2.85 9.98
N ALA D 415 15.05 -3.55 9.90
CA ALA D 415 13.78 -2.96 10.32
C ALA D 415 13.81 -2.59 11.79
N VAL D 416 14.37 -3.46 12.63
CA VAL D 416 14.47 -3.17 14.06
C VAL D 416 15.43 -2.00 14.28
N VAL D 417 16.50 -1.91 13.50
CA VAL D 417 17.43 -0.79 13.63
C VAL D 417 16.72 0.53 13.30
N ARG D 418 15.96 0.54 12.20
CA ARG D 418 15.21 1.74 11.85
C ARG D 418 14.17 2.08 12.91
N ILE D 419 13.50 1.06 13.45
CA ILE D 419 12.48 1.28 14.47
C ILE D 419 13.10 1.88 15.73
N VAL D 420 14.23 1.34 16.17
CA VAL D 420 14.86 1.86 17.39
C VAL D 420 15.46 3.24 17.14
N ASN D 421 15.93 3.52 15.91
CA ASN D 421 16.36 4.88 15.59
C ASN D 421 15.18 5.85 15.69
N LEU D 422 14.03 5.45 15.18
CA LEU D 422 12.83 6.29 15.29
C LEU D 422 12.44 6.50 16.74
N ILE D 423 12.49 5.45 17.55
CA ILE D 423 12.16 5.59 18.96
C ILE D 423 13.17 6.48 19.67
N GLY D 424 14.44 6.38 19.30
CA GLY D 424 15.44 7.25 19.91
C GLY D 424 15.20 8.71 19.59
N MET D 425 14.93 9.01 18.32
CA MET D 425 14.61 10.39 17.95
C MET D 425 13.35 10.88 18.65
N MET D 426 12.33 10.02 18.71
CA MET D 426 11.08 10.43 19.33
C MET D 426 11.24 10.65 20.82
N LEU D 427 12.04 9.81 21.49
CA LEU D 427 12.28 10.01 22.91
C LEU D 427 13.16 11.23 23.16
N LEU D 428 14.08 11.55 22.25
CA LEU D 428 14.82 12.80 22.37
C LEU D 428 13.88 13.99 22.26
N LEU D 429 12.90 13.92 21.35
CA LEU D 429 11.91 14.99 21.25
C LEU D 429 11.05 15.03 22.52
N CYS D 430 10.75 13.86 23.09
CA CYS D 430 10.03 13.82 24.37
C CYS D 430 10.82 14.52 25.46
N HIS D 431 12.12 14.24 25.54
CA HIS D 431 12.97 14.86 26.55
C HIS D 431 13.02 16.37 26.37
N TRP D 432 13.16 16.82 25.12
CA TRP D 432 13.23 18.25 24.86
C TRP D 432 11.92 18.95 25.15
N ASP D 433 10.79 18.32 24.79
CA ASP D 433 9.49 18.88 25.11
C ASP D 433 9.28 18.93 26.61
N GLY D 434 9.70 17.90 27.34
CA GLY D 434 9.58 17.92 28.77
C GLY D 434 10.41 19.03 29.42
N CYS D 435 11.65 19.18 28.97
CA CYS D 435 12.46 20.29 29.48
C CYS D 435 11.83 21.64 29.14
N LEU D 436 11.22 21.75 27.97
CA LEU D 436 10.57 23.01 27.59
C LEU D 436 9.35 23.28 28.46
N GLN D 437 8.60 22.23 28.82
CA GLN D 437 7.43 22.39 29.66
C GLN D 437 7.75 22.99 31.01
N PHE D 438 9.01 22.92 31.44
CA PHE D 438 9.47 23.57 32.65
C PHE D 438 10.19 24.89 32.36
N LEU D 439 11.00 24.92 31.30
CA LEU D 439 11.74 26.12 30.93
C LEU D 439 10.82 27.30 30.66
N VAL D 440 9.78 27.08 29.84
CA VAL D 440 8.86 28.17 29.51
C VAL D 440 8.22 28.76 30.75
N PRO D 441 7.73 27.97 31.72
CA PRO D 441 7.38 28.56 33.01
C PRO D 441 8.58 29.13 33.75
N MET D 442 9.71 28.41 33.76
CA MET D 442 10.87 28.83 34.56
C MET D 442 11.39 30.19 34.11
N LEU D 443 11.49 30.41 32.80
CA LEU D 443 11.92 31.72 32.32
C LEU D 443 10.92 32.81 32.67
N GLN D 444 9.67 32.44 32.95
CA GLN D 444 8.66 33.35 33.47
C GLN D 444 8.52 33.23 34.99
N ASP D 445 9.62 32.90 35.66
CA ASP D 445 9.65 32.66 37.12
C ASP D 445 8.76 31.47 37.41
N PHE D 446 7.70 31.61 38.20
CA PHE D 446 6.79 30.49 38.50
C PHE D 446 5.42 31.05 38.82
N PRO D 447 4.65 31.46 37.80
CA PRO D 447 3.31 32.00 38.05
C PRO D 447 2.39 30.92 38.62
N ASP D 448 1.39 31.40 39.37
CA ASP D 448 0.48 30.49 40.08
C ASP D 448 -0.32 29.61 39.14
N ASP D 449 -0.53 30.04 37.90
CA ASP D 449 -1.34 29.27 36.96
C ASP D 449 -0.58 28.13 36.30
N CYS D 450 0.74 28.12 36.39
CA CYS D 450 1.51 27.01 35.81
C CYS D 450 1.29 25.73 36.60
N TRP D 451 1.41 24.60 35.90
CA TRP D 451 1.20 23.31 36.53
C TRP D 451 2.20 23.03 37.65
N VAL D 452 3.37 23.68 37.62
CA VAL D 452 4.33 23.51 38.70
C VAL D 452 3.77 24.06 40.01
N SER D 453 3.03 25.18 39.94
CA SER D 453 2.45 25.77 41.14
C SER D 453 1.28 24.94 41.66
N LEU D 454 0.39 24.50 40.77
CA LEU D 454 -0.79 23.77 41.19
C LEU D 454 -0.47 22.37 41.69
N ASN D 455 0.66 21.79 41.28
CA ASN D 455 1.04 20.45 41.67
C ASN D 455 1.89 20.43 42.94
N ASN D 456 2.12 21.59 43.57
CA ASN D 456 3.01 21.71 44.72
C ASN D 456 4.42 21.21 44.39
N MET D 457 4.84 21.39 43.14
CA MET D 457 6.13 20.92 42.66
C MET D 457 7.13 22.06 42.48
N VAL D 458 6.90 23.21 43.14
CA VAL D 458 7.83 24.33 43.02
C VAL D 458 9.17 23.98 43.67
N ASN D 459 9.12 23.39 44.87
CA ASN D 459 10.31 23.13 45.65
C ASN D 459 10.72 21.66 45.63
N ASN D 460 10.07 20.83 44.82
CA ASN D 460 10.43 19.42 44.77
C ASN D 460 11.77 19.23 44.08
N SER D 461 12.30 18.00 44.19
CA SER D 461 13.63 17.71 43.68
C SER D 461 13.67 17.78 42.16
N TRP D 462 14.89 17.82 41.62
CA TRP D 462 15.07 17.96 40.18
C TRP D 462 14.63 16.70 39.45
N GLY D 463 14.90 15.52 40.02
CA GLY D 463 14.42 14.29 39.40
C GLY D 463 12.91 14.19 39.43
N LYS D 464 12.31 14.53 40.56
CA LYS D 464 10.86 14.54 40.72
C LYS D 464 10.17 15.68 39.96
N GLN D 465 10.93 16.51 39.25
CA GLN D 465 10.40 17.48 38.32
C GLN D 465 10.60 17.07 36.87
N TYR D 466 11.79 16.57 36.55
CA TYR D 466 12.07 16.09 35.20
C TYR D 466 11.19 14.90 34.84
N SER D 467 10.97 13.99 35.79
CA SER D 467 10.14 12.83 35.51
C SER D 467 8.73 13.25 35.12
N TYR D 468 8.14 14.18 35.86
CA TYR D 468 6.78 14.60 35.56
C TYR D 468 6.73 15.49 34.32
N ALA D 469 7.78 16.27 34.05
CA ALA D 469 7.81 17.04 32.81
C ALA D 469 7.84 16.13 31.59
N LEU D 470 8.68 15.09 31.63
CA LEU D 470 8.68 14.10 30.56
C LEU D 470 7.36 13.34 30.51
N PHE D 471 6.72 13.16 31.67
CA PHE D 471 5.40 12.56 31.70
C PHE D 471 4.40 13.39 30.92
N LYS D 472 4.40 14.71 31.13
CA LYS D 472 3.51 15.58 30.37
C LYS D 472 3.86 15.57 28.89
N ALA D 473 5.15 15.54 28.57
CA ALA D 473 5.56 15.51 27.17
C ALA D 473 5.01 14.26 26.48
N MET D 474 5.09 13.10 27.13
CA MET D 474 4.57 11.89 26.50
C MET D 474 3.04 11.85 26.54
N SER D 475 2.43 12.47 27.55
CA SER D 475 0.97 12.52 27.59
C SER D 475 0.43 13.43 26.48
N HIS D 476 1.21 14.42 26.06
CA HIS D 476 0.82 15.24 24.92
C HIS D 476 1.09 14.51 23.61
N MET D 477 2.24 13.83 23.51
CA MET D 477 2.56 13.13 22.29
C MET D 477 1.59 11.98 22.01
N LEU D 478 1.34 11.14 23.00
CA LEU D 478 0.55 9.93 22.81
C LEU D 478 -0.94 10.19 22.81
N CYS D 479 -1.35 11.45 23.01
CA CYS D 479 -2.75 11.83 23.08
C CYS D 479 -3.49 11.02 24.14
N ILE D 480 -2.91 11.00 25.34
CA ILE D 480 -3.54 10.38 26.49
C ILE D 480 -4.30 11.40 27.32
N GLY D 481 -3.71 12.56 27.55
CA GLY D 481 -4.36 13.61 28.31
C GLY D 481 -3.41 14.76 28.53
N TYR D 482 -3.90 15.77 29.25
CA TYR D 482 -3.10 16.92 29.60
C TYR D 482 -2.12 16.65 30.72
N GLY D 483 -2.21 15.50 31.38
CA GLY D 483 -1.42 15.22 32.56
C GLY D 483 -2.27 15.17 33.80
N ARG D 484 -1.78 15.75 34.89
CA ARG D 484 -2.56 15.76 36.13
C ARG D 484 -3.74 16.72 36.04
N GLN D 485 -3.53 17.88 35.42
CA GLN D 485 -4.55 18.91 35.39
C GLN D 485 -4.47 19.69 34.08
N ALA D 486 -5.62 20.22 33.66
CA ALA D 486 -5.71 20.87 32.36
C ALA D 486 -4.95 22.19 32.34
N PRO D 487 -4.47 22.62 31.18
CA PRO D 487 -3.76 23.90 31.10
C PRO D 487 -4.64 25.06 31.55
N MET D 488 -4.02 26.01 32.25
CA MET D 488 -4.74 27.14 32.82
C MET D 488 -4.26 28.48 32.27
N GLY D 489 -2.95 28.75 32.31
CA GLY D 489 -2.42 30.01 31.87
C GLY D 489 -2.21 30.06 30.37
N MET D 490 -2.15 31.29 29.84
CA MET D 490 -2.01 31.48 28.40
C MET D 490 -0.73 30.83 27.87
N SER D 491 0.37 31.03 28.59
CA SER D 491 1.63 30.41 28.18
C SER D 491 1.52 28.89 28.19
N ASP D 492 0.95 28.32 29.26
CA ASP D 492 0.78 26.87 29.33
C ASP D 492 -0.17 26.38 28.25
N VAL D 493 -1.26 27.11 28.00
CA VAL D 493 -2.22 26.68 26.99
C VAL D 493 -1.57 26.64 25.61
N TRP D 494 -0.82 27.69 25.26
CA TRP D 494 -0.22 27.74 23.94
C TRP D 494 0.94 26.74 23.80
N LEU D 495 1.70 26.55 24.88
CA LEU D 495 2.72 25.52 24.87
C LEU D 495 2.10 24.14 24.71
N THR D 496 0.97 23.91 25.36
CA THR D 496 0.26 22.64 25.20
C THR D 496 -0.22 22.46 23.77
N MET D 497 -0.75 23.52 23.15
CA MET D 497 -1.14 23.44 21.74
C MET D 497 0.03 23.04 20.87
N LEU D 498 1.16 23.74 21.03
CA LEU D 498 2.34 23.44 20.22
C LEU D 498 2.82 22.02 20.47
N SER D 499 2.74 21.56 21.71
CA SER D 499 3.18 20.20 22.03
C SER D 499 2.25 19.16 21.45
N MET D 500 0.93 19.40 21.48
CA MET D 500 0.01 18.50 20.80
C MET D 500 0.34 18.40 19.32
N ILE D 501 0.57 19.53 18.65
CA ILE D 501 0.94 19.48 17.24
C ILE D 501 2.23 18.70 17.05
N VAL D 502 3.33 19.19 17.62
CA VAL D 502 4.65 18.63 17.36
C VAL D 502 4.74 17.22 17.94
N GLY D 503 3.86 16.89 18.87
CA GLY D 503 3.87 15.57 19.45
C GLY D 503 3.05 14.56 18.65
N ALA D 504 1.76 14.85 18.47
CA ALA D 504 0.87 13.91 17.81
C ALA D 504 1.22 13.76 16.33
N THR D 505 1.57 14.84 15.64
CA THR D 505 1.91 14.73 14.24
C THR D 505 3.15 13.86 14.04
N CYS D 506 4.19 14.10 14.86
CA CYS D 506 5.40 13.30 14.75
C CYS D 506 5.16 11.86 15.15
N TYR D 507 4.31 11.62 16.17
CA TYR D 507 3.96 10.25 16.53
C TYR D 507 3.19 9.58 15.40
N ALA D 508 2.34 10.32 14.71
CA ALA D 508 1.60 9.76 13.58
C ALA D 508 2.53 9.33 12.47
N MET D 509 3.51 10.19 12.14
CA MET D 509 4.50 9.78 11.15
C MET D 509 5.32 8.58 11.63
N PHE D 510 5.65 8.56 12.93
CA PHE D 510 6.37 7.41 13.49
C PHE D 510 5.57 6.12 13.32
N ILE D 511 4.27 6.17 13.62
CA ILE D 511 3.43 4.98 13.52
C ILE D 511 3.26 4.56 12.08
N GLY D 512 3.10 5.53 11.17
CA GLY D 512 3.02 5.20 9.75
C GLY D 512 4.29 4.53 9.26
N HIS D 513 5.44 5.04 9.68
CA HIS D 513 6.71 4.41 9.31
C HIS D 513 6.81 3.00 9.88
N ALA D 514 6.39 2.81 11.13
CA ALA D 514 6.46 1.50 11.75
C ALA D 514 5.59 0.49 11.00
N THR D 515 4.36 0.89 10.67
CA THR D 515 3.47 0.00 9.92
C THR D 515 4.02 -0.29 8.53
N ALA D 516 4.56 0.73 7.86
CA ALA D 516 5.14 0.51 6.55
C ALA D 516 6.29 -0.48 6.60
N LEU D 517 7.16 -0.34 7.61
CA LEU D 517 8.29 -1.26 7.73
C LEU D 517 7.84 -2.67 8.07
N ILE D 518 6.87 -2.82 8.98
CA ILE D 518 6.46 -4.17 9.35
C ILE D 518 5.73 -4.85 8.20
N GLN D 519 5.04 -4.08 7.34
CA GLN D 519 4.45 -4.71 6.16
C GLN D 519 5.50 -5.00 5.09
N SER D 520 6.48 -4.11 4.91
CA SER D 520 7.55 -4.38 3.96
C SER D 520 8.40 -5.56 4.40
N LEU D 521 8.36 -5.93 5.68
CA LEU D 521 9.05 -7.13 6.13
C LEU D 521 8.48 -8.37 5.45
N ASP D 522 7.17 -8.47 5.32
CA ASP D 522 6.51 -9.60 4.68
C ASP D 522 5.74 -9.09 3.46
N SER D 523 6.35 -9.24 2.28
CA SER D 523 5.74 -8.80 1.03
C SER D 523 5.55 -9.93 0.03
N SER D 524 6.50 -10.85 -0.07
CA SER D 524 6.34 -11.98 -0.99
C SER D 524 5.11 -12.79 -0.65
N ARG D 525 4.77 -12.91 0.63
CA ARG D 525 3.52 -13.54 1.03
C ARG D 525 2.32 -12.76 0.49
N ARG D 526 2.36 -11.43 0.59
CA ARG D 526 1.27 -10.61 0.06
C ARG D 526 1.12 -10.78 -1.44
N GLN D 527 2.25 -10.78 -2.17
CA GLN D 527 2.19 -10.95 -3.61
C GLN D 527 1.67 -12.34 -3.99
N TYR D 528 2.09 -13.36 -3.24
CA TYR D 528 1.54 -14.70 -3.49
C TYR D 528 0.04 -14.73 -3.26
N GLN D 529 -0.42 -14.08 -2.18
CA GLN D 529 -1.86 -14.04 -1.91
C GLN D 529 -2.60 -13.33 -3.03
N GLU D 530 -2.06 -12.23 -3.54
CA GLU D 530 -2.70 -11.53 -4.65
C GLU D 530 -2.76 -12.40 -5.90
N LYS D 531 -1.66 -13.09 -6.22
CA LYS D 531 -1.66 -13.95 -7.41
C LYS D 531 -2.65 -15.09 -7.25
N TYR D 532 -2.72 -15.71 -6.06
CA TYR D 532 -3.68 -16.78 -5.86
C TYR D 532 -5.11 -16.26 -5.91
N LYS D 533 -5.35 -15.04 -5.42
CA LYS D 533 -6.68 -14.46 -5.54
C LYS D 533 -7.05 -14.24 -6.99
N GLN D 534 -6.11 -13.76 -7.81
CA GLN D 534 -6.39 -13.60 -9.24
C GLN D 534 -6.68 -14.95 -9.89
N VAL D 535 -5.91 -15.97 -9.56
CA VAL D 535 -6.13 -17.29 -10.17
C VAL D 535 -7.47 -17.87 -9.74
N GLU D 536 -7.83 -17.75 -8.46
CA GLU D 536 -9.13 -18.23 -8.02
C GLU D 536 -10.26 -17.45 -8.68
N GLN D 537 -10.05 -16.16 -8.90
CA GLN D 537 -11.05 -15.32 -9.55
C GLN D 537 -11.27 -15.78 -10.99
N TYR D 538 -10.16 -16.07 -11.69
CA TYR D 538 -10.23 -16.64 -13.04
C TYR D 538 -10.93 -18.00 -13.03
N MET D 539 -10.62 -18.83 -12.05
CA MET D 539 -11.23 -20.16 -11.96
C MET D 539 -12.73 -20.07 -11.76
N SER D 540 -13.17 -19.13 -10.92
CA SER D 540 -14.60 -18.85 -10.79
C SER D 540 -15.19 -18.33 -12.09
N PHE D 541 -14.41 -17.56 -12.86
CA PHE D 541 -14.93 -17.02 -14.11
C PHE D 541 -15.29 -18.12 -15.11
N HIS D 542 -14.59 -19.25 -15.05
CA HIS D 542 -14.80 -20.34 -16.00
C HIS D 542 -15.68 -21.46 -15.47
N LYS D 543 -16.23 -21.33 -14.26
CA LYS D 543 -17.17 -22.29 -13.70
C LYS D 543 -16.56 -23.70 -13.65
N LEU D 544 -15.35 -23.79 -13.09
CA LEU D 544 -14.64 -25.06 -13.07
C LEU D 544 -15.21 -26.00 -12.01
N PRO D 545 -15.16 -27.30 -12.26
CA PRO D 545 -15.64 -28.27 -11.26
C PRO D 545 -14.75 -28.27 -10.03
N PRO D 546 -15.29 -28.66 -8.86
CA PRO D 546 -14.51 -28.56 -7.62
C PRO D 546 -13.23 -29.40 -7.61
N ASP D 547 -13.18 -30.51 -8.35
CA ASP D 547 -11.97 -31.32 -8.36
C ASP D 547 -10.77 -30.54 -8.88
N THR D 548 -10.96 -29.84 -10.00
CA THR D 548 -9.89 -28.98 -10.50
C THR D 548 -9.64 -27.82 -9.55
N ARG D 549 -10.69 -27.30 -8.92
CA ARG D 549 -10.52 -26.21 -7.96
C ARG D 549 -9.74 -26.63 -6.73
N GLN D 550 -9.63 -27.94 -6.48
CA GLN D 550 -8.75 -28.43 -5.42
C GLN D 550 -7.36 -28.76 -5.95
N ARG D 551 -7.28 -29.33 -7.15
CA ARG D 551 -5.98 -29.70 -7.71
C ARG D 551 -5.12 -28.46 -7.96
N ILE D 552 -5.71 -27.39 -8.48
CA ILE D 552 -4.94 -26.17 -8.73
C ILE D 552 -4.48 -25.54 -7.43
N HIS D 553 -5.35 -25.54 -6.40
CA HIS D 553 -4.97 -25.01 -5.10
C HIS D 553 -3.81 -25.79 -4.51
N ASP D 554 -3.86 -27.13 -4.60
CA ASP D 554 -2.75 -27.94 -4.11
C ASP D 554 -1.47 -27.65 -4.89
N TYR D 555 -1.59 -27.53 -6.22
CA TYR D 555 -0.43 -27.22 -7.04
C TYR D 555 0.21 -25.91 -6.63
N TYR D 556 -0.60 -24.88 -6.37
CA TYR D 556 -0.06 -23.60 -5.97
C TYR D 556 0.58 -23.66 -4.60
N GLU D 557 -0.11 -24.25 -3.63
CA GLU D 557 0.44 -24.30 -2.28
C GLU D 557 1.68 -25.17 -2.19
N HIS D 558 1.88 -26.09 -3.14
CA HIS D 558 3.09 -26.91 -3.15
C HIS D 558 4.05 -26.53 -4.27
N ARG D 559 3.81 -25.42 -4.96
CA ARG D 559 4.74 -24.91 -5.96
C ARG D 559 5.35 -23.57 -5.57
N TYR D 560 4.52 -22.57 -5.29
CA TYR D 560 4.99 -21.29 -4.79
C TYR D 560 5.08 -21.25 -3.27
N GLN D 561 4.30 -22.08 -2.58
CA GLN D 561 4.28 -22.23 -1.12
C GLN D 561 4.38 -20.88 -0.41
N GLY D 562 3.46 -19.98 -0.76
CA GLY D 562 3.27 -18.76 0.00
C GLY D 562 4.37 -17.72 -0.12
N LYS D 563 5.18 -17.80 -1.17
CA LYS D 563 6.32 -16.90 -1.33
C LYS D 563 6.86 -16.91 -2.75
N MET D 564 6.91 -15.72 -3.37
CA MET D 564 7.17 -15.61 -4.79
C MET D 564 8.62 -15.94 -5.14
N PHE D 565 8.80 -16.31 -6.41
CA PHE D 565 10.10 -16.46 -7.02
C PHE D 565 9.87 -16.43 -8.53
N ASP D 566 10.49 -15.48 -9.22
CA ASP D 566 10.33 -15.35 -10.67
C ASP D 566 11.70 -15.67 -11.25
N GLU D 567 11.88 -16.94 -11.65
CA GLU D 567 13.19 -17.40 -12.08
C GLU D 567 13.67 -16.63 -13.30
N GLU D 568 12.79 -16.45 -14.29
CA GLU D 568 13.23 -15.85 -15.56
C GLU D 568 13.69 -14.41 -15.37
N SER D 569 12.92 -13.60 -14.63
CA SER D 569 13.30 -12.20 -14.46
C SER D 569 14.55 -12.06 -13.60
N ILE D 570 14.63 -12.83 -12.51
CA ILE D 570 15.79 -12.75 -11.62
C ILE D 570 17.05 -13.14 -12.36
N LEU D 571 16.97 -14.22 -13.14
CA LEU D 571 18.12 -14.61 -13.97
C LEU D 571 18.44 -13.57 -15.02
N GLY D 572 17.42 -12.90 -15.57
CA GLY D 572 17.66 -11.88 -16.58
C GLY D 572 18.40 -10.68 -16.03
N GLU D 573 17.99 -10.18 -14.86
CA GLU D 573 18.59 -8.97 -14.30
C GLU D 573 19.85 -9.25 -13.50
N LEU D 574 20.44 -10.44 -13.66
CA LEU D 574 21.73 -10.77 -13.07
C LEU D 574 22.81 -10.70 -14.13
N SER D 575 24.00 -10.26 -13.74
CA SER D 575 25.13 -10.31 -14.64
C SER D 575 25.48 -11.75 -14.98
N GLU D 576 26.30 -11.92 -16.01
CA GLU D 576 26.64 -13.26 -16.48
C GLU D 576 27.23 -14.14 -15.39
N PRO D 577 28.37 -13.81 -14.77
CA PRO D 577 29.06 -14.82 -13.93
C PRO D 577 28.19 -15.38 -12.82
N LEU D 578 27.38 -14.54 -12.17
CA LEU D 578 26.46 -15.04 -11.15
C LEU D 578 25.42 -15.97 -11.78
N ARG D 579 24.91 -15.62 -12.96
CA ARG D 579 23.93 -16.47 -13.62
C ARG D 579 24.50 -17.85 -13.93
N GLU D 580 25.67 -17.90 -14.57
CA GLU D 580 26.26 -19.21 -14.84
C GLU D 580 26.66 -19.93 -13.57
N GLU D 581 27.06 -19.22 -12.50
CA GLU D 581 27.39 -19.91 -11.26
C GLU D 581 26.16 -20.57 -10.66
N ILE D 582 25.03 -19.87 -10.65
CA ILE D 582 23.79 -20.45 -10.14
C ILE D 582 23.40 -21.66 -10.97
N ILE D 583 23.45 -21.51 -12.31
CA ILE D 583 23.04 -22.60 -13.19
C ILE D 583 23.96 -23.80 -13.01
N ASN D 584 25.27 -23.57 -12.89
CA ASN D 584 26.20 -24.66 -12.63
C ASN D 584 25.83 -25.40 -11.35
N PHE D 585 25.83 -24.68 -10.22
CA PHE D 585 25.57 -25.31 -8.94
C PHE D 585 24.23 -26.05 -8.95
N ASN D 586 23.28 -25.57 -9.74
CA ASN D 586 21.99 -26.25 -9.83
C ASN D 586 22.04 -27.50 -10.71
N CYS D 587 22.85 -27.50 -11.77
CA CYS D 587 22.61 -28.42 -12.87
C CYS D 587 23.75 -29.37 -13.26
N ARG D 588 25.00 -29.12 -12.84
CA ARG D 588 26.06 -30.05 -13.27
C ARG D 588 25.80 -31.47 -12.79
N LYS D 589 25.56 -31.63 -11.48
CA LYS D 589 25.34 -32.98 -10.95
C LYS D 589 24.09 -33.62 -11.53
N LEU D 590 23.06 -32.81 -11.82
CA LEU D 590 21.80 -33.36 -12.31
C LEU D 590 21.90 -33.81 -13.76
N VAL D 591 22.54 -33.01 -14.61
CA VAL D 591 22.51 -33.24 -16.06
C VAL D 591 23.69 -34.09 -16.50
N ALA D 592 24.82 -33.98 -15.80
CA ALA D 592 26.01 -34.73 -16.18
C ALA D 592 25.88 -36.22 -15.92
N SER D 593 24.76 -36.67 -15.34
CA SER D 593 24.59 -38.10 -15.08
C SER D 593 24.63 -38.90 -16.37
N MET D 594 23.91 -38.45 -17.39
CA MET D 594 23.96 -39.12 -18.69
C MET D 594 25.20 -38.68 -19.46
N PRO D 595 25.73 -39.54 -20.35
CA PRO D 595 27.10 -39.33 -20.84
C PRO D 595 27.27 -38.31 -21.96
N LEU D 596 26.22 -38.05 -22.76
CA LEU D 596 26.42 -37.33 -24.01
C LEU D 596 26.95 -35.91 -23.80
N PHE D 597 26.28 -35.12 -22.95
CA PHE D 597 26.78 -33.77 -22.69
C PHE D 597 27.97 -33.76 -21.75
N ALA D 598 28.11 -34.78 -20.90
CA ALA D 598 29.25 -34.83 -20.01
C ALA D 598 30.55 -35.01 -20.77
N ASN D 599 30.53 -35.78 -21.86
CA ASN D 599 31.75 -36.02 -22.63
C ASN D 599 32.25 -34.76 -23.32
N ALA D 600 31.33 -33.93 -23.82
CA ALA D 600 31.70 -32.77 -24.61
C ALA D 600 32.19 -31.63 -23.72
N ASP D 601 32.80 -30.62 -24.35
CA ASP D 601 33.32 -29.48 -23.62
C ASP D 601 32.15 -28.67 -23.04
N PRO D 602 32.28 -28.21 -21.78
CA PRO D 602 31.12 -27.69 -21.06
C PRO D 602 30.71 -26.25 -21.36
N ASN D 603 31.18 -25.64 -22.45
CA ASN D 603 30.72 -24.28 -22.75
C ASN D 603 29.29 -24.28 -23.28
N PHE D 604 29.04 -24.99 -24.37
CA PHE D 604 27.67 -25.12 -24.86
C PHE D 604 26.82 -25.94 -23.90
N VAL D 605 27.45 -26.82 -23.12
CA VAL D 605 26.72 -27.52 -22.07
C VAL D 605 26.20 -26.52 -21.04
N THR D 606 27.06 -25.59 -20.60
CA THR D 606 26.62 -24.55 -19.68
C THR D 606 25.52 -23.70 -20.32
N SER D 607 25.65 -23.42 -21.61
CA SER D 607 24.62 -22.65 -22.31
C SER D 607 23.27 -23.35 -22.25
N MET D 608 23.24 -24.65 -22.60
CA MET D 608 21.96 -25.35 -22.62
C MET D 608 21.42 -25.55 -21.20
N LEU D 609 22.30 -25.66 -20.22
CA LEU D 609 21.84 -25.65 -18.83
C LEU D 609 21.17 -24.32 -18.48
N THR D 610 21.75 -23.21 -18.93
CA THR D 610 21.09 -21.92 -18.73
C THR D 610 19.78 -21.85 -19.50
N LYS D 611 19.65 -22.65 -20.55
CA LYS D 611 18.39 -22.73 -21.29
C LYS D 611 17.36 -23.63 -20.63
N LEU D 612 17.72 -24.33 -19.55
CA LEU D 612 16.78 -25.23 -18.90
C LEU D 612 15.65 -24.45 -18.25
N ARG D 613 14.59 -25.17 -17.87
CA ARG D 613 13.39 -24.58 -17.32
C ARG D 613 12.97 -25.32 -16.06
N PHE D 614 12.24 -24.63 -15.20
CA PHE D 614 11.72 -25.20 -13.95
C PHE D 614 10.29 -25.67 -14.17
N GLU D 615 10.03 -26.92 -13.82
CA GLU D 615 8.69 -27.49 -13.91
C GLU D 615 8.36 -28.26 -12.65
N VAL D 616 7.13 -28.09 -12.16
CA VAL D 616 6.65 -28.76 -10.95
C VAL D 616 5.43 -29.59 -11.33
N PHE D 617 5.38 -30.82 -10.86
CA PHE D 617 4.31 -31.75 -11.19
C PHE D 617 3.58 -32.18 -9.92
N GLN D 618 2.54 -32.98 -10.10
CA GLN D 618 1.73 -33.49 -9.01
C GLN D 618 1.46 -34.97 -9.20
N PRO D 619 1.32 -35.72 -8.11
CA PRO D 619 1.07 -37.16 -8.22
C PRO D 619 -0.25 -37.45 -8.91
N GLY D 620 -0.27 -38.55 -9.66
CA GLY D 620 -1.45 -38.97 -10.40
C GLY D 620 -1.55 -38.40 -11.80
N ASP D 621 -0.76 -37.38 -12.13
CA ASP D 621 -0.77 -36.77 -13.45
C ASP D 621 0.38 -37.35 -14.25
N TYR D 622 0.05 -37.96 -15.39
CA TYR D 622 1.07 -38.59 -16.22
C TYR D 622 1.91 -37.52 -16.91
N ILE D 623 3.21 -37.53 -16.65
CA ILE D 623 4.10 -36.52 -17.21
C ILE D 623 4.12 -36.60 -18.73
N ILE D 624 4.24 -37.81 -19.27
CA ILE D 624 4.22 -38.03 -20.71
C ILE D 624 3.26 -39.18 -21.00
N ARG D 625 2.73 -39.21 -22.22
CA ARG D 625 1.73 -40.18 -22.63
C ARG D 625 2.30 -41.13 -23.66
N GLU D 626 1.86 -42.39 -23.60
CA GLU D 626 2.20 -43.35 -24.63
C GLU D 626 1.51 -42.99 -25.94
N GLY D 627 2.18 -43.30 -27.05
CA GLY D 627 1.66 -42.90 -28.35
C GLY D 627 1.59 -41.41 -28.56
N THR D 628 2.54 -40.66 -27.98
CA THR D 628 2.59 -39.22 -28.09
C THR D 628 4.01 -38.81 -28.49
N ILE D 629 4.10 -37.76 -29.32
CA ILE D 629 5.40 -37.32 -29.81
C ILE D 629 6.28 -36.93 -28.63
N GLY D 630 7.38 -37.66 -28.46
CA GLY D 630 8.33 -37.36 -27.40
C GLY D 630 9.23 -36.20 -27.79
N LYS D 631 9.06 -35.05 -27.13
CA LYS D 631 9.81 -33.86 -27.48
C LYS D 631 10.37 -33.11 -26.28
N LYS D 632 10.09 -33.56 -25.05
CA LYS D 632 10.51 -32.83 -23.86
C LYS D 632 11.12 -33.82 -22.87
N MET D 633 12.42 -33.72 -22.65
CA MET D 633 13.07 -34.51 -21.63
C MET D 633 12.80 -33.92 -20.25
N TYR D 634 13.23 -34.63 -19.21
CA TYR D 634 13.00 -34.17 -17.85
C TYR D 634 14.14 -34.65 -16.96
N PHE D 635 14.77 -33.71 -16.27
CA PHE D 635 15.80 -34.02 -15.27
C PHE D 635 15.18 -33.89 -13.89
N ILE D 636 15.17 -35.01 -13.15
CA ILE D 636 14.45 -35.09 -11.89
C ILE D 636 15.36 -34.59 -10.78
N GLN D 637 15.10 -33.37 -10.31
CA GLN D 637 15.86 -32.80 -9.20
C GLN D 637 15.41 -33.36 -7.86
N HIS D 638 14.10 -33.57 -7.69
CA HIS D 638 13.55 -34.00 -6.42
C HIS D 638 12.43 -35.00 -6.66
N GLY D 639 12.14 -35.79 -5.63
CA GLY D 639 11.06 -36.75 -5.67
C GLY D 639 11.45 -38.02 -6.42
N VAL D 640 10.57 -39.02 -6.30
CA VAL D 640 10.72 -40.28 -7.02
C VAL D 640 9.38 -40.63 -7.65
N VAL D 641 9.38 -40.91 -8.95
CA VAL D 641 8.16 -41.20 -9.69
C VAL D 641 8.38 -42.47 -10.51
N SER D 642 7.27 -43.09 -10.91
CA SER D 642 7.32 -44.31 -11.71
C SER D 642 7.21 -44.01 -13.19
N THR D 651 9.32 -48.83 -13.51
CA THR D 651 10.45 -48.71 -12.60
C THR D 651 10.43 -47.36 -11.89
N LYS D 652 11.14 -47.27 -10.76
CA LYS D 652 11.24 -46.05 -9.98
C LYS D 652 12.59 -45.41 -10.22
N LEU D 653 12.60 -44.11 -10.49
CA LEU D 653 13.81 -43.35 -10.74
C LEU D 653 14.04 -42.36 -9.61
N ALA D 654 15.25 -42.37 -9.05
CA ALA D 654 15.59 -41.51 -7.92
C ALA D 654 16.06 -40.15 -8.42
N ASP D 655 16.51 -39.30 -7.50
CA ASP D 655 16.98 -37.98 -7.87
C ASP D 655 18.23 -38.06 -8.73
N GLY D 656 18.35 -37.12 -9.67
CA GLY D 656 19.48 -37.09 -10.57
C GLY D 656 19.28 -37.87 -11.87
N SER D 657 18.18 -38.60 -11.99
CA SER D 657 17.92 -39.37 -13.20
C SER D 657 17.38 -38.45 -14.29
N TYR D 658 17.00 -39.04 -15.42
CA TYR D 658 16.53 -38.30 -16.57
C TYR D 658 15.42 -39.09 -17.26
N PHE D 659 14.49 -38.37 -17.89
CA PHE D 659 13.28 -38.96 -18.46
C PHE D 659 13.34 -38.90 -19.97
N GLY D 660 13.50 -40.06 -20.61
CA GLY D 660 13.30 -40.19 -22.05
C GLY D 660 14.12 -39.29 -22.95
N GLU D 661 15.44 -39.21 -22.70
CA GLU D 661 16.31 -38.42 -23.56
C GLU D 661 16.49 -39.02 -24.94
N ILE D 662 16.15 -40.30 -25.13
CA ILE D 662 16.26 -40.91 -26.44
C ILE D 662 15.22 -40.35 -27.41
N CYS D 663 14.15 -39.75 -26.90
CA CYS D 663 13.11 -39.22 -27.78
C CYS D 663 13.59 -38.03 -28.59
N LEU D 664 14.45 -37.18 -28.01
CA LEU D 664 14.92 -36.01 -28.73
C LEU D 664 15.82 -36.40 -29.90
N LEU D 665 16.74 -37.34 -29.68
CA LEU D 665 17.63 -37.74 -30.76
C LEU D 665 16.92 -38.61 -31.79
N THR D 666 15.87 -39.31 -31.38
CA THR D 666 15.01 -40.04 -32.31
C THR D 666 13.84 -39.14 -32.71
N ARG D 667 12.84 -39.73 -33.36
CA ARG D 667 11.62 -39.01 -33.70
C ARG D 667 10.47 -40.00 -33.76
N GLY D 668 9.26 -39.49 -33.58
CA GLY D 668 8.07 -40.31 -33.56
C GLY D 668 7.27 -40.15 -32.29
N ARG D 669 6.43 -41.14 -31.98
CA ARG D 669 5.56 -41.09 -30.82
C ARG D 669 6.16 -41.94 -29.69
N ARG D 670 6.32 -41.33 -28.52
CA ARG D 670 6.79 -42.06 -27.36
C ARG D 670 5.73 -43.05 -26.89
N THR D 671 6.17 -44.27 -26.55
CA THR D 671 5.26 -45.32 -26.11
C THR D 671 5.27 -45.52 -24.61
N ALA D 672 5.92 -44.64 -23.86
CA ALA D 672 6.02 -44.74 -22.41
C ALA D 672 5.12 -43.69 -21.77
N SER D 673 4.40 -44.11 -20.73
CA SER D 673 3.53 -43.22 -19.95
C SER D 673 4.03 -43.23 -18.51
N VAL D 674 4.98 -42.33 -18.23
CA VAL D 674 5.53 -42.24 -16.88
C VAL D 674 4.50 -41.64 -15.94
N ARG D 675 4.46 -42.15 -14.71
CA ARG D 675 3.45 -41.78 -13.72
C ARG D 675 4.11 -40.98 -12.60
N ALA D 676 3.54 -39.82 -12.30
CA ALA D 676 4.04 -39.01 -11.19
C ALA D 676 3.50 -39.55 -9.88
N ASP D 677 4.39 -39.72 -8.90
CA ASP D 677 4.03 -40.23 -7.59
C ASP D 677 4.40 -39.30 -6.45
N THR D 678 5.23 -38.29 -6.69
CA THR D 678 5.66 -37.35 -5.67
C THR D 678 5.61 -35.94 -6.23
N TYR D 679 5.85 -34.97 -5.36
CA TYR D 679 5.98 -33.58 -5.81
C TYR D 679 7.32 -33.40 -6.49
N CYS D 680 7.46 -33.96 -7.68
CA CYS D 680 8.75 -34.00 -8.36
C CYS D 680 9.01 -32.66 -9.07
N ARG D 681 10.02 -31.94 -8.61
CA ARG D 681 10.42 -30.68 -9.22
C ARG D 681 11.45 -31.01 -10.30
N LEU D 682 11.02 -31.02 -11.56
CA LEU D 682 11.84 -31.45 -12.66
C LEU D 682 12.40 -30.25 -13.42
N TYR D 683 13.30 -30.56 -14.37
CA TYR D 683 13.81 -29.61 -15.32
C TYR D 683 13.37 -30.03 -16.72
N SER D 684 13.39 -29.08 -17.66
CA SER D 684 12.80 -29.35 -18.96
C SER D 684 13.56 -28.59 -20.04
N LEU D 685 13.28 -28.97 -21.29
CA LEU D 685 13.84 -28.32 -22.47
C LEU D 685 12.93 -28.68 -23.65
N SER D 686 13.35 -28.34 -24.85
CA SER D 686 12.58 -28.65 -26.05
C SER D 686 13.52 -29.12 -27.14
N VAL D 687 12.97 -29.87 -28.10
CA VAL D 687 13.77 -30.37 -29.22
C VAL D 687 14.30 -29.21 -30.05
N ASP D 688 13.54 -28.11 -30.15
CA ASP D 688 14.02 -26.95 -30.90
C ASP D 688 15.29 -26.39 -30.27
N ASN D 689 15.34 -26.36 -28.93
CA ASN D 689 16.55 -25.90 -28.24
C ASN D 689 17.73 -26.82 -28.55
N PHE D 690 17.50 -28.13 -28.54
CA PHE D 690 18.57 -29.08 -28.86
C PHE D 690 19.06 -28.90 -30.28
N ASN D 691 18.14 -28.76 -31.24
CA ASN D 691 18.55 -28.54 -32.62
C ASN D 691 19.34 -27.26 -32.78
N GLU D 692 18.92 -26.18 -32.11
CA GLU D 692 19.61 -24.92 -32.31
C GLU D 692 20.97 -24.89 -31.60
N VAL D 693 21.11 -25.59 -30.46
CA VAL D 693 22.42 -25.65 -29.82
C VAL D 693 23.37 -26.54 -30.63
N LEU D 694 22.86 -27.61 -31.23
CA LEU D 694 23.73 -28.39 -32.12
C LEU D 694 24.06 -27.65 -33.40
N GLU D 695 23.16 -26.80 -33.89
CA GLU D 695 23.43 -26.01 -35.08
C GLU D 695 24.49 -24.95 -34.80
N GLU D 696 24.33 -24.21 -33.70
CA GLU D 696 25.32 -23.20 -33.35
C GLU D 696 26.65 -23.81 -32.92
N TYR D 697 26.64 -25.04 -32.43
CA TYR D 697 27.86 -25.76 -32.04
C TYR D 697 27.85 -27.13 -32.72
N PRO D 698 28.22 -27.19 -33.99
CA PRO D 698 28.25 -28.47 -34.70
C PRO D 698 29.54 -29.26 -34.52
N MET D 699 30.43 -28.84 -33.62
CA MET D 699 31.70 -29.55 -33.43
C MET D 699 31.46 -30.96 -32.90
N MET D 700 30.54 -31.12 -31.96
CA MET D 700 30.25 -32.43 -31.38
C MET D 700 29.42 -33.27 -32.32
O1 VNZ E . -4.43 7.57 11.68
O1 VNZ E . -2.74 10.59 15.03
C6 VNZ E . -3.72 8.00 12.56
C6 VNZ E . -2.97 9.41 14.83
C5 VNZ E . -2.26 7.67 12.59
C5 VNZ E . -2.04 8.35 15.38
C4 VNZ E . -2.12 7.57 14.09
C4 VNZ E . -2.25 6.93 14.94
C24 VNZ E . -1.91 6.30 14.60
C24 VNZ E . -2.16 5.91 15.89
C25 VNZ E . -1.89 6.10 15.95
C25 VNZ E . -2.43 4.61 15.56
O4 VNZ E . -2.06 4.88 16.51
O4 VNZ E . -2.42 3.56 16.43
C26 VNZ E . -2.65 3.88 15.69
C26 VNZ E . -2.29 3.87 17.82
C1 VNZ E . -1.99 7.21 16.82
C1 VNZ E . -2.77 4.28 14.24
O VNZ E . -1.67 7.02 18.12
O VNZ E . -3.11 2.98 14.01
C VNZ E . -1.40 8.18 18.84
C VNZ E . -2.93 2.49 12.69
N VNZ E . -4.20 8.73 13.58
N VNZ E . -4.01 9.04 14.07
C22 VNZ E . -3.77 10.11 13.80
C22 VNZ E . -3.86 8.57 12.69
C23 VNZ E . -2.48 10.10 14.57
C23 VNZ E . -2.69 7.62 12.51
C3 VNZ E . -2.29 8.66 14.96
C3 VNZ E . -2.58 6.60 13.62
C2 VNZ E . -2.21 8.45 16.31
C2 VNZ E . -2.82 5.27 13.29
C7 VNZ E . -5.34 8.26 14.35
C7 VNZ E . -5.36 9.22 14.59
C8 VNZ E . -5.90 9.35 15.22
C8 VNZ E . -5.41 10.35 15.60
C9 VNZ E . -7.15 8.86 15.87
C9 VNZ E . -6.75 11.00 15.88
N1 VNZ E . -7.20 9.18 17.28
N1 VNZ E . -7.59 10.25 16.80
C10 VNZ E . -8.15 10.24 17.42
C10 VNZ E . -9.01 10.41 16.50
C11 VNZ E . -5.87 9.46 17.83
C11 VNZ E . -7.19 8.88 17.08
C12 VNZ E . -5.65 8.89 19.24
C12 VNZ E . -8.03 7.83 16.37
C21 VNZ E . -5.12 7.49 19.35
C21 VNZ E . -7.27 6.63 15.86
C14 VNZ E . -6.29 6.96 19.07
C14 VNZ E . -7.50 6.90 14.55
C13 VNZ E . -6.92 8.15 19.73
C13 VNZ E . -8.40 8.08 14.86
C20 VNZ E . -3.96 6.73 19.43
C20 VNZ E . -6.51 5.54 16.26
C18 VNZ E . -4.07 5.38 19.11
C18 VNZ E . -5.97 4.74 15.27
O3 VNZ E . -3.10 4.45 19.34
O3 VNZ E . -5.19 3.65 15.53
C19 VNZ E . -2.13 4.78 20.32
C19 VNZ E . -5.24 3.12 16.85
C16 VNZ E . -5.31 4.86 18.64
C16 VNZ E . -6.20 5.02 13.91
C15 VNZ E . -6.45 5.65 18.66
C15 VNZ E . -6.97 6.11 13.54
O2 VNZ E . -5.23 3.65 18.03
O2 VNZ E . -5.61 4.17 13.01
C17 VNZ E . -5.45 3.63 16.63
C17 VNZ E . -5.82 4.45 11.63
#